data_7X2R
#
_entry.id   7X2R
#
_cell.length_a   159.496
_cell.length_b   101.471
_cell.length_c   204.818
_cell.angle_alpha   90.000
_cell.angle_beta   102.685
_cell.angle_gamma   90.000
#
_symmetry.space_group_name_H-M   'C 1 2 1'
#
_entity_poly.entity_id   1
_entity_poly.type   'polypeptide(L)'
_entity_poly.pdbx_seq_one_letter_code
;MNLTELKNTPVSELITLGENMGLENLARMRKQDIIFAILKQHAKSGEDIFGDGVLEILQDGFGFLRSADSSYLAGPDDIY
VSPSQIRRFNLRTGDTISGKIRPPKEGERYFALLKVNEVNFDKPENARNKILFENLTPLHANSRLRMERGNGSTEDLTAR
VLDLASPIGRGQRGLIVAPPKAGKTMLLQNIAQSIAYNHPDCVLMVLLIDERPEEVTEMQRLVKGEVVASTFDEPASRHV
QVAEMVIEKAKRLVEHKKDVIILLDSITRLARAYNTVVPASGKVLTGGVDANALHRPKRFFGAARNVEEGGSLTIIATAL
IDTGSKMDEVIYEEFKGTGNMELHLSRKIAEKRVFPAIDYNRSGTRKEELLTTQEELQKMWILRKIIHPMGEIDAMEFLI
NKLAMTKTNDDFFEMMKRS
;
_entity_poly.pdbx_strand_id   A,B,C,D,E,F
#
# COMPACT_ATOMS: atom_id res chain seq x y z
N MET A 1 -36.78 48.47 11.04
CA MET A 1 -36.95 47.90 12.37
C MET A 1 -36.16 46.59 12.49
N ASN A 2 -36.85 45.46 12.43
CA ASN A 2 -36.17 44.17 12.51
C ASN A 2 -35.34 43.97 11.26
N LEU A 3 -34.07 43.60 11.47
CA LEU A 3 -33.18 43.39 10.33
C LEU A 3 -33.69 42.26 9.43
N THR A 4 -34.18 41.19 10.03
CA THR A 4 -34.66 40.05 9.25
C THR A 4 -35.82 40.43 8.33
N GLU A 5 -36.67 41.37 8.75
CA GLU A 5 -37.73 41.83 7.86
C GLU A 5 -37.18 42.69 6.73
N LEU A 6 -36.31 43.65 7.07
CA LEU A 6 -35.73 44.53 6.06
C LEU A 6 -34.78 43.79 5.13
N LYS A 7 -34.11 42.75 5.61
CA LYS A 7 -33.20 41.99 4.75
C LYS A 7 -33.96 41.22 3.68
N ASN A 8 -35.11 40.63 4.05
CA ASN A 8 -35.91 39.86 3.11
C ASN A 8 -36.84 40.70 2.25
N THR A 9 -37.18 41.92 2.68
CA THR A 9 -38.01 42.79 1.85
C THR A 9 -37.23 43.21 0.61
N PRO A 10 -37.86 43.26 -0.56
CA PRO A 10 -37.15 43.67 -1.77
C PRO A 10 -36.64 45.10 -1.67
N VAL A 11 -35.58 45.37 -2.43
CA VAL A 11 -34.90 46.66 -2.39
C VAL A 11 -35.77 47.78 -2.97
N SER A 12 -36.70 47.44 -3.86
CA SER A 12 -37.44 48.47 -4.59
C SER A 12 -38.29 49.34 -3.66
N GLU A 13 -39.03 48.72 -2.74
CA GLU A 13 -39.85 49.52 -1.83
C GLU A 13 -39.01 50.25 -0.78
N LEU A 14 -37.97 49.59 -0.27
CA LEU A 14 -37.16 50.20 0.79
C LEU A 14 -36.40 51.44 0.32
N ILE A 15 -36.10 51.54 -0.97
CA ILE A 15 -35.44 52.76 -1.46
C ILE A 15 -36.34 53.96 -1.23
N THR A 16 -37.60 53.86 -1.64
CA THR A 16 -38.55 54.94 -1.40
C THR A 16 -38.87 55.08 0.09
N LEU A 17 -38.90 53.95 0.81
CA LEU A 17 -39.15 54.01 2.25
C LEU A 17 -38.06 54.80 2.96
N GLY A 18 -36.81 54.65 2.53
CA GLY A 18 -35.74 55.41 3.16
C GLY A 18 -35.86 56.88 2.81
N GLU A 19 -36.24 57.18 1.57
CA GLU A 19 -36.45 58.56 1.17
C GLU A 19 -37.59 59.17 1.96
N ASN A 20 -38.63 58.38 2.21
CA ASN A 20 -39.74 58.83 3.06
C ASN A 20 -39.29 58.97 4.51
N MET A 21 -38.24 58.26 4.93
CA MET A 21 -37.70 58.40 6.28
C MET A 21 -36.83 59.63 6.45
N GLY A 22 -36.67 60.44 5.40
CA GLY A 22 -35.94 61.70 5.47
C GLY A 22 -34.52 61.68 4.96
N LEU A 23 -34.01 60.52 4.52
CA LEU A 23 -32.70 60.49 3.89
C LEU A 23 -32.85 60.60 2.37
N GLU A 24 -31.80 61.06 1.71
CA GLU A 24 -31.76 61.12 0.25
C GLU A 24 -30.59 60.31 -0.32
N ASN A 25 -30.55 60.26 -1.65
CA ASN A 25 -29.52 59.60 -2.46
C ASN A 25 -29.11 58.26 -1.89
N LEU A 26 -29.82 57.19 -2.27
CA LEU A 26 -29.52 55.87 -1.74
C LEU A 26 -29.82 54.77 -2.75
N ALA A 27 -30.44 55.11 -3.89
CA ALA A 27 -30.74 54.09 -4.88
C ALA A 27 -29.48 53.48 -5.47
N ARG A 28 -28.41 54.27 -5.61
CA ARG A 28 -27.16 53.73 -6.14
C ARG A 28 -26.51 52.75 -5.17
N MET A 29 -26.70 52.93 -3.87
CA MET A 29 -25.97 52.13 -2.91
C MET A 29 -26.53 50.72 -2.82
N ARG A 30 -25.72 49.81 -2.29
CA ARG A 30 -26.08 48.40 -2.22
C ARG A 30 -27.13 48.18 -1.12
N LYS A 31 -27.70 46.98 -1.14
CA LYS A 31 -28.75 46.64 -0.18
C LYS A 31 -28.22 46.64 1.24
N GLN A 32 -26.96 46.22 1.43
CA GLN A 32 -26.39 46.14 2.77
C GLN A 32 -26.19 47.52 3.38
N ASP A 33 -25.75 48.50 2.59
CA ASP A 33 -25.55 49.84 3.11
C ASP A 33 -26.86 50.59 3.32
N ILE A 34 -27.87 50.31 2.50
CA ILE A 34 -29.18 50.94 2.72
C ILE A 34 -29.80 50.46 4.02
N ILE A 35 -29.71 49.17 4.30
CA ILE A 35 -30.22 48.64 5.56
C ILE A 35 -29.47 49.25 6.74
N PHE A 36 -28.14 49.35 6.61
CA PHE A 36 -27.33 49.96 7.67
C PHE A 36 -27.73 51.42 7.89
N ALA A 37 -27.94 52.16 6.81
CA ALA A 37 -28.32 53.57 6.94
C ALA A 37 -29.73 53.72 7.52
N ILE A 38 -30.67 52.86 7.10
CA ILE A 38 -32.05 52.98 7.54
C ILE A 38 -32.16 52.75 9.05
N LEU A 39 -31.53 51.68 9.55
CA LEU A 39 -31.61 51.38 10.98
C LEU A 39 -30.94 52.45 11.82
N LYS A 40 -29.82 53.00 11.37
CA LYS A 40 -29.13 54.02 12.14
C LYS A 40 -29.96 55.29 12.25
N GLN A 41 -30.76 55.59 11.22
CA GLN A 41 -31.65 56.74 11.27
C GLN A 41 -32.81 56.49 12.22
N HIS A 42 -33.16 55.22 12.44
CA HIS A 42 -34.19 54.88 13.41
C HIS A 42 -33.71 55.13 14.83
N ALA A 43 -32.48 54.72 15.15
CA ALA A 43 -31.83 54.90 16.45
C ALA A 43 -32.13 56.21 17.18
N LYS A 44 -32.79 57.17 16.51
CA LYS A 44 -33.23 58.39 17.16
C LYS A 44 -34.27 58.13 18.22
N SER A 45 -34.98 57.00 18.14
CA SER A 45 -35.99 56.62 19.12
C SER A 45 -35.69 55.21 19.60
N GLY A 46 -35.93 54.99 20.89
CA GLY A 46 -35.75 53.67 21.47
C GLY A 46 -36.80 52.68 21.00
N GLU A 47 -36.51 51.40 21.29
CA GLU A 47 -37.43 50.30 21.08
C GLU A 47 -37.87 50.23 19.61
N ASP A 48 -36.96 50.59 18.70
CA ASP A 48 -37.26 50.59 17.27
C ASP A 48 -36.46 49.60 16.45
N ILE A 49 -35.30 49.14 16.91
CA ILE A 49 -34.37 48.38 16.10
C ILE A 49 -34.29 46.96 16.64
N PHE A 50 -34.37 45.97 15.75
CA PHE A 50 -34.38 44.56 16.13
C PHE A 50 -33.57 43.73 15.15
N GLY A 51 -33.28 42.49 15.54
CA GLY A 51 -32.49 41.60 14.72
C GLY A 51 -32.74 40.15 15.13
N ASP A 52 -32.39 39.25 14.21
CA ASP A 52 -32.64 37.82 14.41
C ASP A 52 -31.51 37.00 13.80
N GLY A 53 -31.11 35.95 14.50
CA GLY A 53 -30.06 35.07 14.00
C GLY A 53 -29.89 33.87 14.91
N VAL A 54 -29.12 32.90 14.40
CA VAL A 54 -28.79 31.67 15.12
C VAL A 54 -27.37 31.78 15.62
N LEU A 55 -27.16 31.48 16.90
CA LEU A 55 -25.89 31.74 17.55
C LEU A 55 -24.80 30.77 17.09
N GLU A 56 -23.64 31.33 16.77
CA GLU A 56 -22.41 30.58 16.53
C GLU A 56 -21.32 31.20 17.38
N ILE A 57 -20.69 30.39 18.23
CA ILE A 57 -19.66 30.88 19.15
C ILE A 57 -18.30 30.47 18.62
N LEU A 58 -17.48 31.45 18.24
CA LEU A 58 -16.11 31.13 17.88
C LEU A 58 -15.31 30.93 19.17
N GLN A 59 -14.28 30.07 19.08
CA GLN A 59 -13.45 29.79 20.25
C GLN A 59 -12.77 31.03 20.81
N ASP A 60 -12.71 32.11 20.02
CA ASP A 60 -12.00 33.31 20.47
C ASP A 60 -12.65 33.93 21.70
N GLY A 61 -13.96 33.79 21.86
CA GLY A 61 -14.63 34.44 22.95
C GLY A 61 -16.04 34.79 22.53
N PHE A 62 -16.09 35.77 21.64
CA PHE A 62 -17.33 36.34 21.14
C PHE A 62 -18.14 35.32 20.36
N GLY A 63 -19.17 35.81 19.68
CA GLY A 63 -20.08 34.98 18.93
C GLY A 63 -20.84 35.87 17.97
N PHE A 64 -21.35 35.26 16.91
CA PHE A 64 -22.12 36.01 15.93
C PHE A 64 -23.44 35.31 15.68
N LEU A 65 -24.52 36.08 15.69
CA LEU A 65 -25.83 35.59 15.29
C LEU A 65 -25.86 35.53 13.78
N ARG A 66 -25.57 34.36 13.22
CA ARG A 66 -25.51 34.21 11.79
C ARG A 66 -26.90 33.89 11.28
N SER A 67 -27.30 34.56 10.20
CA SER A 67 -28.61 34.37 9.61
C SER A 67 -28.61 33.12 8.73
N ALA A 68 -29.73 32.41 8.76
CA ALA A 68 -29.90 31.15 8.04
C ALA A 68 -30.22 31.33 6.56
N ASP A 69 -30.49 32.57 6.12
CA ASP A 69 -30.91 32.80 4.74
C ASP A 69 -29.89 32.29 3.73
N SER A 70 -28.60 32.42 4.02
CA SER A 70 -27.55 31.93 3.13
C SER A 70 -26.81 30.75 3.74
N SER A 71 -27.53 29.93 4.51
CA SER A 71 -26.95 28.79 5.21
C SER A 71 -25.75 29.24 6.04
N TYR A 72 -26.09 29.94 7.13
CA TYR A 72 -25.15 30.52 8.08
C TYR A 72 -23.84 31.07 7.50
N LEU A 73 -23.80 31.37 6.20
CA LEU A 73 -22.71 32.12 5.58
C LEU A 73 -22.23 33.28 6.46
N ALA A 74 -21.16 33.95 6.09
CA ALA A 74 -20.61 35.03 6.88
C ALA A 74 -20.62 36.32 6.09
N GLY A 75 -20.70 37.44 6.80
CA GLY A 75 -20.69 38.74 6.19
C GLY A 75 -21.25 39.82 7.11
N PRO A 76 -21.58 40.98 6.55
CA PRO A 76 -21.87 42.15 7.39
C PRO A 76 -23.30 42.28 7.90
N ASP A 77 -24.19 41.33 7.65
CA ASP A 77 -25.53 41.40 8.21
C ASP A 77 -25.66 40.60 9.49
N ASP A 78 -24.57 39.97 9.93
CA ASP A 78 -24.54 39.19 11.15
C ASP A 78 -24.57 40.09 12.38
N ILE A 79 -25.07 39.54 13.48
CA ILE A 79 -25.25 40.28 14.72
C ILE A 79 -24.16 39.86 15.70
N TYR A 80 -23.59 40.83 16.40
CA TYR A 80 -22.52 40.56 17.36
C TYR A 80 -23.11 40.39 18.76
N VAL A 81 -22.71 39.32 19.45
CA VAL A 81 -23.09 39.09 20.83
C VAL A 81 -21.83 39.14 21.69
N SER A 82 -21.88 39.88 22.79
CA SER A 82 -20.71 40.04 23.63
C SER A 82 -20.50 38.80 24.52
N PRO A 83 -19.25 38.51 24.89
CA PRO A 83 -19.00 37.39 25.83
C PRO A 83 -19.58 37.61 27.21
N SER A 84 -20.06 38.82 27.52
CA SER A 84 -20.71 39.05 28.82
C SER A 84 -22.16 38.60 28.74
N GLN A 85 -22.86 39.03 27.69
CA GLN A 85 -24.20 38.51 27.42
C GLN A 85 -24.18 36.99 27.29
N ILE A 86 -23.10 36.43 26.76
CA ILE A 86 -23.02 34.97 26.57
C ILE A 86 -23.08 34.25 27.91
N ARG A 87 -22.26 34.70 28.86
CA ARG A 87 -22.20 34.03 30.15
C ARG A 87 -23.45 34.26 31.00
N ARG A 88 -24.12 35.40 30.83
CA ARG A 88 -25.28 35.71 31.66
C ARG A 88 -26.40 34.69 31.48
N PHE A 89 -26.78 34.41 30.23
CA PHE A 89 -27.81 33.42 29.95
C PHE A 89 -27.25 32.05 29.54
N ASN A 90 -25.93 31.86 29.61
CA ASN A 90 -25.28 30.59 29.25
C ASN A 90 -25.55 30.19 27.81
N LEU A 91 -25.32 31.12 26.88
CA LEU A 91 -25.57 30.87 25.47
C LEU A 91 -24.61 29.83 24.90
N ARG A 92 -25.16 28.96 24.04
CA ARG A 92 -24.44 27.87 23.39
C ARG A 92 -24.80 27.82 21.90
N THR A 93 -23.90 27.23 21.13
CA THR A 93 -24.13 27.03 19.70
C THR A 93 -25.48 26.35 19.44
N GLY A 94 -26.24 26.91 18.51
CA GLY A 94 -27.53 26.37 18.10
C GLY A 94 -28.74 27.02 18.75
N ASP A 95 -28.54 27.88 19.74
CA ASP A 95 -29.67 28.61 20.32
C ASP A 95 -30.16 29.65 19.33
N THR A 96 -31.44 29.56 18.93
CA THR A 96 -32.06 30.58 18.11
C THR A 96 -32.60 31.70 19.00
N ILE A 97 -31.95 32.86 18.96
CA ILE A 97 -32.25 33.98 19.86
C ILE A 97 -32.65 35.21 19.05
N SER A 98 -33.70 35.89 19.50
CA SER A 98 -34.21 37.12 18.88
C SER A 98 -34.14 38.28 19.88
N GLY A 99 -33.15 39.16 19.70
CA GLY A 99 -32.93 40.25 20.61
C GLY A 99 -32.93 41.60 19.93
N LYS A 100 -33.17 42.65 20.72
CA LYS A 100 -33.03 44.02 20.24
C LYS A 100 -31.58 44.30 19.86
N ILE A 101 -31.39 44.86 18.66
CA ILE A 101 -30.06 45.18 18.13
C ILE A 101 -29.83 46.69 18.13
N ARG A 102 -28.54 47.08 18.29
CA ARG A 102 -28.02 48.45 18.19
C ARG A 102 -27.28 48.67 16.86
N PRO A 103 -27.20 49.93 16.39
CA PRO A 103 -26.35 50.20 15.23
C PRO A 103 -24.88 50.11 15.63
N PRO A 104 -24.01 49.74 14.70
CA PRO A 104 -22.60 49.51 15.07
C PRO A 104 -21.99 50.73 15.75
N LYS A 105 -21.04 50.47 16.63
CA LYS A 105 -20.39 51.57 17.34
C LYS A 105 -19.25 52.07 16.48
N GLU A 106 -18.56 53.10 16.94
CA GLU A 106 -17.45 53.62 16.18
C GLU A 106 -16.20 52.89 16.67
N GLY A 107 -15.37 52.47 15.72
CA GLY A 107 -14.29 51.55 16.00
C GLY A 107 -14.67 50.09 15.81
N GLU A 108 -15.96 49.77 15.73
CA GLU A 108 -16.43 48.43 15.41
C GLU A 108 -17.23 48.52 14.11
N ARG A 109 -17.64 47.37 13.58
CA ARG A 109 -18.26 47.34 12.27
C ARG A 109 -19.34 46.26 12.18
N TYR A 110 -19.79 45.71 13.30
CA TYR A 110 -20.86 44.73 13.34
C TYR A 110 -21.98 45.25 14.25
N PHE A 111 -23.21 44.87 13.90
CA PHE A 111 -24.36 45.25 14.70
C PHE A 111 -24.32 44.51 16.04
N ALA A 112 -24.43 45.29 17.12
CA ALA A 112 -24.39 44.79 18.50
C ALA A 112 -25.78 44.52 19.08
N LEU A 113 -25.93 43.36 19.73
CA LEU A 113 -27.15 43.01 20.43
C LEU A 113 -27.12 43.58 21.85
N LEU A 114 -28.14 44.35 22.21
CA LEU A 114 -28.20 45.01 23.51
C LEU A 114 -28.87 44.11 24.56
N LYS A 115 -30.09 43.67 24.30
CA LYS A 115 -30.85 42.85 25.23
C LYS A 115 -31.56 41.74 24.47
N VAL A 116 -31.72 40.60 25.14
CA VAL A 116 -32.33 39.41 24.54
C VAL A 116 -33.76 39.29 25.03
N ASN A 117 -34.69 39.02 24.11
CA ASN A 117 -36.09 38.84 24.44
C ASN A 117 -36.48 37.38 24.52
N GLU A 118 -36.16 36.59 23.50
CA GLU A 118 -36.42 35.15 23.52
C GLU A 118 -35.16 34.40 23.13
N VAL A 119 -34.95 33.26 23.77
CA VAL A 119 -33.88 32.31 23.43
C VAL A 119 -34.54 30.97 23.14
N ASN A 120 -34.30 30.46 21.93
CA ASN A 120 -34.98 29.25 21.45
C ASN A 120 -36.49 29.42 21.51
N PHE A 121 -36.97 30.61 21.14
CA PHE A 121 -38.40 30.94 21.20
C PHE A 121 -38.97 30.79 22.60
N ASP A 122 -38.15 31.06 23.62
CA ASP A 122 -38.55 30.90 25.01
C ASP A 122 -37.97 32.05 25.82
N LYS A 123 -38.59 32.31 26.97
CA LYS A 123 -38.24 33.47 27.78
C LYS A 123 -36.80 33.38 28.29
N PRO A 124 -36.12 34.52 28.42
CA PRO A 124 -34.73 34.50 28.90
C PRO A 124 -34.60 34.18 30.38
N GLU A 125 -35.67 34.26 31.16
CA GLU A 125 -35.62 33.99 32.59
C GLU A 125 -36.32 32.68 32.93
N ASN A 126 -36.12 31.67 32.09
CA ASN A 126 -36.66 30.34 32.35
C ASN A 126 -35.55 29.34 32.63
N ASN A 129 -32.61 24.30 30.80
CA ASN A 129 -33.26 23.01 30.96
C ASN A 129 -32.26 21.88 31.17
N LYS A 130 -32.41 20.82 30.37
CA LYS A 130 -31.50 19.68 30.36
C LYS A 130 -30.76 19.65 29.03
N ILE A 131 -29.47 19.36 29.09
CA ILE A 131 -28.64 19.33 27.88
C ILE A 131 -28.72 17.95 27.26
N LEU A 132 -28.65 17.90 25.93
CA LEU A 132 -28.84 16.64 25.21
C LEU A 132 -27.73 15.63 25.53
N PHE A 133 -26.53 16.11 25.83
CA PHE A 133 -25.41 15.22 26.12
C PHE A 133 -25.67 14.34 27.34
N GLU A 134 -26.60 14.74 28.22
CA GLU A 134 -26.89 14.00 29.43
C GLU A 134 -28.22 13.24 29.38
N ASN A 135 -29.06 13.49 28.39
CA ASN A 135 -30.35 12.82 28.31
C ASN A 135 -30.23 11.32 28.09
N LEU A 136 -31.16 10.57 28.68
CA LEU A 136 -31.19 9.13 28.53
C LEU A 136 -31.69 8.76 27.13
N THR A 137 -31.16 7.67 26.59
CA THR A 137 -31.49 7.26 25.23
C THR A 137 -32.07 5.85 25.11
N PRO A 138 -33.37 5.70 24.86
CA PRO A 138 -33.92 4.35 24.63
C PRO A 138 -33.59 3.83 23.24
N LEU A 139 -34.19 2.70 22.87
CA LEU A 139 -34.04 2.06 21.57
C LEU A 139 -34.61 2.89 20.43
N HIS A 140 -35.24 4.01 20.74
CA HIS A 140 -35.87 4.93 19.78
C HIS A 140 -36.73 4.20 18.76
N ALA A 141 -37.70 3.46 19.27
CA ALA A 141 -38.77 2.91 18.45
C ALA A 141 -40.07 2.91 19.24
N ASN A 142 -40.58 4.09 19.61
CA ASN A 142 -41.83 4.16 20.34
C ASN A 142 -42.95 4.70 19.48
N SER A 143 -42.65 5.70 18.66
CA SER A 143 -43.57 6.20 17.66
C SER A 143 -43.04 5.85 16.29
N ARG A 144 -43.96 5.62 15.36
CA ARG A 144 -43.62 5.20 14.00
C ARG A 144 -43.90 6.33 13.04
N LEU A 145 -43.01 6.53 12.09
CA LEU A 145 -43.19 7.52 11.04
C LEU A 145 -43.72 6.84 9.79
N ARG A 146 -44.98 7.07 9.46
CA ARG A 146 -45.57 6.46 8.28
C ARG A 146 -45.09 7.24 7.06
N MET A 147 -44.64 6.52 6.04
CA MET A 147 -44.11 7.16 4.85
C MET A 147 -44.77 6.65 3.58
N GLY A 152 -53.35 6.31 -3.23
CA GLY A 152 -51.97 6.77 -3.30
C GLY A 152 -51.62 7.38 -4.65
N SER A 153 -50.35 7.74 -4.81
CA SER A 153 -49.86 8.35 -6.04
C SER A 153 -48.78 7.47 -6.66
N THR A 154 -48.27 7.90 -7.82
CA THR A 154 -47.21 7.16 -8.49
C THR A 154 -45.87 7.29 -7.76
N GLU A 155 -45.60 8.45 -7.18
CA GLU A 155 -44.33 8.66 -6.48
C GLU A 155 -44.31 8.05 -5.08
N ASP A 156 -45.47 7.85 -4.47
CA ASP A 156 -45.52 7.28 -3.13
C ASP A 156 -45.13 5.80 -3.11
N LEU A 157 -45.07 5.14 -4.27
CA LEU A 157 -44.63 3.75 -4.29
C LEU A 157 -43.22 3.59 -3.72
N THR A 158 -42.33 4.54 -4.03
CA THR A 158 -41.01 4.50 -3.41
C THR A 158 -41.12 4.64 -1.89
N ALA A 159 -42.01 5.51 -1.42
CA ALA A 159 -42.24 5.63 0.02
C ALA A 159 -42.92 4.39 0.57
N ARG A 160 -43.77 3.75 -0.23
CA ARG A 160 -44.45 2.55 0.24
C ARG A 160 -43.46 1.41 0.45
N VAL A 161 -42.54 1.22 -0.50
CA VAL A 161 -41.52 0.20 -0.32
C VAL A 161 -40.62 0.55 0.85
N LEU A 162 -40.40 1.84 1.10
CA LEU A 162 -39.57 2.25 2.23
C LEU A 162 -40.16 1.80 3.56
N ASP A 163 -41.47 1.94 3.74
CA ASP A 163 -42.10 1.43 4.95
C ASP A 163 -41.99 -0.08 5.02
N LEU A 164 -41.96 -0.75 3.87
CA LEU A 164 -41.80 -2.19 3.84
C LEU A 164 -40.34 -2.59 3.97
N ALA A 165 -39.42 -1.82 3.39
CA ALA A 165 -38.01 -2.19 3.45
C ALA A 165 -37.39 -1.80 4.78
N SER A 166 -37.48 -0.52 5.16
CA SER A 166 -36.85 -0.01 6.36
C SER A 166 -37.77 1.02 7.05
N PRO A 167 -38.47 0.62 8.11
CA PRO A 167 -39.39 1.54 8.80
C PRO A 167 -38.65 2.61 9.60
N ILE A 168 -38.85 3.87 9.22
CA ILE A 168 -38.25 5.00 9.93
C ILE A 168 -39.02 5.29 11.21
N GLY A 169 -38.27 5.54 12.29
CA GLY A 169 -38.85 5.91 13.56
C GLY A 169 -38.20 7.16 14.13
N ARG A 170 -38.76 7.63 15.25
CA ARG A 170 -38.24 8.80 15.94
C ARG A 170 -36.99 8.42 16.72
N GLY A 171 -35.85 9.02 16.37
CA GLY A 171 -34.60 8.70 17.00
C GLY A 171 -33.74 7.69 16.27
N GLN A 172 -34.06 7.38 15.02
CA GLN A 172 -33.43 6.31 14.29
C GLN A 172 -32.19 6.77 13.54
N ARG A 173 -31.14 5.95 13.60
CA ARG A 173 -29.87 6.21 12.94
C ARG A 173 -29.98 5.78 11.49
N GLY A 174 -30.16 6.75 10.59
CA GLY A 174 -30.34 6.38 9.21
C GLY A 174 -29.04 6.41 8.43
N LEU A 175 -28.70 5.28 7.83
CA LEU A 175 -27.57 5.18 6.91
C LEU A 175 -28.15 4.59 5.64
N ILE A 176 -28.25 5.41 4.61
CA ILE A 176 -28.71 4.95 3.31
C ILE A 176 -27.46 4.82 2.47
N VAL A 177 -27.03 3.58 2.27
CA VAL A 177 -25.81 3.34 1.51
C VAL A 177 -26.22 3.34 0.05
N ALA A 178 -25.56 4.19 -0.74
CA ALA A 178 -26.01 4.49 -2.10
C ALA A 178 -24.82 4.44 -3.03
N PRO A 179 -24.77 3.51 -3.98
CA PRO A 179 -23.79 3.61 -5.05
C PRO A 179 -24.11 4.80 -5.93
N PRO A 180 -23.16 5.25 -6.75
CA PRO A 180 -23.42 6.41 -7.60
C PRO A 180 -24.52 6.15 -8.63
N LYS A 181 -25.19 7.23 -9.02
CA LYS A 181 -26.25 7.20 -10.03
C LYS A 181 -27.32 6.16 -9.69
N ALA A 182 -27.80 6.19 -8.46
CA ALA A 182 -28.90 5.33 -8.02
C ALA A 182 -30.14 6.13 -7.66
N GLY A 183 -30.20 7.41 -8.01
CA GLY A 183 -31.33 8.23 -7.64
C GLY A 183 -31.46 8.51 -6.15
N LYS A 184 -30.33 8.63 -5.45
CA LYS A 184 -30.36 8.90 -4.02
C LYS A 184 -31.06 10.23 -3.72
N THR A 185 -30.82 11.25 -4.54
CA THR A 185 -31.46 12.55 -4.32
C THR A 185 -32.96 12.46 -4.52
N MET A 186 -33.40 11.68 -5.51
CA MET A 186 -34.82 11.50 -5.76
C MET A 186 -35.50 10.77 -4.60
N LEU A 187 -34.79 9.82 -3.97
CA LEU A 187 -35.37 9.08 -2.86
C LEU A 187 -35.58 9.98 -1.64
N LEU A 188 -34.57 10.76 -1.28
CA LEU A 188 -34.70 11.67 -0.15
C LEU A 188 -35.77 12.73 -0.40
N GLN A 189 -35.96 13.14 -1.66
CA GLN A 189 -36.99 14.12 -1.97
C GLN A 189 -38.38 13.56 -1.66
N ASN A 190 -38.62 12.30 -2.01
CA ASN A 190 -39.91 11.69 -1.71
C ASN A 190 -40.09 11.48 -0.20
N ILE A 191 -39.00 11.17 0.51
CA ILE A 191 -39.08 11.04 1.95
C ILE A 191 -39.27 12.40 2.62
N ALA A 192 -38.52 13.40 2.17
CA ALA A 192 -38.61 14.73 2.79
C ALA A 192 -40.01 15.32 2.64
N GLN A 193 -40.56 15.26 1.43
CA GLN A 193 -41.90 15.80 1.20
C GLN A 193 -42.93 15.04 2.01
N SER A 194 -42.82 13.71 2.07
CA SER A 194 -43.79 12.91 2.79
C SER A 194 -43.69 13.09 4.31
N ILE A 195 -42.49 13.39 4.83
CA ILE A 195 -42.36 13.59 6.27
C ILE A 195 -43.16 14.82 6.70
N ALA A 196 -42.98 15.93 5.99
CA ALA A 196 -43.70 17.15 6.34
C ALA A 196 -45.19 17.04 6.02
N TYR A 197 -45.54 16.25 5.02
CA TYR A 197 -46.94 16.15 4.59
C TYR A 197 -47.77 15.34 5.58
N ASN A 198 -47.32 14.12 5.90
CA ASN A 198 -48.09 13.30 6.82
C ASN A 198 -47.91 13.72 8.27
N HIS A 199 -46.73 14.23 8.63
CA HIS A 199 -46.42 14.62 10.01
C HIS A 199 -45.73 15.97 10.00
N PRO A 200 -46.50 17.06 9.92
CA PRO A 200 -45.90 18.40 10.02
C PRO A 200 -45.34 18.71 11.39
N ASP A 201 -45.71 17.94 12.42
CA ASP A 201 -45.21 18.19 13.77
C ASP A 201 -43.70 18.15 13.82
N CYS A 202 -43.07 17.28 13.02
CA CYS A 202 -41.62 17.23 12.96
C CYS A 202 -41.10 18.35 12.07
N VAL A 203 -40.11 19.10 12.55
CA VAL A 203 -39.49 20.14 11.75
C VAL A 203 -38.36 19.51 10.93
N LEU A 204 -38.41 19.70 9.62
CA LEU A 204 -37.48 19.03 8.72
C LEU A 204 -36.26 19.91 8.47
N MET A 205 -35.08 19.28 8.51
CA MET A 205 -33.80 19.98 8.44
C MET A 205 -32.90 19.27 7.43
N VAL A 206 -33.18 19.46 6.13
CA VAL A 206 -32.37 18.81 5.11
C VAL A 206 -30.99 19.47 5.04
N LEU A 207 -29.94 18.65 5.00
CA LEU A 207 -28.57 19.13 4.98
C LEU A 207 -27.82 18.55 3.79
N LEU A 208 -27.12 19.42 3.06
CA LEU A 208 -26.32 19.01 1.89
C LEU A 208 -24.89 19.50 2.01
N ILE A 209 -23.92 18.60 1.84
CA ILE A 209 -22.50 18.93 1.84
C ILE A 209 -21.87 18.46 0.53
N ASP A 210 -21.08 19.34 -0.09
CA ASP A 210 -20.37 19.07 -1.35
C ASP A 210 -21.32 18.56 -2.44
N GLU A 211 -22.50 19.18 -2.52
CA GLU A 211 -23.49 18.86 -3.54
C GLU A 211 -23.53 19.98 -4.57
N ARG A 212 -23.83 19.59 -5.82
CA ARG A 212 -23.81 20.54 -6.92
C ARG A 212 -24.83 21.65 -6.67
N PRO A 213 -24.50 22.90 -7.00
CA PRO A 213 -25.44 24.01 -6.75
C PRO A 213 -26.73 23.88 -7.53
N GLU A 214 -26.75 23.11 -8.62
CA GLU A 214 -27.98 22.93 -9.38
C GLU A 214 -29.06 22.29 -8.52
N GLU A 215 -28.70 21.20 -7.83
CA GLU A 215 -29.65 20.52 -6.97
C GLU A 215 -29.90 21.28 -5.68
N VAL A 216 -28.97 22.15 -5.28
CA VAL A 216 -29.16 22.92 -4.05
C VAL A 216 -30.41 23.78 -4.15
N THR A 217 -30.60 24.43 -5.31
CA THR A 217 -31.81 25.24 -5.52
C THR A 217 -33.05 24.37 -5.67
N GLU A 218 -32.94 23.25 -6.38
CA GLU A 218 -34.06 22.33 -6.52
C GLU A 218 -34.58 21.91 -5.15
N MET A 219 -33.67 21.61 -4.21
CA MET A 219 -34.08 21.22 -2.87
C MET A 219 -34.75 22.38 -2.13
N GLN A 220 -34.28 23.62 -2.37
CA GLN A 220 -34.80 24.76 -1.61
C GLN A 220 -36.28 25.01 -1.88
N ARG A 221 -36.70 24.90 -3.13
CA ARG A 221 -38.10 25.19 -3.47
C ARG A 221 -39.02 24.00 -3.26
N LEU A 222 -38.51 22.77 -3.33
CA LEU A 222 -39.34 21.59 -3.28
C LEU A 222 -39.51 21.04 -1.87
N VAL A 223 -38.62 21.39 -0.94
CA VAL A 223 -38.72 20.95 0.45
C VAL A 223 -39.29 22.07 1.31
N LYS A 224 -40.23 21.73 2.19
CA LYS A 224 -40.92 22.71 3.02
C LYS A 224 -40.31 22.71 4.42
N GLY A 225 -39.09 23.22 4.48
CA GLY A 225 -38.33 23.28 5.72
C GLY A 225 -36.97 23.87 5.42
N GLU A 226 -36.18 24.06 6.47
CA GLU A 226 -34.84 24.58 6.26
C GLU A 226 -34.01 23.54 5.53
N VAL A 227 -33.47 23.93 4.39
CA VAL A 227 -32.56 23.10 3.63
C VAL A 227 -31.24 23.88 3.63
N VAL A 228 -30.33 23.47 4.48
CA VAL A 228 -29.07 24.16 4.66
C VAL A 228 -28.04 23.40 3.83
N ALA A 229 -27.22 24.14 3.10
CA ALA A 229 -26.35 23.51 2.12
C ALA A 229 -25.02 24.22 2.05
N SER A 230 -24.08 23.57 1.38
CA SER A 230 -22.76 24.09 1.11
C SER A 230 -22.34 23.60 -0.26
N THR A 231 -21.87 24.50 -1.10
CA THR A 231 -21.46 24.08 -2.44
C THR A 231 -20.01 23.62 -2.37
N PHE A 232 -19.64 22.76 -3.32
CA PHE A 232 -18.26 22.28 -3.33
C PHE A 232 -17.28 23.41 -3.58
N ASP A 233 -17.71 24.50 -4.22
CA ASP A 233 -16.86 25.67 -4.41
C ASP A 233 -16.51 26.36 -3.10
N GLU A 234 -16.96 25.87 -1.99
CA GLU A 234 -16.67 26.43 -0.68
C GLU A 234 -15.63 25.58 0.03
N PRO A 235 -14.76 26.17 0.83
CA PRO A 235 -13.65 25.43 1.42
C PRO A 235 -14.15 24.37 2.38
N ALA A 236 -13.22 23.50 2.79
CA ALA A 236 -13.57 22.42 3.71
C ALA A 236 -14.06 22.98 5.04
N SER A 237 -13.52 24.12 5.46
CA SER A 237 -14.01 24.78 6.67
C SER A 237 -15.49 25.11 6.58
N ARG A 238 -15.99 25.38 5.37
CA ARG A 238 -17.42 25.64 5.21
C ARG A 238 -18.24 24.39 5.44
N HIS A 239 -17.80 23.25 4.89
CA HIS A 239 -18.49 21.99 5.12
C HIS A 239 -18.51 21.66 6.61
N VAL A 240 -17.44 22.03 7.32
CA VAL A 240 -17.38 21.78 8.76
C VAL A 240 -18.35 22.71 9.49
N GLN A 241 -18.44 23.96 9.04
CA GLN A 241 -19.32 24.93 9.69
C GLN A 241 -20.78 24.56 9.56
N VAL A 242 -21.21 24.17 8.36
CA VAL A 242 -22.63 23.93 8.10
C VAL A 242 -23.16 22.73 8.88
N ALA A 243 -22.33 21.70 9.08
CA ALA A 243 -22.79 20.50 9.76
C ALA A 243 -22.94 20.74 11.26
N GLU A 244 -21.91 21.35 11.87
CA GLU A 244 -21.93 21.60 13.30
C GLU A 244 -23.08 22.50 13.70
N MET A 245 -23.40 23.51 12.88
CA MET A 245 -24.47 24.45 13.22
C MET A 245 -25.83 23.76 13.28
N VAL A 246 -26.11 22.86 12.34
CA VAL A 246 -27.47 22.34 12.22
C VAL A 246 -27.78 21.36 13.34
N ILE A 247 -26.86 20.45 13.67
CA ILE A 247 -27.14 19.46 14.71
C ILE A 247 -27.26 20.15 16.07
N GLU A 248 -26.40 21.13 16.35
CA GLU A 248 -26.50 21.84 17.62
C GLU A 248 -27.82 22.57 17.72
N LYS A 249 -28.28 23.17 16.62
CA LYS A 249 -29.61 23.74 16.60
C LYS A 249 -30.67 22.65 16.79
N ALA A 250 -30.46 21.49 16.16
CA ALA A 250 -31.37 20.37 16.36
C ALA A 250 -31.28 19.84 17.79
N LYS A 251 -30.06 19.74 18.33
CA LYS A 251 -29.89 19.27 19.71
C LYS A 251 -30.59 20.19 20.69
N ARG A 252 -30.49 21.51 20.48
CA ARG A 252 -31.14 22.46 21.38
C ARG A 252 -32.65 22.33 21.30
N LEU A 253 -33.19 21.95 20.14
CA LEU A 253 -34.62 21.75 19.99
C LEU A 253 -35.08 20.45 20.65
N VAL A 254 -34.26 19.39 20.60
CA VAL A 254 -34.60 18.16 21.31
C VAL A 254 -34.54 18.38 22.81
N GLU A 255 -33.66 19.28 23.29
CA GLU A 255 -33.65 19.61 24.70
C GLU A 255 -34.99 20.18 25.15
N HIS A 256 -35.73 20.83 24.25
CA HIS A 256 -37.06 21.34 24.54
C HIS A 256 -38.16 20.39 24.09
N LYS A 257 -37.86 19.09 24.00
CA LYS A 257 -38.88 18.07 23.73
C LYS A 257 -39.61 18.35 22.42
N LYS A 258 -38.87 18.80 21.41
CA LYS A 258 -39.41 19.11 20.09
C LYS A 258 -38.91 18.14 19.04
N ASP A 259 -39.81 17.74 18.15
CA ASP A 259 -39.49 16.79 17.09
C ASP A 259 -38.70 17.49 16.00
N VAL A 260 -37.52 16.96 15.68
CA VAL A 260 -36.68 17.49 14.62
C VAL A 260 -36.21 16.33 13.76
N ILE A 261 -36.22 16.52 12.44
CA ILE A 261 -35.75 15.52 11.51
C ILE A 261 -34.73 16.15 10.57
N ILE A 262 -33.58 15.50 10.43
CA ILE A 262 -32.49 15.95 9.57
C ILE A 262 -32.18 14.86 8.56
N LEU A 263 -31.92 15.27 7.32
CA LEU A 263 -31.61 14.36 6.22
C LEU A 263 -30.26 14.78 5.65
N LEU A 264 -29.23 13.99 5.91
CA LEU A 264 -27.88 14.31 5.46
C LEU A 264 -27.65 13.70 4.08
N ASP A 265 -27.23 14.54 3.13
CA ASP A 265 -27.04 14.08 1.75
C ASP A 265 -25.76 13.27 1.57
N SER A 266 -24.74 13.52 2.39
CA SER A 266 -23.49 12.77 2.24
C SER A 266 -22.73 12.83 3.57
N ILE A 267 -22.92 11.79 4.39
CA ILE A 267 -22.03 11.61 5.53
C ILE A 267 -20.63 11.28 5.04
N THR A 268 -20.51 10.75 3.82
CA THR A 268 -19.21 10.43 3.27
C THR A 268 -18.35 11.67 3.09
N ARG A 269 -18.92 12.73 2.49
CA ARG A 269 -18.17 13.95 2.29
C ARG A 269 -17.98 14.73 3.58
N LEU A 270 -18.91 14.60 4.52
CA LEU A 270 -18.71 15.21 5.83
C LEU A 270 -17.46 14.65 6.50
N ALA A 271 -17.22 13.35 6.38
CA ALA A 271 -16.00 12.76 6.91
C ALA A 271 -14.77 13.24 6.15
N ARG A 272 -14.90 13.38 4.82
CA ARG A 272 -13.79 13.91 4.03
C ARG A 272 -13.45 15.34 4.42
N ALA A 273 -14.46 16.13 4.80
CA ALA A 273 -14.20 17.51 5.20
C ALA A 273 -13.44 17.56 6.51
N TYR A 274 -13.86 16.78 7.50
CA TYR A 274 -13.16 16.76 8.78
C TYR A 274 -11.74 16.20 8.61
N ASN A 275 -11.59 15.18 7.77
CA ASN A 275 -10.26 14.63 7.53
C ASN A 275 -9.29 15.70 7.01
N THR A 276 -9.81 16.62 6.19
CA THR A 276 -8.94 17.63 5.60
C THR A 276 -8.67 18.82 6.52
N VAL A 277 -9.56 19.08 7.48
CA VAL A 277 -9.36 20.20 8.41
C VAL A 277 -8.64 19.77 9.70
N VAL A 278 -8.79 18.52 10.11
CA VAL A 278 -8.31 18.02 11.39
C VAL A 278 -6.88 17.51 11.27
N PRO A 279 -5.99 17.84 12.21
CA PRO A 279 -4.61 17.40 12.10
C PRO A 279 -4.47 15.89 12.30
N ALA A 280 -3.27 15.41 12.00
CA ALA A 280 -2.99 13.98 12.02
C ALA A 280 -3.01 13.46 13.45
N VAL A 284 -2.10 8.55 12.39
CA VAL A 284 -2.07 7.23 11.76
C VAL A 284 -2.95 7.24 10.52
N LEU A 285 -2.44 6.67 9.43
CA LEU A 285 -3.13 6.66 8.16
C LEU A 285 -3.70 5.27 7.90
N THR A 286 -5.03 5.19 7.84
CA THR A 286 -5.79 3.96 7.62
C THR A 286 -6.41 3.97 6.23
N GLY A 287 -5.56 3.91 5.21
CA GLY A 287 -6.07 3.92 3.85
C GLY A 287 -6.31 5.31 3.31
N GLY A 288 -5.57 6.30 3.82
CA GLY A 288 -5.73 7.67 3.42
C GLY A 288 -6.56 8.49 4.38
N VAL A 289 -7.26 7.85 5.30
CA VAL A 289 -8.08 8.55 6.29
C VAL A 289 -7.38 8.46 7.63
N ASP A 290 -7.32 9.58 8.35
CA ASP A 290 -6.80 9.58 9.71
C ASP A 290 -7.86 8.99 10.63
N ALA A 291 -7.44 8.06 11.51
CA ALA A 291 -8.39 7.34 12.33
C ALA A 291 -9.14 8.28 13.27
N ASN A 292 -8.44 9.25 13.84
CA ASN A 292 -9.03 10.21 14.76
C ASN A 292 -9.92 11.23 14.07
N ALA A 293 -9.90 11.32 12.74
CA ALA A 293 -10.71 12.31 12.05
C ALA A 293 -12.18 11.94 12.00
N LEU A 294 -12.52 10.65 12.08
CA LEU A 294 -13.91 10.21 12.13
C LEU A 294 -14.54 10.37 13.50
N HIS A 295 -13.85 11.00 14.45
CA HIS A 295 -14.45 11.18 15.77
C HIS A 295 -15.68 12.09 15.70
N ARG A 296 -15.56 13.23 15.03
CA ARG A 296 -16.70 14.15 14.99
C ARG A 296 -17.79 13.67 14.05
N PRO A 297 -17.47 13.06 12.90
CA PRO A 297 -18.54 12.46 12.09
C PRO A 297 -19.36 11.44 12.86
N LYS A 298 -18.73 10.67 13.75
CA LYS A 298 -19.50 9.74 14.57
C LYS A 298 -20.41 10.50 15.54
N ARG A 299 -19.96 11.66 16.04
CA ARG A 299 -20.83 12.47 16.89
C ARG A 299 -22.01 13.04 16.12
N PHE A 300 -21.78 13.49 14.87
CA PHE A 300 -22.88 13.95 14.05
C PHE A 300 -23.93 12.87 13.91
N PHE A 301 -23.51 11.66 13.53
CA PHE A 301 -24.44 10.56 13.38
C PHE A 301 -24.94 10.08 14.73
N GLY A 302 -24.10 10.21 15.77
CA GLY A 302 -24.44 9.77 17.12
C GLY A 302 -25.56 10.55 17.77
N ALA A 303 -25.94 11.70 17.21
CA ALA A 303 -26.99 12.51 17.81
C ALA A 303 -28.38 11.91 17.62
N ALA A 304 -28.59 11.11 16.59
CA ALA A 304 -29.93 10.61 16.29
C ALA A 304 -30.34 9.56 17.32
N ARG A 305 -31.25 9.94 18.22
CA ARG A 305 -31.74 9.03 19.24
C ARG A 305 -32.98 9.62 19.89
N ASN A 306 -33.96 8.78 20.18
CA ASN A 306 -35.06 9.20 21.02
C ASN A 306 -34.59 9.27 22.47
N VAL A 307 -35.34 10.00 23.29
CA VAL A 307 -34.99 10.22 24.68
C VAL A 307 -36.23 10.04 25.54
N GLU A 308 -36.07 9.32 26.66
CA GLU A 308 -37.15 9.21 27.63
C GLU A 308 -37.55 10.58 28.15
N GLU A 309 -36.59 11.51 28.25
CA GLU A 309 -36.89 12.84 28.75
C GLU A 309 -37.80 13.63 27.81
N GLY A 310 -37.92 13.21 26.55
CA GLY A 310 -38.86 13.89 25.64
C GLY A 310 -38.18 14.48 24.41
N GLY A 311 -38.77 14.26 23.25
CA GLY A 311 -38.21 14.73 22.00
C GLY A 311 -37.69 13.61 21.12
N SER A 312 -37.42 13.97 19.87
CA SER A 312 -37.00 13.01 18.86
C SER A 312 -36.04 13.66 17.87
N LEU A 313 -34.89 13.03 17.66
CA LEU A 313 -33.89 13.47 16.69
C LEU A 313 -33.57 12.32 15.75
N THR A 314 -33.85 12.49 14.45
CA THR A 314 -33.66 11.44 13.46
C THR A 314 -32.65 11.92 12.43
N ILE A 315 -31.52 11.22 12.33
CA ILE A 315 -30.51 11.51 11.33
C ILE A 315 -30.55 10.37 10.34
N ILE A 316 -30.95 10.68 9.11
CA ILE A 316 -30.93 9.72 8.02
C ILE A 316 -29.87 10.24 7.05
N ALA A 317 -28.67 9.71 7.17
CA ALA A 317 -27.54 10.14 6.36
C ALA A 317 -27.36 9.19 5.20
N THR A 318 -26.72 9.70 4.14
CA THR A 318 -26.51 8.93 2.93
C THR A 318 -25.02 8.70 2.75
N ALA A 319 -24.60 7.44 2.90
CA ALA A 319 -23.21 7.07 2.68
C ALA A 319 -23.04 6.60 1.25
N LEU A 320 -21.96 7.05 0.62
CA LEU A 320 -21.65 6.66 -0.75
C LEU A 320 -20.67 5.49 -0.76
N ILE A 321 -20.93 4.52 -1.63
CA ILE A 321 -20.08 3.36 -1.82
C ILE A 321 -19.81 3.22 -3.31
N ASP A 322 -18.79 2.43 -3.64
CA ASP A 322 -18.38 2.20 -5.03
C ASP A 322 -18.12 3.51 -5.78
N THR A 323 -17.62 4.51 -5.05
CA THR A 323 -17.24 5.78 -5.66
C THR A 323 -15.91 5.67 -6.42
N GLY A 324 -15.15 4.61 -6.21
CA GLY A 324 -13.85 4.46 -6.83
C GLY A 324 -12.69 4.94 -5.99
N SER A 325 -12.95 5.68 -4.92
CA SER A 325 -11.94 6.14 -3.99
C SER A 325 -11.90 5.20 -2.79
N LYS A 326 -10.72 4.67 -2.49
CA LYS A 326 -10.56 3.82 -1.32
C LYS A 326 -11.02 4.56 -0.06
N MET A 327 -10.88 5.88 -0.06
CA MET A 327 -11.32 6.71 1.04
C MET A 327 -12.79 6.45 1.37
N ASP A 328 -13.64 6.49 0.34
CA ASP A 328 -15.07 6.35 0.53
C ASP A 328 -15.45 4.92 0.95
N GLU A 329 -14.72 3.92 0.45
CA GLU A 329 -15.02 2.55 0.85
C GLU A 329 -14.61 2.31 2.30
N VAL A 330 -13.52 2.95 2.73
CA VAL A 330 -13.08 2.83 4.11
C VAL A 330 -14.05 3.54 5.05
N ILE A 331 -14.59 4.68 4.61
CA ILE A 331 -15.53 5.42 5.44
C ILE A 331 -16.81 4.64 5.69
N TYR A 332 -17.34 3.97 4.66
CA TYR A 332 -18.56 3.20 4.86
C TYR A 332 -18.37 2.02 5.80
N GLU A 333 -17.34 1.20 5.55
CA GLU A 333 -17.12 0.02 6.39
C GLU A 333 -16.71 0.40 7.81
N GLU A 334 -16.07 1.56 7.99
CA GLU A 334 -15.80 2.02 9.34
C GLU A 334 -17.09 2.43 10.04
N PHE A 335 -18.07 2.89 9.28
CA PHE A 335 -19.40 3.21 9.78
C PHE A 335 -20.31 1.99 9.85
N LYS A 336 -19.80 0.79 9.59
CA LYS A 336 -20.61 -0.40 9.73
C LYS A 336 -20.85 -0.70 11.20
N GLY A 337 -22.11 -0.94 11.55
CA GLY A 337 -22.51 -1.20 12.92
C GLY A 337 -22.90 0.01 13.75
N THR A 338 -22.73 1.22 13.23
CA THR A 338 -23.21 2.40 13.94
C THR A 338 -24.67 2.71 13.68
N GLY A 339 -25.19 2.39 12.49
CA GLY A 339 -26.55 2.70 12.12
C GLY A 339 -27.52 1.56 12.36
N ASN A 340 -28.70 1.90 12.89
CA ASN A 340 -29.78 0.93 13.03
C ASN A 340 -30.57 0.76 11.74
N MET A 341 -30.52 1.75 10.85
CA MET A 341 -31.22 1.71 9.57
C MET A 341 -30.25 1.39 8.45
N GLU A 342 -30.63 0.44 7.60
CA GLU A 342 -29.88 0.18 6.37
C GLU A 342 -30.85 -0.03 5.23
N LEU A 343 -30.76 0.83 4.22
CA LEU A 343 -31.54 0.72 3.00
C LEU A 343 -30.55 0.77 1.84
N HIS A 344 -30.38 -0.36 1.15
CA HIS A 344 -29.38 -0.48 0.10
C HIS A 344 -30.03 -0.18 -1.24
N LEU A 345 -29.56 0.89 -1.89
CA LEU A 345 -30.04 1.25 -3.22
C LEU A 345 -29.15 0.60 -4.26
N SER A 346 -29.49 -0.62 -4.65
CA SER A 346 -28.62 -1.36 -5.57
C SER A 346 -28.53 -0.60 -6.90
N ARG A 347 -27.32 -0.52 -7.43
CA ARG A 347 -27.12 0.18 -8.70
C ARG A 347 -27.73 -0.61 -9.86
N LYS A 348 -27.56 -1.93 -9.84
CA LYS A 348 -27.97 -2.76 -10.97
C LYS A 348 -29.45 -2.60 -11.31
N ILE A 349 -30.31 -2.44 -10.30
CA ILE A 349 -31.72 -2.24 -10.58
C ILE A 349 -31.94 -0.87 -11.22
N ALA A 350 -31.14 0.12 -10.80
CA ALA A 350 -31.25 1.46 -11.37
C ALA A 350 -30.88 1.49 -12.84
N GLU A 351 -30.07 0.54 -13.31
CA GLU A 351 -29.68 0.53 -14.71
C GLU A 351 -30.87 0.28 -15.63
N LYS A 352 -31.88 -0.46 -15.15
CA LYS A 352 -33.09 -0.69 -15.92
C LYS A 352 -34.11 0.44 -15.72
N ARG A 353 -33.68 1.56 -15.15
CA ARG A 353 -34.47 2.79 -15.03
C ARG A 353 -35.77 2.58 -14.26
N VAL A 354 -35.80 1.56 -13.39
CA VAL A 354 -36.89 1.42 -12.42
C VAL A 354 -36.66 2.43 -11.31
N PHE A 355 -37.69 3.22 -11.01
CA PHE A 355 -37.48 4.44 -10.24
C PHE A 355 -37.15 4.23 -8.76
N PRO A 356 -37.78 3.29 -8.01
CA PRO A 356 -37.42 3.16 -6.58
C PRO A 356 -35.98 2.71 -6.37
N ALA A 357 -35.56 1.65 -7.06
CA ALA A 357 -34.16 1.18 -7.04
C ALA A 357 -33.70 0.85 -5.62
N ILE A 358 -34.40 -0.09 -5.00
CA ILE A 358 -34.14 -0.52 -3.63
C ILE A 358 -33.79 -2.00 -3.61
N ASP A 359 -32.91 -2.39 -2.67
CA ASP A 359 -32.60 -3.80 -2.44
C ASP A 359 -33.38 -4.28 -1.23
N TYR A 360 -34.39 -5.12 -1.45
CA TYR A 360 -35.27 -5.53 -0.36
C TYR A 360 -34.63 -6.56 0.56
N ASN A 361 -33.79 -7.45 0.03
CA ASN A 361 -33.24 -8.52 0.85
C ASN A 361 -32.18 -8.01 1.80
N ARG A 362 -31.38 -7.04 1.36
CA ARG A 362 -30.29 -6.50 2.18
C ARG A 362 -30.70 -5.28 3.00
N SER A 363 -31.87 -4.69 2.72
CA SER A 363 -32.35 -3.57 3.53
C SER A 363 -33.09 -4.09 4.76
N GLY A 364 -32.72 -3.58 5.92
CA GLY A 364 -33.37 -3.97 7.16
C GLY A 364 -33.01 -3.06 8.32
N THR A 365 -33.93 -2.93 9.27
CA THR A 365 -33.73 -2.09 10.45
C THR A 365 -33.77 -2.90 11.74
N ARG A 366 -33.12 -2.37 12.76
CA ARG A 366 -33.09 -2.99 14.07
C ARG A 366 -34.37 -2.73 14.85
N LYS A 367 -34.76 -3.71 15.67
CA LYS A 367 -35.90 -3.60 16.56
C LYS A 367 -37.20 -3.23 15.84
N GLU A 368 -37.52 -3.98 14.79
CA GLU A 368 -38.77 -3.75 14.07
C GLU A 368 -40.00 -4.03 14.93
N GLU A 369 -39.81 -4.65 16.09
CA GLU A 369 -40.92 -5.08 16.93
C GLU A 369 -41.62 -3.89 17.58
N LEU A 370 -40.87 -2.84 17.90
CA LEU A 370 -41.46 -1.68 18.56
C LEU A 370 -42.11 -0.70 17.58
N LEU A 371 -41.63 -0.61 16.34
CA LEU A 371 -42.19 0.39 15.43
C LEU A 371 -43.54 -0.01 14.86
N THR A 372 -43.77 -1.30 14.61
CA THR A 372 -44.97 -1.78 13.96
C THR A 372 -45.76 -2.72 14.86
N THR A 373 -47.07 -2.74 14.65
CA THR A 373 -47.95 -3.67 15.35
C THR A 373 -47.64 -5.12 14.96
N GLN A 374 -48.00 -6.04 15.87
CA GLN A 374 -47.72 -7.45 15.66
C GLN A 374 -48.36 -7.99 14.40
N GLU A 375 -49.55 -7.47 14.05
CA GLU A 375 -50.21 -7.89 12.82
C GLU A 375 -49.39 -7.50 11.58
N GLU A 376 -48.77 -6.32 11.62
CA GLU A 376 -47.99 -5.86 10.46
C GLU A 376 -46.69 -6.63 10.30
N LEU A 377 -46.01 -6.96 11.41
CA LEU A 377 -44.69 -7.58 11.33
C LEU A 377 -44.74 -8.92 10.59
N GLN A 378 -45.66 -9.80 11.00
CA GLN A 378 -45.77 -11.11 10.35
C GLN A 378 -46.16 -11.00 8.89
N LYS A 379 -46.99 -10.00 8.54
CA LYS A 379 -47.25 -9.74 7.13
C LYS A 379 -45.95 -9.40 6.42
N MET A 380 -45.09 -8.61 7.07
CA MET A 380 -43.81 -8.24 6.49
C MET A 380 -42.91 -9.47 6.33
N TRP A 381 -42.87 -10.33 7.34
CA TRP A 381 -41.97 -11.48 7.30
C TRP A 381 -42.35 -12.46 6.19
N ILE A 382 -43.66 -12.67 5.98
CA ILE A 382 -44.08 -13.57 4.89
C ILE A 382 -43.59 -13.02 3.56
N LEU A 383 -43.63 -11.69 3.41
CA LEU A 383 -43.03 -11.10 2.21
C LEU A 383 -41.53 -11.33 2.20
N ARG A 384 -40.88 -11.14 3.35
CA ARG A 384 -39.45 -11.42 3.46
C ARG A 384 -39.15 -12.88 3.14
N LYS A 385 -40.01 -13.80 3.58
CA LYS A 385 -39.76 -15.22 3.34
C LYS A 385 -39.80 -15.54 1.86
N ILE A 386 -40.77 -14.98 1.14
CA ILE A 386 -40.87 -15.23 -0.29
C ILE A 386 -39.87 -14.42 -1.10
N ILE A 387 -39.51 -13.22 -0.64
CA ILE A 387 -38.66 -12.34 -1.44
C ILE A 387 -37.18 -12.55 -1.17
N HIS A 388 -36.83 -13.22 -0.07
CA HIS A 388 -35.41 -13.47 0.22
C HIS A 388 -34.71 -14.33 -0.83
N PRO A 389 -35.29 -15.40 -1.37
CA PRO A 389 -34.58 -16.16 -2.41
C PRO A 389 -34.43 -15.40 -3.72
N MET A 390 -35.36 -14.49 -4.02
CA MET A 390 -35.33 -13.74 -5.27
C MET A 390 -34.14 -12.79 -5.29
N GLY A 391 -33.61 -12.56 -6.50
CA GLY A 391 -32.53 -11.62 -6.69
C GLY A 391 -32.98 -10.20 -6.41
N GLU A 392 -32.14 -9.24 -6.79
CA GLU A 392 -32.42 -7.85 -6.41
C GLU A 392 -33.35 -7.16 -7.40
N ILE A 393 -33.07 -7.27 -8.70
CA ILE A 393 -33.96 -6.66 -9.68
C ILE A 393 -35.29 -7.39 -9.73
N ASP A 394 -35.30 -8.70 -9.48
CA ASP A 394 -36.52 -9.46 -9.70
C ASP A 394 -37.41 -9.46 -8.47
N ALA A 395 -36.87 -9.12 -7.30
CA ALA A 395 -37.70 -8.92 -6.13
C ALA A 395 -38.46 -7.60 -6.23
N MET A 396 -37.76 -6.54 -6.66
CA MET A 396 -38.37 -5.22 -6.73
C MET A 396 -39.41 -5.15 -7.84
N GLU A 397 -39.10 -5.71 -9.01
CA GLU A 397 -40.08 -5.78 -10.07
C GLU A 397 -41.34 -6.49 -9.59
N PHE A 398 -41.16 -7.52 -8.75
CA PHE A 398 -42.30 -8.20 -8.16
C PHE A 398 -43.06 -7.28 -7.21
N LEU A 399 -42.35 -6.51 -6.38
CA LEU A 399 -43.00 -5.67 -5.38
C LEU A 399 -43.54 -4.37 -5.96
N ILE A 400 -43.19 -4.04 -7.20
CA ILE A 400 -43.77 -2.88 -7.85
C ILE A 400 -45.06 -3.31 -8.54
N ASN A 401 -45.09 -4.55 -9.04
CA ASN A 401 -46.30 -5.09 -9.66
C ASN A 401 -47.39 -5.32 -8.63
N LYS A 402 -47.03 -5.79 -7.44
CA LYS A 402 -48.05 -6.02 -6.41
C LYS A 402 -48.49 -4.73 -5.75
N LEU A 403 -47.57 -3.79 -5.53
CA LEU A 403 -47.93 -2.49 -4.96
C LEU A 403 -48.62 -1.58 -5.97
N ALA A 404 -48.60 -1.93 -7.25
CA ALA A 404 -49.31 -1.14 -8.25
C ALA A 404 -50.82 -1.30 -8.12
N MET A 405 -51.29 -2.36 -7.48
CA MET A 405 -52.73 -2.61 -7.41
C MET A 405 -53.39 -2.05 -6.16
N THR A 406 -52.67 -1.99 -5.04
CA THR A 406 -53.22 -1.50 -3.77
C THR A 406 -52.16 -0.73 -3.01
N LYS A 407 -52.58 -0.17 -1.87
CA LYS A 407 -51.69 0.53 -0.95
C LYS A 407 -51.18 -0.43 0.12
N THR A 408 -50.10 -0.01 0.79
CA THR A 408 -49.39 -0.76 1.82
C THR A 408 -50.24 -1.69 2.69
N ASN A 409 -51.24 -1.15 3.39
CA ASN A 409 -52.05 -1.98 4.27
C ASN A 409 -52.78 -3.07 3.48
N ASP A 410 -53.28 -2.72 2.30
CA ASP A 410 -54.02 -3.61 1.42
C ASP A 410 -53.12 -4.53 0.58
N ASP A 411 -51.80 -4.46 0.76
CA ASP A 411 -50.91 -5.21 -0.13
C ASP A 411 -51.21 -6.71 -0.12
N PHE A 412 -51.55 -7.26 1.04
CA PHE A 412 -51.95 -8.66 1.13
C PHE A 412 -53.13 -8.81 2.08
N PHE A 413 -53.96 -7.77 2.18
CA PHE A 413 -55.12 -7.82 3.06
C PHE A 413 -56.12 -8.84 2.56
N GLU A 414 -56.15 -9.06 1.25
CA GLU A 414 -56.96 -10.08 0.60
C GLU A 414 -56.18 -10.75 -0.52
N MET A 415 -54.92 -10.37 -0.73
CA MET A 415 -54.07 -10.92 -1.79
C MET A 415 -53.34 -12.18 -1.36
N MET A 416 -53.46 -12.57 -0.09
CA MET A 416 -52.94 -13.86 0.36
C MET A 416 -53.79 -15.01 -0.13
N LYS A 417 -54.88 -14.69 -0.85
CA LYS A 417 -55.89 -15.62 -1.34
C LYS A 417 -55.89 -17.02 -0.72
N MET B 1 -20.85 14.12 54.72
CA MET B 1 -21.38 13.16 53.74
C MET B 1 -20.33 12.70 52.74
N ASN B 2 -20.71 11.75 51.90
CA ASN B 2 -19.82 11.18 50.89
C ASN B 2 -19.98 11.94 49.59
N LEU B 3 -18.86 12.27 48.96
CA LEU B 3 -18.91 13.04 47.72
C LEU B 3 -19.72 12.32 46.65
N THR B 4 -19.53 11.00 46.53
CA THR B 4 -20.30 10.24 45.56
C THR B 4 -21.79 10.31 45.90
N GLU B 5 -22.10 10.46 47.19
CA GLU B 5 -23.49 10.59 47.64
C GLU B 5 -24.12 11.90 47.18
N LEU B 6 -23.40 13.02 47.29
CA LEU B 6 -24.01 14.31 46.94
C LEU B 6 -24.43 14.35 45.48
N LYS B 7 -23.70 13.65 44.61
CA LYS B 7 -24.08 13.53 43.21
C LYS B 7 -25.34 12.69 43.05
N ASN B 8 -25.52 11.68 43.90
CA ASN B 8 -26.70 10.82 43.82
C ASN B 8 -27.94 11.54 44.28
N THR B 9 -27.77 12.63 45.03
CA THR B 9 -28.89 13.44 45.45
C THR B 9 -29.49 14.15 44.24
N PRO B 10 -30.81 14.18 44.10
CA PRO B 10 -31.39 15.01 43.05
C PRO B 10 -31.09 16.46 43.37
N VAL B 11 -31.04 17.29 42.32
CA VAL B 11 -30.62 18.67 42.54
C VAL B 11 -31.62 19.43 43.40
N SER B 12 -32.90 19.06 43.32
CA SER B 12 -33.93 19.77 44.07
C SER B 12 -33.73 19.61 45.57
N GLU B 13 -33.47 18.39 46.03
CA GLU B 13 -33.23 18.15 47.45
C GLU B 13 -31.88 18.69 47.90
N LEU B 14 -30.87 18.61 47.02
CA LEU B 14 -29.52 19.01 47.42
C LEU B 14 -29.43 20.50 47.74
N ILE B 15 -30.17 21.33 47.01
CA ILE B 15 -30.19 22.76 47.30
C ILE B 15 -30.84 23.02 48.65
N THR B 16 -31.92 22.28 48.96
CA THR B 16 -32.65 22.51 50.22
C THR B 16 -31.76 22.20 51.43
N LEU B 17 -30.92 21.17 51.33
CA LEU B 17 -29.98 20.91 52.42
C LEU B 17 -28.95 22.03 52.52
N GLY B 18 -28.52 22.56 51.38
CA GLY B 18 -27.52 23.61 51.38
C GLY B 18 -28.01 24.94 51.92
N GLU B 19 -29.28 25.28 51.65
CA GLU B 19 -29.80 26.58 52.06
C GLU B 19 -29.78 26.74 53.57
N ASN B 20 -30.14 25.70 54.32
CA ASN B 20 -30.06 25.80 55.78
C ASN B 20 -28.61 25.77 56.27
N MET B 21 -27.70 25.16 55.50
CA MET B 21 -26.30 25.06 55.86
C MET B 21 -25.47 26.30 55.51
N GLY B 22 -26.08 27.47 55.29
CA GLY B 22 -25.32 28.69 55.13
C GLY B 22 -25.11 29.18 53.71
N LEU B 23 -25.72 28.53 52.73
CA LEU B 23 -25.59 28.95 51.34
C LEU B 23 -26.66 29.95 50.94
N GLU B 24 -26.40 30.58 49.80
CA GLU B 24 -27.36 31.41 49.08
C GLU B 24 -28.03 30.50 48.06
N ASN B 25 -28.96 31.03 47.28
CA ASN B 25 -29.62 30.22 46.29
C ASN B 25 -28.62 29.77 45.23
N LEU B 26 -28.32 28.47 45.19
CA LEU B 26 -27.40 27.89 44.22
C LEU B 26 -28.14 27.23 43.07
N ALA B 27 -29.41 27.61 42.88
CA ALA B 27 -30.15 27.12 41.73
C ALA B 27 -29.52 27.65 40.45
N ARG B 28 -28.96 28.85 40.52
CA ARG B 28 -28.21 29.42 39.40
C ARG B 28 -26.93 28.64 39.14
N MET B 29 -26.32 28.09 40.19
CA MET B 29 -25.04 27.42 40.08
C MET B 29 -25.21 26.01 39.54
N ARG B 30 -24.13 25.46 39.01
CA ARG B 30 -24.15 24.12 38.45
C ARG B 30 -24.17 23.09 39.56
N LYS B 31 -24.46 21.83 39.19
CA LYS B 31 -24.56 20.78 40.21
C LYS B 31 -23.23 20.58 40.91
N GLN B 32 -22.13 20.60 40.15
CA GLN B 32 -20.81 20.46 40.75
C GLN B 32 -20.42 21.66 41.59
N ASP B 33 -20.90 22.86 41.23
CA ASP B 33 -20.61 24.03 42.06
C ASP B 33 -21.32 23.91 43.39
N ILE B 34 -22.48 23.24 43.41
CA ILE B 34 -23.14 22.93 44.67
C ILE B 34 -22.31 21.95 45.48
N ILE B 35 -21.72 20.95 44.81
CA ILE B 35 -20.89 19.97 45.51
C ILE B 35 -19.68 20.64 46.12
N PHE B 36 -19.00 21.48 45.33
CA PHE B 36 -17.80 22.17 45.82
C PHE B 36 -18.13 23.10 46.98
N ALA B 37 -19.25 23.81 46.89
CA ALA B 37 -19.67 24.72 47.95
C ALA B 37 -19.98 23.97 49.24
N ILE B 38 -20.59 22.78 49.12
CA ILE B 38 -20.97 22.00 50.29
C ILE B 38 -19.74 21.63 51.12
N LEU B 39 -18.67 21.18 50.45
CA LEU B 39 -17.44 20.88 51.17
C LEU B 39 -16.86 22.13 51.82
N LYS B 40 -16.99 23.29 51.15
CA LYS B 40 -16.42 24.52 51.67
C LYS B 40 -17.09 24.94 52.97
N GLN B 41 -18.40 24.73 53.10
CA GLN B 41 -19.09 25.10 54.32
C GLN B 41 -18.87 24.11 55.44
N HIS B 42 -18.70 22.83 55.10
CA HIS B 42 -18.43 21.80 56.10
C HIS B 42 -17.00 21.82 56.62
N ALA B 43 -16.07 22.48 55.93
CA ALA B 43 -14.70 22.59 56.41
C ALA B 43 -14.61 23.25 57.79
N LYS B 44 -15.74 23.69 58.33
CA LYS B 44 -15.77 24.27 59.66
C LYS B 44 -15.44 23.24 60.74
N SER B 45 -15.77 21.97 60.50
CA SER B 45 -15.52 20.94 61.49
C SER B 45 -14.82 19.73 60.90
N GLY B 46 -13.83 19.25 61.64
CA GLY B 46 -13.08 18.02 61.44
C GLY B 46 -13.80 16.79 60.88
N GLU B 47 -13.18 16.10 59.91
CA GLU B 47 -13.62 14.77 59.49
C GLU B 47 -15.05 14.76 58.96
N ASP B 48 -15.38 15.73 58.12
CA ASP B 48 -16.75 15.80 57.59
C ASP B 48 -16.91 15.24 56.19
N ILE B 49 -15.84 15.08 55.42
CA ILE B 49 -15.93 14.74 54.00
C ILE B 49 -15.36 13.34 53.76
N PHE B 50 -16.05 12.56 52.93
CA PHE B 50 -15.65 11.19 52.60
C PHE B 50 -15.85 10.97 51.11
N GLY B 51 -15.21 9.93 50.58
CA GLY B 51 -15.27 9.66 49.14
C GLY B 51 -14.90 8.25 48.79
N ASP B 52 -15.27 7.85 47.57
CA ASP B 52 -15.04 6.51 47.05
C ASP B 52 -14.75 6.57 45.55
N GLY B 53 -13.83 5.72 45.10
CA GLY B 53 -13.50 5.68 43.67
C GLY B 53 -12.57 4.52 43.37
N VAL B 54 -12.39 4.28 42.07
CA VAL B 54 -11.51 3.23 41.55
C VAL B 54 -10.22 3.87 41.06
N LEU B 55 -9.08 3.31 41.47
CA LEU B 55 -7.80 3.94 41.18
C LEU B 55 -7.44 3.80 39.71
N GLU B 56 -7.05 4.93 39.10
CA GLU B 56 -6.47 4.96 37.76
C GLU B 56 -5.18 5.76 37.81
N ILE B 57 -4.07 5.16 37.40
CA ILE B 57 -2.77 5.81 37.44
C ILE B 57 -2.40 6.25 36.02
N LEU B 58 -2.31 7.55 35.82
CA LEU B 58 -1.92 8.15 34.54
C LEU B 58 -0.42 8.00 34.31
N GLN B 59 -0.03 8.25 33.05
CA GLN B 59 1.36 8.10 32.61
C GLN B 59 2.34 8.81 33.55
N ASP B 60 2.23 10.13 33.66
CA ASP B 60 3.14 10.94 34.47
C ASP B 60 3.52 10.37 35.83
N GLY B 61 2.57 9.80 36.54
CA GLY B 61 2.86 9.40 37.90
C GLY B 61 1.58 9.38 38.71
N PHE B 62 1.02 10.57 38.87
CA PHE B 62 -0.16 10.80 39.70
C PHE B 62 -1.38 10.02 39.21
N GLY B 63 -2.53 10.27 39.80
CA GLY B 63 -3.70 9.46 39.51
C GLY B 63 -4.98 10.12 39.96
N PHE B 64 -6.08 9.65 39.39
CA PHE B 64 -7.42 10.14 39.70
C PHE B 64 -8.34 8.96 39.98
N LEU B 65 -9.17 9.11 41.02
CA LEU B 65 -10.17 8.08 41.28
C LEU B 65 -11.25 8.18 40.21
N ARG B 66 -11.73 7.03 39.76
CA ARG B 66 -12.73 7.00 38.71
C ARG B 66 -13.98 6.29 39.20
N SER B 67 -15.14 6.85 38.87
CA SER B 67 -16.41 6.26 39.22
C SER B 67 -16.76 5.17 38.22
N ALA B 68 -17.30 4.06 38.71
CA ALA B 68 -17.59 2.96 37.79
C ALA B 68 -18.94 3.14 37.10
N ASP B 69 -19.89 3.81 37.75
CA ASP B 69 -21.19 4.05 37.12
C ASP B 69 -21.06 4.96 35.91
N SER B 70 -20.09 5.88 35.92
CA SER B 70 -19.85 6.77 34.79
C SER B 70 -18.96 6.14 33.73
N SER B 71 -18.52 4.89 33.95
CA SER B 71 -17.71 4.12 33.02
C SER B 71 -16.27 4.60 33.04
N TYR B 72 -15.85 5.16 34.18
CA TYR B 72 -14.49 5.69 34.36
C TYR B 72 -14.20 6.87 33.45
N LEU B 73 -15.22 7.46 32.84
CA LEU B 73 -15.11 8.75 32.15
C LEU B 73 -14.28 9.74 32.96
N ALA B 74 -14.13 10.96 32.48
CA ALA B 74 -13.35 11.95 33.20
C ALA B 74 -14.24 13.13 33.53
N GLY B 75 -13.92 13.82 34.62
CA GLY B 75 -14.65 14.98 35.01
C GLY B 75 -14.11 15.64 36.25
N PRO B 76 -14.80 16.69 36.73
CA PRO B 76 -14.22 17.54 37.78
C PRO B 76 -14.46 17.05 39.19
N ASP B 77 -15.26 16.00 39.37
CA ASP B 77 -15.50 15.46 40.70
C ASP B 77 -14.59 14.30 41.04
N ASP B 78 -13.78 13.86 40.09
CA ASP B 78 -12.83 12.79 40.36
C ASP B 78 -11.79 13.28 41.33
N ILE B 79 -11.27 12.37 42.13
CA ILE B 79 -10.42 12.74 43.25
C ILE B 79 -8.96 12.46 42.88
N TYR B 80 -8.08 13.36 43.31
CA TYR B 80 -6.66 13.29 42.99
C TYR B 80 -5.91 12.50 44.04
N VAL B 81 -5.05 11.59 43.58
CA VAL B 81 -4.16 10.83 44.46
C VAL B 81 -2.73 11.29 44.19
N SER B 82 -2.00 11.54 45.27
CA SER B 82 -0.65 12.04 45.10
C SER B 82 0.28 10.90 44.69
N PRO B 83 1.38 11.20 43.99
CA PRO B 83 2.34 10.13 43.64
C PRO B 83 2.99 9.49 44.85
N SER B 84 2.85 10.07 46.03
CA SER B 84 3.35 9.49 47.27
C SER B 84 2.33 8.54 47.87
N GLN B 85 1.05 8.96 47.89
CA GLN B 85 -0.02 8.10 48.37
C GLN B 85 -0.02 6.75 47.66
N ILE B 86 0.26 6.75 46.36
CA ILE B 86 0.25 5.51 45.60
C ILE B 86 1.39 4.60 46.05
N ARG B 87 2.59 5.17 46.17
CA ARG B 87 3.76 4.37 46.55
C ARG B 87 3.72 3.97 48.01
N ARG B 88 3.16 4.80 48.89
CA ARG B 88 3.17 4.50 50.31
C ARG B 88 2.41 3.21 50.60
N PHE B 89 1.21 3.07 50.05
CA PHE B 89 0.43 1.85 50.22
C PHE B 89 0.62 0.86 49.08
N ASN B 90 1.50 1.17 48.13
CA ASN B 90 1.77 0.31 46.97
C ASN B 90 0.46 -0.01 46.24
N LEU B 91 -0.32 1.04 46.03
CA LEU B 91 -1.60 0.93 45.34
C LEU B 91 -1.40 0.55 43.89
N ARG B 92 -2.34 -0.23 43.36
CA ARG B 92 -2.25 -0.76 42.01
C ARG B 92 -3.52 -0.40 41.24
N THR B 93 -3.37 -0.27 39.92
CA THR B 93 -4.52 0.03 39.06
C THR B 93 -5.64 -0.96 39.31
N GLY B 94 -6.85 -0.43 39.52
CA GLY B 94 -8.01 -1.25 39.79
C GLY B 94 -8.31 -1.41 41.26
N ASP B 95 -7.43 -0.93 42.14
CA ASP B 95 -7.67 -1.00 43.58
C ASP B 95 -8.82 -0.08 43.94
N THR B 96 -9.82 -0.64 44.64
CA THR B 96 -10.95 0.15 45.12
C THR B 96 -10.53 0.93 46.36
N ILE B 97 -10.57 2.26 46.27
CA ILE B 97 -10.03 3.15 47.29
C ILE B 97 -11.17 3.91 47.93
N SER B 98 -11.23 3.87 49.26
CA SER B 98 -12.21 4.60 50.07
C SER B 98 -11.43 5.52 51.00
N GLY B 99 -11.29 6.78 50.62
CA GLY B 99 -10.49 7.71 51.38
C GLY B 99 -11.20 9.00 51.76
N LYS B 100 -10.75 9.58 52.87
CA LYS B 100 -11.11 10.94 53.23
C LYS B 100 -10.49 11.92 52.24
N ILE B 101 -11.29 12.85 51.72
CA ILE B 101 -10.75 13.91 50.88
C ILE B 101 -10.72 15.19 51.71
N ARG B 102 -9.77 16.05 51.41
CA ARG B 102 -9.68 17.34 52.06
C ARG B 102 -10.36 18.39 51.18
N PRO B 103 -10.85 19.51 51.71
CA PRO B 103 -11.48 20.50 50.84
C PRO B 103 -10.47 21.13 49.91
N PRO B 104 -10.81 21.24 48.62
CA PRO B 104 -9.86 21.76 47.64
C PRO B 104 -9.50 23.21 47.91
N LYS B 105 -8.28 23.58 47.51
CA LYS B 105 -7.84 24.95 47.68
C LYS B 105 -8.60 25.83 46.70
N GLU B 106 -8.33 27.13 46.72
CA GLU B 106 -9.02 28.05 45.83
C GLU B 106 -8.21 28.22 44.55
N GLY B 107 -8.90 28.19 43.42
CA GLY B 107 -8.24 28.18 42.13
C GLY B 107 -7.94 26.80 41.58
N GLU B 108 -8.02 25.76 42.41
CA GLU B 108 -7.80 24.38 41.96
C GLU B 108 -9.08 23.59 42.13
N ARG B 109 -9.62 23.11 41.02
CA ARG B 109 -10.90 22.40 40.98
C ARG B 109 -10.73 20.90 41.11
N TYR B 110 -9.57 20.42 41.56
CA TYR B 110 -9.33 19.01 41.77
C TYR B 110 -9.41 18.72 43.26
N PHE B 111 -10.24 17.76 43.64
CA PHE B 111 -10.35 17.39 45.04
C PHE B 111 -9.14 16.56 45.44
N ALA B 112 -8.38 17.07 46.41
CA ALA B 112 -7.22 16.38 46.98
C ALA B 112 -7.64 15.27 47.93
N LEU B 113 -7.14 14.05 47.70
CA LEU B 113 -7.33 12.96 48.65
C LEU B 113 -6.19 13.04 49.65
N LEU B 114 -6.55 13.18 50.93
CA LEU B 114 -5.55 13.33 51.97
C LEU B 114 -5.09 11.96 52.46
N LYS B 115 -6.03 11.11 52.86
CA LYS B 115 -5.71 9.79 53.38
C LYS B 115 -6.73 8.78 52.87
N VAL B 116 -6.28 7.53 52.68
CA VAL B 116 -7.13 6.44 52.25
C VAL B 116 -7.40 5.55 53.45
N ASN B 117 -8.66 5.14 53.62
CA ASN B 117 -9.06 4.32 54.76
C ASN B 117 -9.14 2.84 54.43
N GLU B 118 -9.81 2.47 53.33
CA GLU B 118 -9.96 1.07 52.96
C GLU B 118 -9.42 0.84 51.57
N VAL B 119 -8.77 -0.31 51.39
CA VAL B 119 -8.24 -0.75 50.10
C VAL B 119 -8.83 -2.13 49.79
N ASN B 120 -9.50 -2.24 48.64
CA ASN B 120 -10.16 -3.48 48.21
C ASN B 120 -11.18 -3.98 49.23
N PHE B 121 -11.96 -3.06 49.80
CA PHE B 121 -12.95 -3.38 50.83
C PHE B 121 -12.29 -4.08 52.02
N ASP B 122 -11.02 -3.75 52.25
CA ASP B 122 -10.19 -4.38 53.26
C ASP B 122 -9.29 -3.31 53.86
N LYS B 123 -8.61 -3.66 54.95
CA LYS B 123 -7.83 -2.71 55.72
C LYS B 123 -6.77 -2.04 54.86
N PRO B 124 -6.07 -1.01 55.36
CA PRO B 124 -5.07 -0.33 54.51
C PRO B 124 -3.85 -1.15 54.18
N GLU B 125 -3.57 -2.21 54.93
CA GLU B 125 -2.41 -3.07 54.69
C GLU B 125 -2.92 -4.42 54.23
N ASN B 126 -2.89 -4.64 52.91
CA ASN B 126 -3.30 -5.91 52.31
C ASN B 126 -2.59 -6.15 50.98
N ASN B 129 -1.22 -7.94 48.06
CA ASN B 129 -1.23 -9.39 48.16
C ASN B 129 -0.55 -10.05 46.97
N LYS B 130 -1.32 -10.93 46.32
CA LYS B 130 -0.91 -11.64 45.13
C LYS B 130 -1.45 -10.92 43.90
N ILE B 131 -0.63 -10.78 42.87
CA ILE B 131 -1.05 -10.18 41.61
C ILE B 131 -1.46 -11.30 40.66
N LEU B 132 -2.37 -11.00 39.72
CA LEU B 132 -2.89 -12.06 38.86
C LEU B 132 -1.79 -12.68 37.99
N PHE B 133 -0.78 -11.90 37.60
CA PHE B 133 0.32 -12.45 36.81
C PHE B 133 1.11 -13.50 37.59
N GLU B 134 1.01 -13.50 38.92
CA GLU B 134 1.74 -14.46 39.73
C GLU B 134 0.86 -15.59 40.21
N ASN B 135 -0.46 -15.46 40.08
CA ASN B 135 -1.35 -16.54 40.48
C ASN B 135 -1.15 -17.73 39.55
N LEU B 136 -1.25 -18.93 40.10
CA LEU B 136 -1.07 -20.12 39.30
C LEU B 136 -2.31 -20.35 38.44
N THR B 137 -2.10 -20.90 37.24
CA THR B 137 -3.19 -21.06 36.28
C THR B 137 -3.41 -22.52 35.89
N PRO B 138 -4.45 -23.16 36.42
CA PRO B 138 -4.80 -24.51 35.98
C PRO B 138 -5.53 -24.49 34.66
N LEU B 139 -6.08 -25.64 34.26
CA LEU B 139 -6.89 -25.77 33.06
C LEU B 139 -8.21 -24.99 33.14
N HIS B 140 -8.44 -24.31 34.26
CA HIS B 140 -9.68 -23.59 34.57
C HIS B 140 -10.90 -24.35 34.06
N ALA B 141 -11.02 -25.58 34.55
CA ALA B 141 -12.21 -26.41 34.38
C ALA B 141 -12.50 -27.16 35.67
N ASN B 142 -12.49 -26.46 36.81
CA ASN B 142 -12.72 -27.12 38.08
C ASN B 142 -14.16 -26.99 38.54
N SER B 143 -14.72 -25.79 38.44
CA SER B 143 -16.14 -25.58 38.67
C SER B 143 -16.79 -25.16 37.36
N ARG B 144 -18.05 -25.55 37.19
CA ARG B 144 -18.79 -25.26 35.97
C ARG B 144 -19.85 -24.22 36.28
N LEU B 145 -20.06 -23.30 35.33
CA LEU B 145 -21.07 -22.25 35.50
C LEU B 145 -22.37 -22.70 34.85
N ARG B 146 -23.35 -23.03 35.68
CA ARG B 146 -24.64 -23.53 35.22
C ARG B 146 -25.59 -22.42 34.80
N MET B 147 -26.29 -22.63 33.69
CA MET B 147 -27.35 -21.71 33.25
C MET B 147 -28.63 -22.50 33.02
N GLY B 152 -37.68 -23.54 32.08
CA GLY B 152 -39.05 -23.69 31.62
C GLY B 152 -39.49 -22.57 30.71
N SER B 153 -39.03 -21.34 31.00
CA SER B 153 -39.43 -20.20 30.20
C SER B 153 -38.80 -20.30 28.81
N THR B 154 -39.17 -19.34 27.95
CA THR B 154 -38.59 -19.31 26.61
C THR B 154 -37.14 -18.84 26.61
N GLU B 155 -36.77 -17.94 27.52
CA GLU B 155 -35.41 -17.42 27.52
C GLU B 155 -34.41 -18.39 28.12
N ASP B 156 -34.85 -19.31 28.99
CA ASP B 156 -33.93 -20.34 29.49
C ASP B 156 -33.60 -21.38 28.44
N LEU B 157 -34.33 -21.42 27.32
CA LEU B 157 -34.00 -22.36 26.26
C LEU B 157 -32.59 -22.12 25.74
N THR B 158 -32.19 -20.85 25.60
CA THR B 158 -30.82 -20.54 25.25
C THR B 158 -29.86 -21.02 26.33
N ALA B 159 -30.25 -20.85 27.60
CA ALA B 159 -29.41 -21.31 28.69
C ALA B 159 -29.29 -22.83 28.71
N ARG B 160 -30.36 -23.53 28.31
CA ARG B 160 -30.30 -24.99 28.27
C ARG B 160 -29.37 -25.45 27.16
N VAL B 161 -29.53 -24.90 25.96
CA VAL B 161 -28.69 -25.30 24.84
C VAL B 161 -27.24 -24.90 25.05
N LEU B 162 -27.01 -23.72 25.64
CA LEU B 162 -25.64 -23.27 25.85
C LEU B 162 -24.89 -24.18 26.82
N ASP B 163 -25.54 -24.57 27.92
CA ASP B 163 -24.87 -25.46 28.88
C ASP B 163 -24.62 -26.85 28.30
N LEU B 164 -25.49 -27.31 27.39
CA LEU B 164 -25.28 -28.62 26.76
C LEU B 164 -24.31 -28.55 25.59
N ALA B 165 -24.32 -27.45 24.83
CA ALA B 165 -23.47 -27.37 23.64
C ALA B 165 -22.03 -27.06 24.02
N SER B 166 -21.81 -26.01 24.80
CA SER B 166 -20.46 -25.60 25.21
C SER B 166 -20.55 -25.19 26.67
N PRO B 167 -20.16 -26.07 27.59
CA PRO B 167 -20.24 -25.76 29.03
C PRO B 167 -19.18 -24.76 29.45
N ILE B 168 -19.64 -23.59 29.90
CA ILE B 168 -18.77 -22.55 30.44
C ILE B 168 -18.35 -22.93 31.86
N GLY B 169 -17.10 -22.62 32.21
CA GLY B 169 -16.60 -22.88 33.54
C GLY B 169 -15.99 -21.63 34.16
N ARG B 170 -15.61 -21.78 35.43
CA ARG B 170 -14.99 -20.67 36.16
C ARG B 170 -13.56 -20.46 35.70
N GLY B 171 -13.31 -19.29 35.13
CA GLY B 171 -12.00 -18.94 34.62
C GLY B 171 -11.80 -19.26 33.16
N GLN B 172 -12.86 -19.66 32.46
CA GLN B 172 -12.77 -20.12 31.08
C GLN B 172 -12.98 -18.98 30.09
N ARG B 173 -12.12 -18.93 29.07
CA ARG B 173 -12.20 -17.92 28.02
C ARG B 173 -13.14 -18.36 26.90
N GLY B 174 -14.31 -17.75 26.86
CA GLY B 174 -15.31 -18.08 25.86
C GLY B 174 -15.20 -17.14 24.67
N LEU B 175 -15.20 -17.71 23.48
CA LEU B 175 -15.23 -16.91 22.26
C LEU B 175 -16.52 -17.29 21.55
N ILE B 176 -17.48 -16.38 21.56
CA ILE B 176 -18.76 -16.58 20.91
C ILE B 176 -18.67 -15.77 19.63
N VAL B 177 -18.42 -16.44 18.52
CA VAL B 177 -18.26 -15.78 17.24
C VAL B 177 -19.64 -15.59 16.63
N ALA B 178 -19.93 -14.36 16.21
CA ALA B 178 -21.28 -13.98 15.81
C ALA B 178 -21.24 -13.25 14.49
N PRO B 179 -21.82 -13.79 13.42
CA PRO B 179 -22.05 -13.01 12.22
C PRO B 179 -23.08 -11.93 12.47
N PRO B 180 -23.19 -10.95 11.59
CA PRO B 180 -24.16 -9.87 11.81
C PRO B 180 -25.59 -10.38 11.82
N LYS B 181 -26.45 -9.67 12.56
CA LYS B 181 -27.87 -9.98 12.67
C LYS B 181 -28.09 -11.44 13.08
N ALA B 182 -27.36 -11.88 14.11
CA ALA B 182 -27.51 -13.23 14.64
C ALA B 182 -28.05 -13.26 16.05
N GLY B 183 -28.59 -12.14 16.54
CA GLY B 183 -29.05 -12.09 17.92
C GLY B 183 -27.95 -12.15 18.95
N LYS B 184 -26.79 -11.55 18.63
CA LYS B 184 -25.69 -11.54 19.60
C LYS B 184 -26.07 -10.80 20.87
N THR B 185 -26.73 -9.65 20.74
CA THR B 185 -27.03 -8.85 21.93
C THR B 185 -28.03 -9.53 22.85
N MET B 186 -29.09 -10.12 22.30
CA MET B 186 -30.07 -10.80 23.14
C MET B 186 -29.48 -12.05 23.80
N LEU B 187 -28.60 -12.76 23.09
CA LEU B 187 -28.02 -13.98 23.63
C LEU B 187 -27.13 -13.67 24.83
N LEU B 188 -26.28 -12.65 24.71
CA LEU B 188 -25.45 -12.25 25.83
C LEU B 188 -26.28 -11.75 27.01
N GLN B 189 -27.41 -11.09 26.74
CA GLN B 189 -28.29 -10.62 27.81
C GLN B 189 -28.97 -11.77 28.53
N ASN B 190 -29.45 -12.77 27.78
CA ASN B 190 -30.09 -13.91 28.44
C ASN B 190 -29.09 -14.72 29.24
N ILE B 191 -27.83 -14.76 28.80
CA ILE B 191 -26.80 -15.42 29.58
C ILE B 191 -26.47 -14.60 30.82
N ALA B 192 -26.36 -13.28 30.67
CA ALA B 192 -25.94 -12.43 31.78
C ALA B 192 -26.92 -12.47 32.96
N GLN B 193 -28.22 -12.34 32.69
CA GLN B 193 -29.17 -12.40 33.79
C GLN B 193 -29.20 -13.78 34.42
N SER B 194 -29.14 -14.84 33.60
CA SER B 194 -29.20 -16.19 34.15
C SER B 194 -27.96 -16.55 34.94
N ILE B 195 -26.79 -16.03 34.54
CA ILE B 195 -25.57 -16.31 35.30
C ILE B 195 -25.66 -15.70 36.69
N ALA B 196 -26.19 -14.47 36.80
CA ALA B 196 -26.29 -13.81 38.09
C ALA B 196 -27.25 -14.53 39.02
N TYR B 197 -28.29 -15.16 38.46
CA TYR B 197 -29.26 -15.88 39.30
C TYR B 197 -28.66 -17.19 39.79
N ASN B 198 -28.02 -17.95 38.89
CA ASN B 198 -27.47 -19.24 39.26
C ASN B 198 -26.24 -19.11 40.14
N HIS B 199 -25.47 -18.02 39.96
CA HIS B 199 -24.23 -17.79 40.68
C HIS B 199 -24.21 -16.35 41.19
N PRO B 200 -24.87 -16.08 42.32
CA PRO B 200 -24.80 -14.72 42.90
C PRO B 200 -23.43 -14.38 43.45
N ASP B 201 -22.61 -15.39 43.79
CA ASP B 201 -21.28 -15.11 44.30
C ASP B 201 -20.41 -14.41 43.26
N CYS B 202 -20.61 -14.73 41.98
CA CYS B 202 -19.83 -14.13 40.92
C CYS B 202 -20.35 -12.73 40.60
N VAL B 203 -19.44 -11.78 40.53
CA VAL B 203 -19.76 -10.39 40.19
C VAL B 203 -19.67 -10.23 38.67
N LEU B 204 -20.75 -9.72 38.07
CA LEU B 204 -20.85 -9.61 36.62
C LEU B 204 -20.31 -8.24 36.19
N MET B 205 -19.45 -8.24 35.16
CA MET B 205 -18.77 -7.02 34.71
C MET B 205 -18.84 -6.95 33.18
N VAL B 206 -20.01 -6.69 32.62
CA VAL B 206 -20.15 -6.65 31.17
C VAL B 206 -19.55 -5.37 30.59
N LEU B 207 -18.84 -5.52 29.46
CA LEU B 207 -18.22 -4.42 28.74
C LEU B 207 -18.78 -4.33 27.33
N LEU B 208 -19.05 -3.10 26.90
CA LEU B 208 -19.54 -2.82 25.56
C LEU B 208 -18.50 -1.92 24.91
N ILE B 209 -18.01 -2.33 23.75
CA ILE B 209 -17.00 -1.59 23.01
C ILE B 209 -17.54 -1.26 21.64
N ASP B 210 -17.44 0.03 21.25
CA ASP B 210 -17.96 0.50 19.97
C ASP B 210 -19.40 0.05 19.79
N GLU B 211 -20.19 0.18 20.85
CA GLU B 211 -21.58 -0.23 20.87
C GLU B 211 -22.48 0.99 20.77
N ARG B 212 -23.59 0.83 20.04
CA ARG B 212 -24.52 1.92 19.80
C ARG B 212 -25.15 2.42 21.09
N PRO B 213 -25.39 3.73 21.22
CA PRO B 213 -25.99 4.25 22.46
C PRO B 213 -27.39 3.71 22.74
N GLU B 214 -28.09 3.21 21.72
CA GLU B 214 -29.39 2.60 21.97
C GLU B 214 -29.23 1.34 22.83
N GLU B 215 -28.23 0.52 22.49
CA GLU B 215 -28.05 -0.77 23.15
C GLU B 215 -27.52 -0.65 24.57
N VAL B 216 -26.75 0.40 24.87
CA VAL B 216 -26.19 0.54 26.23
C VAL B 216 -27.31 0.69 27.25
N THR B 217 -28.37 1.43 26.90
CA THR B 217 -29.47 1.62 27.84
C THR B 217 -30.20 0.32 28.10
N GLU B 218 -30.44 -0.48 27.05
CA GLU B 218 -31.05 -1.80 27.25
C GLU B 218 -30.18 -2.65 28.16
N MET B 219 -28.85 -2.60 27.97
CA MET B 219 -27.95 -3.38 28.82
C MET B 219 -28.03 -2.88 30.25
N GLN B 220 -28.23 -1.58 30.45
CA GLN B 220 -28.37 -1.04 31.79
C GLN B 220 -29.60 -1.61 32.46
N ARG B 221 -30.69 -1.76 31.70
CA ARG B 221 -31.97 -2.18 32.26
C ARG B 221 -32.10 -3.70 32.39
N LEU B 222 -31.53 -4.48 31.46
CA LEU B 222 -31.72 -5.92 31.48
C LEU B 222 -30.53 -6.72 32.01
N VAL B 223 -29.31 -6.19 31.97
CA VAL B 223 -28.15 -6.92 32.48
C VAL B 223 -27.87 -6.41 33.89
N LYS B 224 -27.78 -7.34 34.83
CA LYS B 224 -27.98 -7.05 36.23
C LYS B 224 -26.65 -7.09 36.98
N GLY B 225 -25.84 -6.08 36.72
CA GLY B 225 -24.50 -5.98 37.27
C GLY B 225 -23.88 -4.72 36.73
N GLU B 226 -22.62 -4.51 37.07
CA GLU B 226 -21.93 -3.32 36.58
C GLU B 226 -21.88 -3.38 35.06
N VAL B 227 -22.43 -2.36 34.42
CA VAL B 227 -22.51 -2.26 32.97
C VAL B 227 -21.71 -1.04 32.55
N VAL B 228 -20.47 -1.25 32.14
CA VAL B 228 -19.57 -0.22 31.65
C VAL B 228 -19.48 -0.33 30.14
N ALA B 229 -19.49 0.81 29.45
CA ALA B 229 -19.61 0.78 28.00
C ALA B 229 -18.81 1.89 27.35
N SER B 230 -18.69 1.79 26.02
CA SER B 230 -18.05 2.80 25.19
C SER B 230 -18.78 2.87 23.85
N THR B 231 -19.20 4.08 23.47
CA THR B 231 -19.93 4.34 22.23
C THR B 231 -19.00 4.88 21.14
N PHE B 232 -19.46 4.79 19.89
CA PHE B 232 -18.70 5.33 18.77
C PHE B 232 -18.55 6.84 18.89
N ASP B 233 -19.47 7.52 19.60
CA ASP B 233 -19.33 8.95 19.84
C ASP B 233 -18.12 9.30 20.69
N GLU B 234 -17.49 8.32 21.28
CA GLU B 234 -16.30 8.57 22.08
C GLU B 234 -15.07 8.10 21.32
N PRO B 235 -13.94 8.79 21.48
CA PRO B 235 -12.77 8.51 20.64
C PRO B 235 -12.22 7.11 20.89
N ALA B 236 -11.30 6.71 20.01
CA ALA B 236 -10.69 5.39 20.13
C ALA B 236 -9.89 5.27 21.42
N SER B 237 -9.26 6.36 21.85
CA SER B 237 -8.56 6.36 23.13
C SER B 237 -9.51 6.07 24.28
N ARG B 238 -10.79 6.43 24.12
CA ARG B 238 -11.78 6.15 25.15
C ARG B 238 -12.08 4.66 25.25
N HIS B 239 -12.22 3.98 24.11
CA HIS B 239 -12.53 2.55 24.11
C HIS B 239 -11.46 1.74 24.82
N VAL B 240 -10.20 2.09 24.62
CA VAL B 240 -9.11 1.35 25.25
C VAL B 240 -9.02 1.69 26.74
N GLN B 241 -9.30 2.95 27.09
CA GLN B 241 -9.19 3.39 28.47
C GLN B 241 -10.18 2.64 29.36
N VAL B 242 -11.42 2.48 28.90
CA VAL B 242 -12.42 1.77 29.69
C VAL B 242 -12.09 0.29 29.80
N ALA B 243 -11.42 -0.27 28.78
CA ALA B 243 -11.18 -1.72 28.77
C ALA B 243 -10.14 -2.13 29.80
N GLU B 244 -8.99 -1.44 29.83
CA GLU B 244 -7.97 -1.79 30.82
C GLU B 244 -8.46 -1.58 32.24
N MET B 245 -9.25 -0.53 32.47
CA MET B 245 -9.73 -0.23 33.82
C MET B 245 -10.56 -1.38 34.35
N VAL B 246 -11.41 -1.96 33.51
CA VAL B 246 -12.32 -3.00 33.97
C VAL B 246 -11.56 -4.30 34.24
N ILE B 247 -10.67 -4.69 33.33
CA ILE B 247 -9.92 -5.93 33.50
C ILE B 247 -8.95 -5.81 34.68
N GLU B 248 -8.32 -4.64 34.84
CA GLU B 248 -7.40 -4.47 35.96
C GLU B 248 -8.14 -4.53 37.29
N LYS B 249 -9.33 -3.93 37.36
CA LYS B 249 -10.16 -4.07 38.56
C LYS B 249 -10.58 -5.51 38.77
N ALA B 250 -10.93 -6.22 37.68
CA ALA B 250 -11.29 -7.62 37.81
C ALA B 250 -10.09 -8.44 38.30
N LYS B 251 -8.90 -8.10 37.82
CA LYS B 251 -7.70 -8.80 38.29
C LYS B 251 -7.53 -8.64 39.80
N ARG B 252 -7.78 -7.44 40.32
CA ARG B 252 -7.62 -7.21 41.75
C ARG B 252 -8.63 -8.01 42.58
N LEU B 253 -9.82 -8.26 42.03
CA LEU B 253 -10.82 -9.02 42.79
C LEU B 253 -10.53 -10.51 42.83
N VAL B 254 -9.97 -11.09 41.76
CA VAL B 254 -9.59 -12.50 41.83
C VAL B 254 -8.43 -12.69 42.79
N GLU B 255 -7.54 -11.69 42.89
CA GLU B 255 -6.47 -11.75 43.88
C GLU B 255 -6.99 -11.81 45.30
N HIS B 256 -8.16 -11.21 45.55
CA HIS B 256 -8.81 -11.27 46.84
C HIS B 256 -9.87 -12.37 46.90
N LYS B 257 -9.73 -13.40 46.07
CA LYS B 257 -10.56 -14.60 46.12
C LYS B 257 -12.05 -14.26 45.96
N LYS B 258 -12.34 -13.30 45.09
CA LYS B 258 -13.71 -12.99 44.70
C LYS B 258 -13.90 -13.38 43.24
N ASP B 259 -14.99 -14.09 42.95
CA ASP B 259 -15.26 -14.52 41.59
C ASP B 259 -15.89 -13.39 40.79
N VAL B 260 -15.31 -13.10 39.63
CA VAL B 260 -15.81 -12.07 38.74
C VAL B 260 -15.94 -12.67 37.35
N ILE B 261 -17.02 -12.30 36.65
CA ILE B 261 -17.27 -12.74 35.29
C ILE B 261 -17.51 -11.51 34.41
N ILE B 262 -16.81 -11.45 33.29
CA ILE B 262 -16.90 -10.38 32.32
C ILE B 262 -17.29 -10.95 30.96
N LEU B 263 -18.22 -10.28 30.29
CA LEU B 263 -18.77 -10.65 29.00
C LEU B 263 -18.61 -9.47 28.05
N LEU B 264 -17.66 -9.58 27.11
CA LEU B 264 -17.35 -8.50 26.18
C LEU B 264 -18.18 -8.61 24.91
N ASP B 265 -18.81 -7.49 24.51
CA ASP B 265 -19.69 -7.48 23.35
C ASP B 265 -18.94 -7.50 22.02
N SER B 266 -17.71 -6.98 21.97
CA SER B 266 -16.97 -6.95 20.70
C SER B 266 -15.49 -6.88 21.03
N ILE B 267 -14.85 -8.06 21.10
CA ILE B 267 -13.39 -8.11 21.17
C ILE B 267 -12.77 -7.67 19.85
N THR B 268 -13.48 -7.86 18.73
CA THR B 268 -12.94 -7.46 17.44
C THR B 268 -12.76 -5.95 17.35
N ARG B 269 -13.75 -5.19 17.80
CA ARG B 269 -13.64 -3.74 17.76
C ARG B 269 -12.68 -3.22 18.81
N LEU B 270 -12.56 -3.93 19.93
CA LEU B 270 -11.54 -3.58 20.93
C LEU B 270 -10.15 -3.69 20.34
N ALA B 271 -9.91 -4.71 19.51
CA ALA B 271 -8.60 -4.84 18.88
C ALA B 271 -8.33 -3.71 17.89
N ARG B 272 -9.36 -3.28 17.15
CA ARG B 272 -9.18 -2.15 16.25
C ARG B 272 -8.81 -0.88 17.01
N ALA B 273 -9.31 -0.70 18.24
CA ALA B 273 -8.99 0.49 19.02
C ALA B 273 -7.52 0.51 19.45
N TYR B 274 -7.01 -0.62 19.96
CA TYR B 274 -5.56 -0.78 20.16
C TYR B 274 -4.75 -0.61 18.88
N ASN B 275 -5.26 -1.03 17.73
CA ASN B 275 -4.50 -0.83 16.50
C ASN B 275 -4.19 0.65 16.25
N THR B 276 -5.14 1.54 16.55
CA THR B 276 -4.97 2.95 16.24
C THR B 276 -4.13 3.70 17.26
N VAL B 277 -4.00 3.17 18.47
CA VAL B 277 -3.21 3.83 19.50
C VAL B 277 -1.74 3.45 19.37
N VAL B 278 -1.44 2.28 18.83
CA VAL B 278 -0.07 1.79 18.75
C VAL B 278 0.51 2.33 17.44
N PRO B 279 1.67 2.99 17.49
CA PRO B 279 2.26 3.55 16.27
C PRO B 279 2.88 2.51 15.37
N ALA B 280 2.15 1.40 15.19
CA ALA B 280 2.60 0.27 14.38
C ALA B 280 4.04 -0.09 14.72
N SER B 281 4.24 -0.92 15.72
CA SER B 281 5.61 -1.31 16.05
C SER B 281 6.17 -2.27 15.01
N GLY B 282 5.40 -3.31 14.66
CA GLY B 282 5.87 -4.27 13.67
C GLY B 282 5.95 -3.69 12.27
N LYS B 283 4.84 -3.09 11.79
CA LYS B 283 4.77 -2.49 10.46
C LYS B 283 5.11 -3.49 9.34
N VAL B 284 4.65 -4.73 9.44
CA VAL B 284 5.00 -5.65 8.35
C VAL B 284 3.82 -6.51 7.92
N LEU B 285 3.06 -7.06 8.86
CA LEU B 285 1.90 -7.86 8.44
C LEU B 285 0.88 -6.89 7.90
N THR B 286 0.53 -7.05 6.63
CA THR B 286 -0.36 -6.11 5.95
C THR B 286 -1.77 -6.68 5.77
N GLY B 287 -2.42 -6.97 6.90
CA GLY B 287 -3.79 -7.41 6.83
C GLY B 287 -4.69 -6.33 7.38
N GLY B 288 -4.16 -5.10 7.40
CA GLY B 288 -4.85 -3.92 7.87
C GLY B 288 -4.63 -3.58 9.32
N VAL B 289 -4.16 -4.53 10.12
CA VAL B 289 -3.87 -4.34 11.54
C VAL B 289 -2.37 -4.50 11.75
N ASP B 290 -1.81 -3.69 12.64
CA ASP B 290 -0.40 -3.85 12.98
C ASP B 290 -0.20 -5.13 13.77
N ALA B 291 0.79 -5.93 13.34
CA ALA B 291 0.95 -7.28 13.87
C ALA B 291 1.25 -7.28 15.37
N ASN B 292 2.20 -6.45 15.79
CA ASN B 292 2.54 -6.39 17.20
C ASN B 292 1.50 -5.63 18.02
N ALA B 293 0.60 -4.88 17.37
CA ALA B 293 -0.42 -4.13 18.09
C ALA B 293 -1.57 -5.01 18.56
N LEU B 294 -1.82 -6.14 17.89
CA LEU B 294 -2.87 -7.05 18.33
C LEU B 294 -2.43 -7.83 19.57
N HIS B 295 -1.25 -7.47 20.09
CA HIS B 295 -0.74 -7.98 21.36
C HIS B 295 -1.59 -7.49 22.53
N ARG B 296 -1.96 -6.22 22.52
CA ARG B 296 -2.68 -5.64 23.64
C ARG B 296 -4.11 -6.18 23.76
N PRO B 297 -4.85 -6.40 22.67
CA PRO B 297 -6.12 -7.13 22.81
C PRO B 297 -5.92 -8.54 23.35
N LYS B 298 -4.81 -9.19 22.99
CA LYS B 298 -4.53 -10.53 23.49
C LYS B 298 -4.34 -10.56 25.00
N ARG B 299 -3.79 -9.49 25.58
CA ARG B 299 -3.66 -9.44 27.03
C ARG B 299 -5.02 -9.44 27.72
N PHE B 300 -5.98 -8.69 27.17
CA PHE B 300 -7.34 -8.73 27.70
C PHE B 300 -7.88 -10.15 27.70
N PHE B 301 -7.71 -10.87 26.58
CA PHE B 301 -8.24 -12.22 26.49
C PHE B 301 -7.46 -13.17 27.40
N GLY B 302 -6.15 -12.96 27.53
CA GLY B 302 -5.29 -13.77 28.37
C GLY B 302 -5.46 -13.56 29.86
N ALA B 303 -6.12 -12.47 30.27
CA ALA B 303 -6.26 -12.17 31.69
C ALA B 303 -7.19 -13.13 32.42
N ALA B 304 -8.13 -13.74 31.70
CA ALA B 304 -9.10 -14.63 32.33
C ALA B 304 -8.41 -15.91 32.75
N ARG B 305 -8.40 -16.18 34.06
CA ARG B 305 -7.72 -17.36 34.58
C ARG B 305 -8.39 -17.80 35.87
N ASN B 306 -8.54 -19.11 36.01
CA ASN B 306 -8.89 -19.69 37.30
C ASN B 306 -7.65 -19.71 38.19
N VAL B 307 -7.81 -19.26 39.43
CA VAL B 307 -6.70 -19.25 40.37
C VAL B 307 -6.80 -20.51 41.22
N GLU B 308 -5.70 -21.25 41.29
CA GLU B 308 -5.66 -22.36 42.23
C GLU B 308 -5.75 -21.83 43.65
N GLU B 309 -5.16 -20.66 43.86
CA GLU B 309 -5.03 -20.12 45.20
C GLU B 309 -6.36 -19.59 45.71
N GLY B 310 -7.33 -19.44 44.79
CA GLY B 310 -8.66 -18.96 45.04
C GLY B 310 -9.08 -17.77 44.16
N GLY B 311 -10.30 -17.83 43.63
CA GLY B 311 -10.83 -16.82 42.73
C GLY B 311 -10.94 -17.33 41.30
N SER B 312 -11.73 -16.62 40.51
CA SER B 312 -11.98 -17.02 39.12
C SER B 312 -12.26 -15.82 38.23
N LEU B 313 -11.56 -15.75 37.10
CA LEU B 313 -11.78 -14.71 36.09
C LEU B 313 -12.12 -15.38 34.76
N THR B 314 -13.35 -15.22 34.32
CA THR B 314 -13.84 -15.85 33.09
C THR B 314 -14.38 -14.77 32.16
N ILE B 315 -13.76 -14.63 30.99
CA ILE B 315 -14.18 -13.65 29.98
C ILE B 315 -14.74 -14.40 28.79
N ILE B 316 -16.00 -14.15 28.46
CA ILE B 316 -16.61 -14.69 27.25
C ILE B 316 -16.89 -13.52 26.31
N ALA B 317 -15.98 -13.31 25.36
CA ALA B 317 -16.04 -12.23 24.39
C ALA B 317 -16.58 -12.72 23.05
N THR B 318 -17.10 -11.77 22.27
CA THR B 318 -17.70 -12.06 20.96
C THR B 318 -16.94 -11.35 19.85
N ALA B 319 -16.32 -12.13 18.97
CA ALA B 319 -15.67 -11.59 17.78
C ALA B 319 -16.67 -11.56 16.63
N LEU B 320 -16.66 -10.48 15.86
CA LEU B 320 -17.56 -10.34 14.72
C LEU B 320 -16.89 -10.86 13.46
N ILE B 321 -17.64 -11.65 12.69
CA ILE B 321 -17.15 -12.23 11.45
C ILE B 321 -18.15 -11.94 10.34
N ASP B 322 -17.71 -12.12 9.10
CA ASP B 322 -18.50 -11.85 7.91
C ASP B 322 -19.06 -10.42 7.91
N THR B 323 -18.29 -9.49 8.48
CA THR B 323 -18.67 -8.09 8.45
C THR B 323 -18.37 -7.43 7.11
N GLY B 324 -17.55 -8.05 6.27
CA GLY B 324 -17.15 -7.47 5.00
C GLY B 324 -15.85 -6.68 5.05
N SER B 325 -15.36 -6.33 6.24
CA SER B 325 -14.10 -5.62 6.41
C SER B 325 -13.00 -6.60 6.79
N LYS B 326 -11.88 -6.56 6.04
CA LYS B 326 -10.74 -7.44 6.33
C LYS B 326 -10.20 -7.28 7.74
N MET B 327 -10.23 -6.07 8.31
CA MET B 327 -9.70 -5.89 9.66
C MET B 327 -10.38 -6.82 10.65
N ASP B 328 -11.71 -6.88 10.61
CA ASP B 328 -12.44 -7.71 11.57
C ASP B 328 -12.18 -9.19 11.31
N GLU B 329 -12.02 -9.58 10.05
CA GLU B 329 -11.76 -10.98 9.73
C GLU B 329 -10.34 -11.38 10.09
N VAL B 330 -9.37 -10.47 9.93
CA VAL B 330 -7.99 -10.78 10.29
C VAL B 330 -7.84 -10.88 11.80
N ILE B 331 -8.55 -10.04 12.56
CA ILE B 331 -8.46 -10.09 14.01
C ILE B 331 -9.01 -11.40 14.54
N TYR B 332 -10.10 -11.90 13.94
CA TYR B 332 -10.64 -13.18 14.37
C TYR B 332 -9.65 -14.30 14.11
N GLU B 333 -9.02 -14.31 12.94
CA GLU B 333 -8.10 -15.40 12.59
C GLU B 333 -6.88 -15.41 13.51
N GLU B 334 -6.44 -14.24 13.99
CA GLU B 334 -5.36 -14.23 14.96
C GLU B 334 -5.83 -14.67 16.34
N PHE B 335 -7.10 -14.42 16.68
CA PHE B 335 -7.67 -14.85 17.94
C PHE B 335 -8.19 -16.29 17.93
N LYS B 336 -8.05 -17.01 16.82
CA LYS B 336 -8.49 -18.41 16.75
C LYS B 336 -7.51 -19.32 17.49
N GLY B 337 -8.04 -20.18 18.35
CA GLY B 337 -7.24 -21.10 19.12
C GLY B 337 -6.77 -20.58 20.45
N THR B 338 -7.00 -19.32 20.76
CA THR B 338 -6.67 -18.80 22.08
C THR B 338 -7.77 -19.10 23.10
N GLY B 339 -9.02 -19.21 22.65
CA GLY B 339 -10.12 -19.48 23.55
C GLY B 339 -10.43 -20.97 23.64
N ASN B 340 -10.68 -21.43 24.86
CA ASN B 340 -11.05 -22.82 25.11
C ASN B 340 -12.54 -23.09 24.87
N MET B 341 -13.39 -22.08 24.90
CA MET B 341 -14.80 -22.28 24.54
C MET B 341 -15.02 -21.71 23.15
N GLU B 342 -15.75 -22.45 22.32
CA GLU B 342 -16.10 -21.99 20.98
C GLU B 342 -17.59 -22.21 20.74
N LEU B 343 -18.32 -21.12 20.53
CA LEU B 343 -19.75 -21.15 20.21
C LEU B 343 -20.02 -20.29 18.98
N HIS B 344 -20.42 -20.93 17.88
CA HIS B 344 -20.65 -20.26 16.61
C HIS B 344 -22.15 -19.97 16.44
N LEU B 345 -22.51 -18.69 16.32
CA LEU B 345 -23.89 -18.27 16.11
C LEU B 345 -24.22 -18.19 14.62
N SER B 346 -24.56 -19.33 14.04
CA SER B 346 -24.76 -19.38 12.59
C SER B 346 -25.88 -18.45 12.16
N ARG B 347 -25.63 -17.70 11.08
CA ARG B 347 -26.64 -16.78 10.54
C ARG B 347 -27.79 -17.55 9.90
N LYS B 348 -27.48 -18.64 9.20
CA LYS B 348 -28.50 -19.37 8.46
C LYS B 348 -29.62 -19.83 9.38
N ILE B 349 -29.29 -20.20 10.61
CA ILE B 349 -30.32 -20.62 11.56
C ILE B 349 -31.18 -19.42 11.95
N ALA B 350 -30.55 -18.25 12.11
CA ALA B 350 -31.30 -17.05 12.46
C ALA B 350 -32.26 -16.66 11.34
N GLU B 351 -31.95 -17.03 10.10
CA GLU B 351 -32.86 -16.75 9.00
C GLU B 351 -34.15 -17.57 9.16
N LYS B 352 -34.05 -18.73 9.82
CA LYS B 352 -35.21 -19.57 10.11
C LYS B 352 -35.92 -19.16 11.40
N ARG B 353 -35.57 -18.02 11.97
CA ARG B 353 -36.26 -17.36 13.10
C ARG B 353 -36.33 -18.20 14.38
N VAL B 354 -35.50 -19.21 14.56
CA VAL B 354 -35.33 -19.80 15.89
C VAL B 354 -34.32 -18.96 16.65
N PHE B 355 -34.64 -18.58 17.89
CA PHE B 355 -33.84 -17.54 18.51
C PHE B 355 -32.43 -18.01 18.87
N PRO B 356 -32.18 -19.27 19.28
CA PRO B 356 -30.80 -19.60 19.69
C PRO B 356 -29.80 -19.42 18.57
N ALA B 357 -30.08 -19.97 17.39
CA ALA B 357 -29.24 -19.78 16.21
C ALA B 357 -27.80 -20.19 16.51
N ILE B 358 -27.67 -21.45 16.95
CA ILE B 358 -26.39 -22.00 17.37
C ILE B 358 -26.05 -23.19 16.49
N ASP B 359 -24.77 -23.31 16.14
CA ASP B 359 -24.29 -24.46 15.39
C ASP B 359 -23.79 -25.47 16.41
N TYR B 360 -24.57 -26.54 16.62
CA TYR B 360 -24.25 -27.50 17.66
C TYR B 360 -23.08 -28.36 17.26
N ASN B 361 -22.90 -28.59 15.95
CA ASN B 361 -21.85 -29.48 15.47
C ASN B 361 -20.48 -28.84 15.62
N ARG B 362 -20.39 -27.52 15.43
CA ARG B 362 -19.13 -26.82 15.60
C ARG B 362 -18.93 -26.30 17.02
N SER B 363 -19.98 -26.32 17.85
CA SER B 363 -19.88 -25.84 19.21
C SER B 363 -19.30 -26.93 20.10
N GLY B 364 -18.28 -26.57 20.87
CA GLY B 364 -17.63 -27.51 21.77
C GLY B 364 -16.69 -26.81 22.72
N THR B 365 -16.45 -27.42 23.88
CA THR B 365 -15.54 -26.88 24.88
C THR B 365 -14.35 -27.80 25.04
N ARG B 366 -13.17 -27.21 25.26
CA ARG B 366 -11.99 -28.01 25.55
C ARG B 366 -12.01 -28.37 27.03
N LYS B 367 -11.48 -29.55 27.35
CA LYS B 367 -11.46 -30.06 28.72
C LYS B 367 -12.87 -30.15 29.27
N GLU B 368 -13.78 -30.71 28.48
CA GLU B 368 -15.16 -30.87 28.91
C GLU B 368 -15.32 -31.88 30.03
N GLU B 369 -14.33 -32.75 30.23
CA GLU B 369 -14.47 -33.82 31.21
C GLU B 369 -14.33 -33.31 32.64
N LEU B 370 -13.55 -32.26 32.85
CA LEU B 370 -13.42 -31.69 34.18
C LEU B 370 -14.63 -30.83 34.52
N LEU B 371 -15.22 -30.18 33.50
CA LEU B 371 -16.37 -29.31 33.69
C LEU B 371 -17.66 -30.09 33.85
N THR B 372 -17.75 -31.27 33.23
CA THR B 372 -18.99 -32.01 33.14
C THR B 372 -18.89 -33.31 33.93
N THR B 373 -20.00 -33.70 34.56
CA THR B 373 -20.06 -34.99 35.23
C THR B 373 -20.05 -36.09 34.19
N GLN B 374 -19.53 -37.26 34.59
CA GLN B 374 -19.45 -38.37 33.63
C GLN B 374 -20.83 -38.80 33.16
N GLU B 375 -21.84 -38.73 34.04
CA GLU B 375 -23.20 -39.03 33.60
C GLU B 375 -23.70 -38.00 32.59
N GLU B 376 -23.40 -36.72 32.81
CA GLU B 376 -23.83 -35.70 31.86
C GLU B 376 -22.99 -35.77 30.58
N LEU B 377 -21.69 -36.07 30.73
CA LEU B 377 -20.84 -36.23 29.55
C LEU B 377 -21.39 -37.31 28.65
N GLN B 378 -21.82 -38.42 29.25
CA GLN B 378 -22.42 -39.51 28.51
C GLN B 378 -23.69 -39.05 27.80
N LYS B 379 -24.48 -38.18 28.45
CA LYS B 379 -25.62 -37.56 27.78
C LYS B 379 -25.17 -36.64 26.64
N MET B 380 -24.14 -35.83 26.87
CA MET B 380 -23.68 -34.89 25.84
C MET B 380 -23.18 -35.63 24.60
N TRP B 381 -22.45 -36.72 24.80
CA TRP B 381 -21.92 -37.47 23.66
C TRP B 381 -23.06 -38.02 22.82
N ILE B 382 -24.13 -38.47 23.49
CA ILE B 382 -25.29 -38.98 22.77
C ILE B 382 -25.89 -37.89 21.90
N LEU B 383 -25.94 -36.66 22.42
CA LEU B 383 -26.45 -35.54 21.63
C LEU B 383 -25.58 -35.30 20.40
N ARG B 384 -24.26 -35.37 20.58
CA ARG B 384 -23.34 -35.23 19.46
C ARG B 384 -23.57 -36.29 18.40
N LYS B 385 -23.95 -37.51 18.79
CA LYS B 385 -24.11 -38.58 17.81
C LYS B 385 -25.21 -38.26 16.81
N ILE B 386 -26.33 -37.71 17.29
CA ILE B 386 -27.43 -37.36 16.40
C ILE B 386 -27.12 -36.10 15.61
N ILE B 387 -26.34 -35.18 16.17
CA ILE B 387 -26.12 -33.90 15.51
C ILE B 387 -24.95 -33.92 14.53
N HIS B 388 -24.07 -34.93 14.60
CA HIS B 388 -22.98 -34.98 13.63
C HIS B 388 -23.49 -35.19 12.20
N PRO B 389 -24.41 -36.14 11.92
CA PRO B 389 -24.98 -36.20 10.56
C PRO B 389 -26.02 -35.10 10.32
N MET B 390 -26.72 -34.71 11.38
CA MET B 390 -27.80 -33.73 11.23
C MET B 390 -27.27 -32.36 10.81
N GLY B 391 -28.01 -31.71 9.94
CA GLY B 391 -27.66 -30.37 9.52
C GLY B 391 -27.90 -29.38 10.65
N GLU B 392 -26.99 -28.40 10.74
CA GLU B 392 -27.03 -27.45 11.85
C GLU B 392 -28.32 -26.61 11.82
N ILE B 393 -28.82 -26.27 10.63
CA ILE B 393 -30.07 -25.51 10.56
C ILE B 393 -31.24 -26.32 11.11
N ASP B 394 -31.27 -27.63 10.87
CA ASP B 394 -32.43 -28.42 11.27
C ASP B 394 -32.24 -29.11 12.62
N ALA B 395 -30.99 -29.21 13.08
CA ALA B 395 -30.73 -29.75 14.40
C ALA B 395 -31.17 -28.78 15.48
N MET B 396 -30.99 -27.48 15.26
CA MET B 396 -31.30 -26.51 16.29
C MET B 396 -32.80 -26.44 16.59
N GLU B 397 -33.63 -26.46 15.54
CA GLU B 397 -35.07 -26.55 15.75
C GLU B 397 -35.42 -27.81 16.53
N PHE B 398 -34.69 -28.89 16.29
CA PHE B 398 -34.91 -30.16 16.99
C PHE B 398 -34.68 -30.04 18.49
N LEU B 399 -33.64 -29.32 18.91
CA LEU B 399 -33.32 -29.28 20.34
C LEU B 399 -34.15 -28.29 21.14
N ILE B 400 -34.88 -27.37 20.52
CA ILE B 400 -35.63 -26.39 21.30
C ILE B 400 -37.06 -26.83 21.57
N ASN B 401 -37.72 -27.52 20.63
CA ASN B 401 -39.10 -27.94 20.90
C ASN B 401 -39.14 -29.02 21.97
N LYS B 402 -38.18 -29.94 21.94
CA LYS B 402 -38.16 -31.00 22.95
C LYS B 402 -37.62 -30.50 24.28
N LEU B 403 -36.65 -29.57 24.26
CA LEU B 403 -36.20 -29.00 25.52
C LEU B 403 -37.22 -28.04 26.11
N ALA B 404 -38.22 -27.63 25.33
CA ALA B 404 -39.31 -26.82 25.84
C ALA B 404 -40.27 -27.64 26.71
N MET B 405 -40.29 -28.96 26.54
CA MET B 405 -41.24 -29.81 27.26
C MET B 405 -40.69 -30.34 28.57
N THR B 406 -39.37 -30.48 28.70
CA THR B 406 -38.75 -31.02 29.89
C THR B 406 -37.48 -30.24 30.20
N LYS B 407 -36.90 -30.56 31.35
CA LYS B 407 -35.62 -29.98 31.74
C LYS B 407 -34.52 -30.91 31.25
N THR B 408 -33.31 -30.36 31.12
CA THR B 408 -32.14 -31.09 30.63
C THR B 408 -32.07 -32.53 31.12
N ASN B 409 -31.94 -32.72 32.43
CA ASN B 409 -31.85 -34.07 32.98
C ASN B 409 -33.14 -34.85 32.72
N ASP B 410 -34.30 -34.19 32.83
CA ASP B 410 -35.54 -34.93 32.60
C ASP B 410 -35.76 -35.21 31.12
N ASP B 411 -35.09 -34.46 30.24
CA ASP B 411 -35.18 -34.76 28.82
C ASP B 411 -34.50 -36.08 28.52
N PHE B 412 -33.45 -36.41 29.26
CA PHE B 412 -32.75 -37.66 29.09
C PHE B 412 -33.47 -38.80 29.81
N PHE B 413 -34.27 -38.47 30.83
CA PHE B 413 -34.99 -39.48 31.59
C PHE B 413 -36.10 -40.14 30.79
N GLU B 414 -36.72 -39.41 29.85
CA GLU B 414 -37.76 -40.00 29.02
C GLU B 414 -37.27 -40.43 27.63
N MET B 415 -36.04 -40.08 27.26
CA MET B 415 -35.49 -40.51 25.97
C MET B 415 -34.67 -41.78 26.12
N MET B 416 -34.81 -42.49 27.24
CA MET B 416 -34.17 -43.78 27.48
C MET B 416 -35.01 -44.95 27.00
N LYS B 417 -36.24 -44.67 26.56
CA LYS B 417 -37.28 -45.67 26.25
C LYS B 417 -37.00 -47.11 26.67
N MET C 1 -5.21 54.42 -36.02
CA MET C 1 -6.59 54.62 -35.64
C MET C 1 -6.89 53.88 -34.34
N ASN C 2 -6.27 52.71 -34.18
CA ASN C 2 -6.40 51.86 -33.00
C ASN C 2 -5.06 51.23 -32.69
N LEU C 3 -4.69 51.19 -31.41
CA LEU C 3 -3.38 50.67 -31.01
C LEU C 3 -3.20 49.23 -31.46
N THR C 4 -4.17 48.37 -31.19
CA THR C 4 -4.09 46.98 -31.62
C THR C 4 -4.14 46.84 -33.14
N GLU C 5 -4.79 47.78 -33.83
CA GLU C 5 -4.86 47.71 -35.28
C GLU C 5 -3.48 47.83 -35.91
N LEU C 6 -2.64 48.73 -35.38
CA LEU C 6 -1.29 48.87 -35.91
C LEU C 6 -0.49 47.59 -35.71
N LYS C 7 -0.80 46.81 -34.68
CA LYS C 7 -0.14 45.54 -34.48
C LYS C 7 -0.50 44.54 -35.58
N ASN C 8 -1.73 44.59 -36.10
CA ASN C 8 -2.12 43.63 -37.13
C ASN C 8 -1.58 44.01 -38.51
N THR C 9 -1.41 45.30 -38.77
CA THR C 9 -0.82 45.74 -40.04
C THR C 9 0.69 45.47 -40.02
N PRO C 10 1.28 45.08 -41.14
CA PRO C 10 2.73 44.88 -41.18
C PRO C 10 3.48 46.17 -40.88
N VAL C 11 4.73 46.01 -40.42
CA VAL C 11 5.52 47.17 -40.01
C VAL C 11 5.84 48.06 -41.20
N SER C 12 5.85 47.49 -42.42
CA SER C 12 6.18 48.28 -43.60
C SER C 12 5.15 49.38 -43.80
N GLU C 13 3.88 49.09 -43.56
CA GLU C 13 2.87 50.13 -43.63
C GLU C 13 3.07 51.14 -42.52
N LEU C 14 3.47 50.67 -41.34
CA LEU C 14 3.78 51.61 -40.25
C LEU C 14 4.96 52.49 -40.64
N ILE C 15 5.89 51.93 -41.42
CA ILE C 15 7.01 52.72 -41.94
C ILE C 15 6.51 53.75 -42.94
N THR C 16 5.72 53.32 -43.93
CA THR C 16 5.27 54.24 -44.98
C THR C 16 4.35 55.32 -44.42
N LEU C 17 3.47 54.96 -43.49
CA LEU C 17 2.63 55.97 -42.85
C LEU C 17 3.45 56.92 -42.01
N GLY C 18 4.47 56.42 -41.32
CA GLY C 18 5.19 57.23 -40.35
C GLY C 18 6.07 58.34 -40.91
N GLU C 19 6.78 58.10 -42.01
CA GLU C 19 7.71 59.13 -42.49
C GLU C 19 7.00 60.39 -42.94
N ASN C 20 5.88 60.27 -43.63
CA ASN C 20 5.14 61.46 -44.04
C ASN C 20 4.54 62.20 -42.86
N MET C 21 4.42 61.54 -41.71
CA MET C 21 3.94 62.16 -40.48
C MET C 21 5.01 63.05 -39.84
N GLY C 22 6.13 63.26 -40.55
CA GLY C 22 7.20 64.14 -40.14
C GLY C 22 8.44 63.45 -39.59
N LEU C 23 8.43 62.13 -39.50
CA LEU C 23 9.58 61.33 -39.08
C LEU C 23 10.34 60.79 -40.28
N GLU C 24 11.56 60.35 -40.03
CA GLU C 24 12.32 59.55 -40.99
C GLU C 24 12.86 58.31 -40.30
N ASN C 25 13.46 57.43 -41.11
CA ASN C 25 14.07 56.17 -40.69
C ASN C 25 13.34 55.49 -39.54
N LEU C 26 12.32 54.69 -39.85
CA LEU C 26 11.57 54.00 -38.80
C LEU C 26 11.92 52.53 -38.74
N ALA C 27 12.59 52.00 -39.76
CA ALA C 27 13.03 50.61 -39.77
C ALA C 27 14.11 50.36 -38.73
N ARG C 28 14.85 51.41 -38.36
CA ARG C 28 15.97 51.24 -37.43
C ARG C 28 15.53 50.70 -36.08
N MET C 29 14.38 51.16 -35.59
CA MET C 29 13.88 50.76 -34.28
C MET C 29 12.95 49.55 -34.38
N ARG C 30 12.69 48.93 -33.22
CA ARG C 30 11.86 47.75 -33.15
C ARG C 30 10.39 48.09 -33.36
N LYS C 31 9.58 47.04 -33.53
CA LYS C 31 8.16 47.22 -33.85
C LYS C 31 7.41 47.93 -32.72
N GLN C 32 7.70 47.58 -31.47
CA GLN C 32 7.00 48.23 -30.36
C GLN C 32 7.39 49.69 -30.22
N ASP C 33 8.67 50.01 -30.48
CA ASP C 33 9.10 51.39 -30.42
C ASP C 33 8.58 52.21 -31.57
N ILE C 34 8.36 51.58 -32.73
CA ILE C 34 7.77 52.27 -33.87
C ILE C 34 6.34 52.68 -33.54
N ILE C 35 5.59 51.78 -32.91
CA ILE C 35 4.21 52.07 -32.52
C ILE C 35 4.18 53.23 -31.53
N PHE C 36 5.10 53.23 -30.56
CA PHE C 36 5.13 54.29 -29.56
C PHE C 36 5.31 55.66 -30.20
N ALA C 37 6.21 55.77 -31.18
CA ALA C 37 6.41 57.05 -31.84
C ALA C 37 5.19 57.46 -32.66
N ILE C 38 4.57 56.49 -33.34
CA ILE C 38 3.39 56.77 -34.16
C ILE C 38 2.23 57.23 -33.28
N LEU C 39 1.97 56.51 -32.19
CA LEU C 39 0.90 56.92 -31.28
C LEU C 39 1.22 58.25 -30.62
N LYS C 40 2.49 58.47 -30.26
CA LYS C 40 2.87 59.71 -29.61
C LYS C 40 2.73 60.89 -30.56
N GLN C 41 3.02 60.67 -31.84
CA GLN C 41 2.91 61.74 -32.83
C GLN C 41 1.45 61.97 -33.25
N HIS C 42 0.60 60.93 -33.16
CA HIS C 42 -0.83 61.12 -33.43
C HIS C 42 -1.53 61.91 -32.33
N ALA C 43 -0.83 62.43 -31.32
CA ALA C 43 -1.45 63.23 -30.28
C ALA C 43 -1.51 64.71 -30.63
N LYS C 44 -1.25 65.08 -31.90
CA LYS C 44 -1.37 66.47 -32.29
C LYS C 44 -2.81 66.95 -32.27
N SER C 45 -3.77 66.07 -32.55
CA SER C 45 -5.18 66.42 -32.59
C SER C 45 -6.00 65.38 -31.83
N GLY C 46 -7.06 65.86 -31.18
CA GLY C 46 -7.99 64.98 -30.50
C GLY C 46 -8.60 63.91 -31.39
N GLU C 47 -9.23 62.95 -30.72
CA GLU C 47 -10.03 61.90 -31.35
C GLU C 47 -9.23 61.09 -32.37
N ASP C 48 -7.94 60.87 -32.09
CA ASP C 48 -7.10 60.11 -33.00
C ASP C 48 -6.63 58.76 -32.47
N ILE C 49 -6.27 58.65 -31.18
CA ILE C 49 -5.55 57.49 -30.70
C ILE C 49 -6.51 56.63 -29.87
N PHE C 50 -6.46 55.32 -30.09
CA PHE C 50 -7.39 54.39 -29.49
C PHE C 50 -6.66 53.12 -29.06
N GLY C 51 -7.31 52.36 -28.19
CA GLY C 51 -6.77 51.09 -27.73
C GLY C 51 -7.87 50.27 -27.09
N ASP C 52 -7.64 48.96 -27.03
CA ASP C 52 -8.61 48.04 -26.46
C ASP C 52 -7.87 46.88 -25.78
N GLY C 53 -8.41 46.42 -24.66
CA GLY C 53 -7.80 45.32 -23.92
C GLY C 53 -8.74 44.87 -22.82
N VAL C 54 -8.38 43.74 -22.21
CA VAL C 54 -9.17 43.15 -21.13
C VAL C 54 -8.53 43.48 -19.79
N LEU C 55 -9.34 44.00 -18.88
CA LEU C 55 -8.85 44.52 -17.61
C LEU C 55 -8.44 43.42 -16.65
N GLU C 56 -7.29 43.61 -16.01
CA GLU C 56 -6.83 42.78 -14.90
C GLU C 56 -6.51 43.71 -13.74
N ILE C 57 -7.13 43.47 -12.59
CA ILE C 57 -6.90 44.29 -11.41
C ILE C 57 -6.00 43.48 -10.48
N LEU C 58 -4.76 43.94 -10.36
CA LEU C 58 -3.76 43.32 -9.49
C LEU C 58 -3.99 43.72 -8.03
N GLN C 59 -3.35 42.97 -7.13
CA GLN C 59 -3.51 43.15 -5.69
C GLN C 59 -3.36 44.60 -5.25
N ASP C 60 -2.24 45.23 -5.57
CA ASP C 60 -1.97 46.62 -5.17
C ASP C 60 -3.20 47.51 -5.29
N GLY C 61 -3.76 47.59 -6.49
CA GLY C 61 -4.91 48.44 -6.75
C GLY C 61 -4.94 48.78 -8.22
N PHE C 62 -3.76 49.06 -8.76
CA PHE C 62 -3.62 49.45 -10.15
C PHE C 62 -4.00 48.30 -11.06
N GLY C 63 -4.43 48.64 -12.27
CA GLY C 63 -4.87 47.64 -13.23
C GLY C 63 -4.23 47.86 -14.58
N PHE C 64 -4.11 46.76 -15.32
CA PHE C 64 -3.55 46.77 -16.66
C PHE C 64 -4.53 46.01 -17.54
N LEU C 65 -4.98 46.65 -18.62
CA LEU C 65 -5.83 45.99 -19.61
C LEU C 65 -4.92 45.19 -20.54
N ARG C 66 -4.85 43.88 -20.32
CA ARG C 66 -3.95 43.03 -21.08
C ARG C 66 -4.58 42.60 -22.39
N SER C 67 -3.78 42.60 -23.44
CA SER C 67 -4.23 42.23 -24.78
C SER C 67 -4.31 40.71 -24.92
N ALA C 68 -5.31 40.26 -25.68
CA ALA C 68 -5.56 38.84 -25.88
C ALA C 68 -4.63 38.21 -26.90
N ASP C 69 -3.89 39.02 -27.66
CA ASP C 69 -2.99 38.49 -28.68
C ASP C 69 -1.93 37.57 -28.08
N SER C 70 -1.53 37.82 -26.84
CA SER C 70 -0.52 36.99 -26.19
C SER C 70 -1.11 36.10 -25.11
N SER C 71 -2.43 36.13 -24.94
CA SER C 71 -3.18 35.33 -23.98
C SER C 71 -3.04 35.96 -22.61
N TYR C 72 -3.22 37.28 -22.55
CA TYR C 72 -3.14 38.06 -21.31
C TYR C 72 -1.77 38.02 -20.66
N LEU C 73 -0.74 37.55 -21.37
CA LEU C 73 0.65 37.69 -20.93
C LEU C 73 0.89 39.11 -20.41
N ALA C 74 2.05 39.37 -19.81
CA ALA C 74 2.34 40.66 -19.23
C ALA C 74 3.53 41.28 -19.95
N GLY C 75 3.28 42.33 -20.71
CA GLY C 75 4.33 43.04 -21.41
C GLY C 75 4.06 44.53 -21.46
N PRO C 76 4.79 45.24 -22.31
CA PRO C 76 4.73 46.71 -22.32
C PRO C 76 3.67 47.33 -23.21
N ASP C 77 2.80 46.54 -23.82
CA ASP C 77 1.76 47.10 -24.69
C ASP C 77 0.44 47.32 -23.97
N ASP C 78 0.22 46.63 -22.85
CA ASP C 78 -1.03 46.80 -22.12
C ASP C 78 -1.12 48.21 -21.55
N ILE C 79 -2.36 48.68 -21.39
CA ILE C 79 -2.64 50.06 -21.00
C ILE C 79 -3.05 50.05 -19.55
N TYR C 80 -2.63 51.10 -18.82
CA TYR C 80 -2.82 51.20 -17.38
C TYR C 80 -4.16 51.83 -17.03
N VAL C 81 -4.85 51.22 -16.07
CA VAL C 81 -6.10 51.72 -15.54
C VAL C 81 -5.88 52.16 -14.10
N SER C 82 -6.35 53.37 -13.77
CA SER C 82 -6.12 53.94 -12.44
C SER C 82 -7.05 53.32 -11.40
N PRO C 83 -6.64 53.28 -10.13
CA PRO C 83 -7.54 52.78 -9.07
C PRO C 83 -8.77 53.65 -8.84
N SER C 84 -8.82 54.84 -9.43
CA SER C 84 -9.98 55.72 -9.35
C SER C 84 -10.99 55.37 -10.43
N GLN C 85 -10.49 55.13 -11.65
CA GLN C 85 -11.32 54.73 -12.77
C GLN C 85 -12.18 53.50 -12.49
N ILE C 86 -11.70 52.56 -11.66
CA ILE C 86 -12.39 51.28 -11.53
C ILE C 86 -13.79 51.45 -10.94
N ARG C 87 -13.91 52.07 -9.76
CA ARG C 87 -15.23 52.20 -9.15
C ARG C 87 -16.07 53.29 -9.81
N ARG C 88 -15.43 54.30 -10.40
CA ARG C 88 -16.18 55.39 -11.02
C ARG C 88 -17.13 54.84 -12.08
N PHE C 89 -16.62 53.98 -12.95
CA PHE C 89 -17.43 53.24 -13.92
C PHE C 89 -17.75 51.82 -13.46
N ASN C 90 -17.42 51.50 -12.20
CA ASN C 90 -17.65 50.18 -11.58
C ASN C 90 -16.92 49.04 -12.31
N LEU C 91 -15.64 49.26 -12.59
CA LEU C 91 -14.80 48.22 -13.19
C LEU C 91 -14.42 47.13 -12.20
N ARG C 92 -14.47 45.88 -12.66
CA ARG C 92 -14.12 44.70 -11.89
C ARG C 92 -13.27 43.79 -12.77
N THR C 93 -12.48 42.92 -12.12
CA THR C 93 -11.62 41.98 -12.84
C THR C 93 -12.41 41.24 -13.92
N GLY C 94 -11.85 41.20 -15.13
CA GLY C 94 -12.46 40.52 -16.25
C GLY C 94 -13.29 41.39 -17.16
N ASP C 95 -13.52 42.65 -16.80
CA ASP C 95 -14.28 43.56 -17.64
C ASP C 95 -13.51 43.87 -18.91
N THR C 96 -14.14 43.65 -20.06
CA THR C 96 -13.55 44.05 -21.34
C THR C 96 -13.84 45.53 -21.54
N ILE C 97 -12.80 46.36 -21.50
CA ILE C 97 -12.93 47.80 -21.49
C ILE C 97 -12.28 48.38 -22.75
N SER C 98 -13.02 49.23 -23.46
CA SER C 98 -12.53 49.91 -24.67
C SER C 98 -12.63 51.43 -24.50
N GLY C 99 -11.51 52.07 -24.17
CA GLY C 99 -11.49 53.51 -23.95
C GLY C 99 -10.42 54.18 -24.78
N LYS C 100 -10.64 55.46 -25.08
CA LYS C 100 -9.60 56.29 -25.66
C LYS C 100 -8.47 56.47 -24.66
N ILE C 101 -7.23 56.27 -25.10
CA ILE C 101 -6.05 56.40 -24.24
C ILE C 101 -5.30 57.70 -24.49
N ARG C 102 -4.18 57.88 -23.79
CA ARG C 102 -3.25 58.99 -23.96
C ARG C 102 -1.83 58.48 -23.82
N PRO C 103 -0.86 59.15 -24.43
CA PRO C 103 0.52 58.68 -24.34
C PRO C 103 1.15 58.99 -22.99
N PRO C 104 2.06 58.14 -22.52
CA PRO C 104 2.69 58.36 -21.21
C PRO C 104 3.51 59.64 -21.18
N LYS C 105 3.59 60.24 -20.00
CA LYS C 105 4.34 61.47 -19.74
C LYS C 105 5.61 61.14 -18.97
N GLU C 106 6.37 62.17 -18.62
CA GLU C 106 7.62 61.95 -17.91
C GLU C 106 7.33 61.40 -16.52
N GLY C 107 8.09 60.38 -16.12
CA GLY C 107 7.76 59.64 -14.93
C GLY C 107 6.83 58.48 -15.19
N GLU C 108 6.24 58.42 -16.38
CA GLU C 108 5.31 57.39 -16.79
C GLU C 108 5.92 56.57 -17.93
N ARG C 109 5.54 55.30 -17.98
CA ARG C 109 6.09 54.39 -18.98
C ARG C 109 5.03 53.39 -19.41
N TYR C 110 3.78 53.58 -19.00
CA TYR C 110 2.63 52.80 -19.42
C TYR C 110 1.56 53.77 -19.92
N PHE C 111 0.78 53.34 -20.91
CA PHE C 111 -0.28 54.19 -21.42
C PHE C 111 -1.41 54.33 -20.41
N ALA C 112 -1.77 55.58 -20.08
CA ALA C 112 -2.91 55.90 -19.23
C ALA C 112 -4.24 55.79 -19.97
N LEU C 113 -5.28 55.41 -19.22
CA LEU C 113 -6.65 55.40 -19.73
C LEU C 113 -7.30 56.74 -19.42
N LEU C 114 -7.77 57.43 -20.46
CA LEU C 114 -8.33 58.78 -20.29
C LEU C 114 -9.83 58.79 -20.01
N LYS C 115 -10.63 58.31 -20.96
CA LYS C 115 -12.08 58.31 -20.86
C LYS C 115 -12.59 57.01 -21.44
N VAL C 116 -13.71 56.53 -20.90
CA VAL C 116 -14.26 55.23 -21.31
C VAL C 116 -15.44 55.44 -22.24
N ASN C 117 -15.44 54.69 -23.35
CA ASN C 117 -16.51 54.69 -24.33
C ASN C 117 -17.42 53.48 -24.18
N GLU C 118 -16.84 52.28 -24.10
CA GLU C 118 -17.60 51.05 -23.91
C GLU C 118 -17.06 50.28 -22.72
N VAL C 119 -17.96 49.68 -21.95
CA VAL C 119 -17.63 48.76 -20.88
C VAL C 119 -18.38 47.46 -21.16
N ASN C 120 -17.65 46.36 -21.31
CA ASN C 120 -18.22 45.07 -21.70
C ASN C 120 -19.00 45.20 -23.01
N PHE C 121 -18.44 45.96 -23.94
CA PHE C 121 -19.05 46.22 -25.25
C PHE C 121 -20.43 46.87 -25.14
N ASP C 122 -20.64 47.65 -24.09
CA ASP C 122 -21.91 48.31 -23.83
C ASP C 122 -21.61 49.66 -23.19
N LYS C 123 -22.66 50.48 -23.04
CA LYS C 123 -22.51 51.85 -22.59
C LYS C 123 -21.83 51.93 -21.22
N PRO C 124 -21.49 53.12 -20.73
CA PRO C 124 -20.86 53.20 -19.40
C PRO C 124 -21.82 52.86 -18.28
N GLU C 125 -23.14 52.89 -18.55
CA GLU C 125 -24.14 52.58 -17.54
C GLU C 125 -24.11 51.12 -17.11
N ASN C 126 -23.53 50.24 -17.92
CA ASN C 126 -23.40 48.83 -17.54
C ASN C 126 -21.95 48.49 -17.18
N ASN C 129 -24.84 45.19 -13.79
CA ASN C 129 -25.89 44.21 -13.55
C ASN C 129 -25.66 43.52 -12.20
N LYS C 130 -26.24 42.33 -12.04
CA LYS C 130 -26.13 41.57 -10.80
C LYS C 130 -24.97 40.57 -10.88
N ILE C 131 -24.26 40.44 -9.75
CA ILE C 131 -23.04 39.64 -9.69
C ILE C 131 -23.36 38.15 -9.80
N LEU C 132 -22.44 37.40 -10.43
CA LEU C 132 -22.70 36.00 -10.74
C LEU C 132 -22.85 35.13 -9.49
N PHE C 133 -22.08 35.41 -8.44
CA PHE C 133 -22.20 34.63 -7.21
C PHE C 133 -23.56 34.82 -6.56
N GLU C 134 -24.30 35.85 -6.97
CA GLU C 134 -25.63 36.14 -6.43
C GLU C 134 -26.73 35.64 -7.37
N ASN C 135 -26.38 35.31 -8.61
CA ASN C 135 -27.36 34.80 -9.55
C ASN C 135 -27.90 33.44 -9.12
N LEU C 136 -29.16 33.20 -9.46
CA LEU C 136 -29.81 31.95 -9.11
C LEU C 136 -29.29 30.83 -10.01
N THR C 137 -29.25 29.61 -9.47
CA THR C 137 -28.71 28.46 -10.21
C THR C 137 -29.78 27.40 -10.36
N PRO C 138 -30.42 27.31 -11.52
CA PRO C 138 -31.38 26.22 -11.75
C PRO C 138 -30.68 24.91 -12.05
N LEU C 139 -31.47 23.92 -12.47
CA LEU C 139 -30.92 22.62 -12.86
C LEU C 139 -30.05 22.72 -14.11
N HIS C 140 -30.04 23.88 -14.78
CA HIS C 140 -29.21 24.14 -15.95
C HIS C 140 -29.45 23.15 -17.08
N ALA C 141 -30.70 22.72 -17.25
CA ALA C 141 -31.09 21.98 -18.46
C ALA C 141 -32.43 22.53 -18.95
N ASN C 142 -32.38 23.69 -19.60
CA ASN C 142 -33.56 24.34 -20.17
C ASN C 142 -33.45 24.40 -21.69
N SER C 143 -32.31 24.85 -22.19
CA SER C 143 -32.00 24.81 -23.60
C SER C 143 -30.82 23.88 -23.82
N ARG C 144 -30.80 23.22 -24.97
CA ARG C 144 -29.79 22.23 -25.30
C ARG C 144 -28.89 22.74 -26.41
N LEU C 145 -27.61 22.38 -26.32
CA LEU C 145 -26.65 22.65 -27.39
C LEU C 145 -26.59 21.42 -28.27
N ARG C 146 -27.15 21.51 -29.47
CA ARG C 146 -27.16 20.39 -30.39
C ARG C 146 -25.79 20.27 -31.04
N MET C 147 -25.33 19.03 -31.18
CA MET C 147 -23.98 18.80 -31.66
C MET C 147 -23.96 17.91 -32.89
N GLY C 152 -23.35 16.36 -42.18
CA GLY C 152 -23.16 15.06 -42.78
C GLY C 152 -21.79 14.87 -43.39
N SER C 153 -20.77 14.80 -42.53
CA SER C 153 -19.39 14.63 -42.95
C SER C 153 -18.84 13.33 -42.36
N THR C 154 -17.59 13.01 -42.71
CA THR C 154 -16.95 11.83 -42.13
C THR C 154 -16.49 12.08 -40.70
N GLU C 155 -16.05 13.29 -40.38
CA GLU C 155 -15.54 13.62 -39.05
C GLU C 155 -16.62 13.97 -38.02
N ASP C 156 -17.81 14.39 -38.44
CA ASP C 156 -18.85 14.75 -37.48
C ASP C 156 -19.42 13.55 -36.73
N LEU C 157 -19.03 12.32 -37.10
CA LEU C 157 -19.51 11.14 -36.39
C LEU C 157 -19.23 11.25 -34.89
N THR C 158 -18.08 11.80 -34.52
CA THR C 158 -17.80 12.04 -33.10
C THR C 158 -18.82 13.00 -32.49
N ALA C 159 -19.22 14.03 -33.25
CA ALA C 159 -20.22 14.96 -32.74
C ALA C 159 -21.60 14.31 -32.62
N ARG C 160 -21.93 13.38 -33.52
CA ARG C 160 -23.24 12.73 -33.44
C ARG C 160 -23.33 11.82 -32.22
N VAL C 161 -22.32 10.98 -32.00
CA VAL C 161 -22.32 10.10 -30.84
C VAL C 161 -22.25 10.93 -29.57
N LEU C 162 -21.59 12.09 -29.62
CA LEU C 162 -21.57 12.97 -28.46
C LEU C 162 -22.98 13.39 -28.09
N ASP C 163 -23.79 13.74 -29.08
CA ASP C 163 -25.20 14.01 -28.82
C ASP C 163 -25.92 12.74 -28.39
N LEU C 164 -25.45 11.58 -28.86
CA LEU C 164 -26.04 10.30 -28.47
C LEU C 164 -25.53 9.81 -27.13
N ALA C 165 -24.25 10.02 -26.83
CA ALA C 165 -23.71 9.51 -25.56
C ALA C 165 -24.02 10.45 -24.41
N SER C 166 -23.59 11.71 -24.51
CA SER C 166 -23.77 12.69 -23.44
C SER C 166 -24.08 14.05 -24.05
N PRO C 167 -25.33 14.47 -24.06
CA PRO C 167 -25.74 15.75 -24.66
C PRO C 167 -25.34 16.95 -23.79
N ILE C 168 -24.47 17.80 -24.33
CA ILE C 168 -24.09 19.03 -23.64
C ILE C 168 -25.19 20.07 -23.83
N GLY C 169 -25.54 20.77 -22.75
CA GLY C 169 -26.57 21.78 -22.77
C GLY C 169 -26.08 23.09 -22.16
N ARG C 170 -26.98 24.07 -22.14
CA ARG C 170 -26.64 25.36 -21.54
C ARG C 170 -26.55 25.19 -20.03
N GLY C 171 -25.35 25.34 -19.49
CA GLY C 171 -25.11 25.22 -18.07
C GLY C 171 -24.67 23.85 -17.60
N GLN C 172 -24.39 22.93 -18.52
CA GLN C 172 -24.05 21.56 -18.15
C GLN C 172 -22.53 21.46 -18.01
N ARG C 173 -22.07 21.29 -16.77
CA ARG C 173 -20.64 21.18 -16.46
C ARG C 173 -20.01 20.02 -17.19
N GLY C 174 -19.18 20.31 -18.19
CA GLY C 174 -18.60 19.22 -18.93
C GLY C 174 -17.28 18.79 -18.34
N LEU C 175 -17.20 17.52 -17.96
CA LEU C 175 -15.95 16.91 -17.53
C LEU C 175 -15.84 15.64 -18.36
N ILE C 176 -14.97 15.66 -19.37
CA ILE C 176 -14.75 14.50 -20.23
C ILE C 176 -13.40 13.93 -19.83
N VAL C 177 -13.45 12.74 -19.25
CA VAL C 177 -12.24 12.10 -18.74
C VAL C 177 -11.53 11.40 -19.90
N ALA C 178 -10.24 11.69 -20.05
CA ALA C 178 -9.48 11.28 -21.22
C ALA C 178 -8.13 10.70 -20.82
N PRO C 179 -7.90 9.41 -21.04
CA PRO C 179 -6.56 8.86 -20.91
C PRO C 179 -5.66 9.33 -22.06
N PRO C 180 -4.35 9.13 -21.95
CA PRO C 180 -3.46 9.59 -23.03
C PRO C 180 -3.74 8.87 -24.35
N LYS C 181 -3.50 9.59 -25.44
CA LYS C 181 -3.69 9.11 -26.81
C LYS C 181 -5.06 8.45 -26.98
N ALA C 182 -6.09 9.16 -26.53
CA ALA C 182 -7.47 8.75 -26.71
C ALA C 182 -8.23 9.70 -27.63
N GLY C 183 -7.51 10.53 -28.37
CA GLY C 183 -8.13 11.53 -29.22
C GLY C 183 -8.77 12.68 -28.50
N LYS C 184 -8.23 13.09 -27.35
CA LYS C 184 -8.77 14.26 -26.66
C LYS C 184 -8.59 15.51 -27.53
N THR C 185 -7.45 15.60 -28.23
CA THR C 185 -7.19 16.75 -29.08
C THR C 185 -8.15 16.81 -30.25
N MET C 186 -8.42 15.65 -30.87
CA MET C 186 -9.36 15.61 -31.99
C MET C 186 -10.78 15.91 -31.54
N LEU C 187 -11.16 15.45 -30.34
CA LEU C 187 -12.52 15.68 -29.87
C LEU C 187 -12.77 17.16 -29.57
N LEU C 188 -11.87 17.79 -28.82
CA LEU C 188 -12.05 19.21 -28.52
C LEU C 188 -11.97 20.05 -29.79
N GLN C 189 -11.17 19.64 -30.77
CA GLN C 189 -11.12 20.37 -32.03
C GLN C 189 -12.45 20.28 -32.75
N ASN C 190 -13.05 19.09 -32.77
CA ASN C 190 -14.36 18.93 -33.38
C ASN C 190 -15.45 19.62 -32.57
N ILE C 191 -15.28 19.70 -31.24
CA ILE C 191 -16.26 20.39 -30.42
C ILE C 191 -16.23 21.89 -30.72
N ALA C 192 -15.04 22.47 -30.82
CA ALA C 192 -14.92 23.89 -31.10
C ALA C 192 -15.51 24.22 -32.47
N GLN C 193 -15.16 23.41 -33.48
CA GLN C 193 -15.68 23.64 -34.82
C GLN C 193 -17.19 23.48 -34.87
N SER C 194 -17.72 22.46 -34.18
CA SER C 194 -19.17 22.25 -34.20
C SER C 194 -19.92 23.33 -33.46
N ILE C 195 -19.32 23.89 -32.41
CA ILE C 195 -19.96 24.98 -31.66
C ILE C 195 -20.08 26.23 -32.52
N ALA C 196 -19.00 26.59 -33.21
CA ALA C 196 -19.01 27.83 -33.99
C ALA C 196 -20.01 27.76 -35.13
N TYR C 197 -20.25 26.57 -35.68
CA TYR C 197 -21.17 26.46 -36.80
C TYR C 197 -22.63 26.48 -36.36
N ASN C 198 -23.01 25.59 -35.45
CA ASN C 198 -24.40 25.49 -35.03
C ASN C 198 -24.81 26.55 -34.01
N HIS C 199 -23.88 27.00 -33.17
CA HIS C 199 -24.21 27.97 -32.12
C HIS C 199 -23.20 29.10 -32.14
N PRO C 200 -23.33 30.03 -33.11
CA PRO C 200 -22.50 31.24 -33.07
C PRO C 200 -22.91 32.23 -31.99
N ASP C 201 -24.16 32.14 -31.51
CA ASP C 201 -24.63 33.08 -30.50
C ASP C 201 -23.81 33.00 -29.22
N CYS C 202 -23.38 31.79 -28.86
CA CYS C 202 -22.54 31.60 -27.69
C CYS C 202 -21.10 31.91 -28.06
N VAL C 203 -20.42 32.70 -27.23
CA VAL C 203 -19.02 33.05 -27.46
C VAL C 203 -18.13 31.96 -26.86
N LEU C 204 -17.27 31.39 -27.70
CA LEU C 204 -16.42 30.26 -27.34
C LEU C 204 -15.06 30.73 -26.86
N MET C 205 -14.57 30.09 -25.78
CA MET C 205 -13.33 30.48 -25.10
C MET C 205 -12.47 29.24 -24.87
N VAL C 206 -11.82 28.73 -25.92
CA VAL C 206 -10.99 27.55 -25.76
C VAL C 206 -9.75 27.92 -24.97
N LEU C 207 -9.43 27.12 -23.95
CA LEU C 207 -8.30 27.37 -23.06
C LEU C 207 -7.41 26.14 -23.00
N LEU C 208 -6.10 26.34 -23.07
CA LEU C 208 -5.14 25.25 -23.01
C LEU C 208 -4.17 25.49 -21.85
N ILE C 209 -4.02 24.49 -20.99
CA ILE C 209 -3.12 24.55 -19.84
C ILE C 209 -2.10 23.41 -19.97
N ASP C 210 -0.82 23.75 -19.78
CA ASP C 210 0.27 22.80 -19.89
C ASP C 210 0.19 22.02 -21.20
N GLU C 211 -0.12 22.74 -22.27
CA GLU C 211 -0.20 22.17 -23.60
C GLU C 211 1.02 22.60 -24.39
N ARG C 212 1.55 21.68 -25.20
CA ARG C 212 2.74 21.99 -25.97
C ARG C 212 2.45 23.11 -26.95
N PRO C 213 3.41 24.02 -27.18
CA PRO C 213 3.14 25.16 -28.07
C PRO C 213 2.81 24.77 -29.50
N GLU C 214 3.10 23.53 -29.90
CA GLU C 214 2.76 23.10 -31.26
C GLU C 214 1.26 23.15 -31.50
N GLU C 215 0.47 22.64 -30.55
CA GLU C 215 -0.98 22.58 -30.75
C GLU C 215 -1.69 23.91 -30.56
N VAL C 216 -1.13 24.83 -29.74
CA VAL C 216 -1.84 26.09 -29.50
C VAL C 216 -1.97 26.90 -30.78
N THR C 217 -0.94 26.89 -31.62
CA THR C 217 -1.03 27.61 -32.89
C THR C 217 -2.03 26.95 -33.83
N GLU C 218 -2.04 25.61 -33.86
CA GLU C 218 -3.06 24.89 -34.63
C GLU C 218 -4.46 25.29 -34.17
N MET C 219 -4.66 25.40 -32.86
CA MET C 219 -5.97 25.76 -32.33
C MET C 219 -6.35 27.17 -32.75
N GLN C 220 -5.37 28.08 -32.86
CA GLN C 220 -5.67 29.45 -33.24
C GLN C 220 -6.30 29.51 -34.63
N ARG C 221 -5.83 28.67 -35.55
CA ARG C 221 -6.34 28.69 -36.92
C ARG C 221 -7.63 27.90 -37.07
N LEU C 222 -7.82 26.86 -36.26
CA LEU C 222 -8.97 25.98 -36.45
C LEU C 222 -10.16 26.34 -35.58
N VAL C 223 -9.96 27.13 -34.53
CA VAL C 223 -11.04 27.57 -33.65
C VAL C 223 -11.48 28.97 -34.03
N LYS C 224 -12.79 29.18 -34.09
CA LYS C 224 -13.34 30.47 -34.46
C LYS C 224 -13.77 31.18 -33.16
N GLY C 225 -12.75 31.54 -32.39
CA GLY C 225 -12.97 32.18 -31.12
C GLY C 225 -11.64 32.39 -30.43
N GLU C 226 -11.70 33.05 -29.28
CA GLU C 226 -10.49 33.31 -28.51
C GLU C 226 -9.93 32.01 -27.97
N VAL C 227 -8.69 31.72 -28.29
CA VAL C 227 -7.99 30.57 -27.74
C VAL C 227 -6.79 31.12 -26.99
N VAL C 228 -6.95 31.29 -25.68
CA VAL C 228 -5.90 31.78 -24.81
C VAL C 228 -5.32 30.58 -24.08
N ALA C 229 -4.00 30.52 -24.01
CA ALA C 229 -3.34 29.31 -23.52
C ALA C 229 -2.07 29.68 -22.80
N SER C 230 -1.46 28.65 -22.21
CA SER C 230 -0.17 28.76 -21.57
C SER C 230 0.60 27.51 -21.93
N THR C 231 1.83 27.67 -22.39
CA THR C 231 2.60 26.52 -22.81
C THR C 231 3.28 25.92 -21.59
N PHE C 232 3.64 24.64 -21.70
CA PHE C 232 4.25 23.98 -20.55
C PHE C 232 5.58 24.63 -20.17
N ASP C 233 6.30 25.20 -21.14
CA ASP C 233 7.49 25.98 -20.85
C ASP C 233 7.15 27.32 -20.21
N GLU C 234 6.33 27.32 -19.14
CA GLU C 234 5.95 28.59 -18.51
C GLU C 234 5.48 28.29 -17.10
N PRO C 235 5.73 29.17 -16.13
CA PRO C 235 5.47 28.81 -14.71
C PRO C 235 3.99 28.63 -14.37
N ALA C 236 3.77 28.04 -13.20
CA ALA C 236 2.43 27.76 -12.71
C ALA C 236 1.65 29.03 -12.38
N SER C 237 2.34 30.06 -11.85
CA SER C 237 1.65 31.32 -11.57
C SER C 237 1.05 31.90 -12.83
N ARG C 238 1.64 31.60 -13.97
CA ARG C 238 1.08 32.02 -15.26
C ARG C 238 -0.15 31.21 -15.63
N HIS C 239 -0.13 29.90 -15.39
CA HIS C 239 -1.28 29.06 -15.75
C HIS C 239 -2.55 29.56 -15.08
N VAL C 240 -2.44 30.00 -13.83
CA VAL C 240 -3.59 30.57 -13.14
C VAL C 240 -3.87 31.97 -13.70
N GLN C 241 -2.84 32.68 -14.15
CA GLN C 241 -3.03 34.00 -14.73
C GLN C 241 -3.95 33.94 -15.95
N VAL C 242 -3.68 33.02 -16.87
CA VAL C 242 -4.56 32.91 -18.02
C VAL C 242 -5.90 32.33 -17.60
N ALA C 243 -5.90 31.47 -16.58
CA ALA C 243 -7.13 30.79 -16.17
C ALA C 243 -8.08 31.74 -15.45
N GLU C 244 -7.57 32.50 -14.47
CA GLU C 244 -8.44 33.41 -13.74
C GLU C 244 -9.06 34.45 -14.66
N MET C 245 -8.28 34.94 -15.63
CA MET C 245 -8.80 35.96 -16.56
C MET C 245 -9.96 35.42 -17.38
N VAL C 246 -9.87 34.17 -17.82
CA VAL C 246 -10.87 33.64 -18.75
C VAL C 246 -12.21 33.46 -18.06
N ILE C 247 -12.21 32.85 -16.88
CA ILE C 247 -13.47 32.66 -16.17
C ILE C 247 -14.02 33.98 -15.68
N GLU C 248 -13.14 34.87 -15.18
CA GLU C 248 -13.60 36.17 -14.67
C GLU C 248 -14.20 37.02 -15.78
N LYS C 249 -13.56 37.04 -16.96
CA LYS C 249 -14.15 37.73 -18.10
C LYS C 249 -15.47 37.08 -18.52
N ALA C 250 -15.51 35.74 -18.48
CA ALA C 250 -16.74 35.04 -18.80
C ALA C 250 -17.84 35.34 -17.79
N LYS C 251 -17.48 35.44 -16.50
CA LYS C 251 -18.47 35.75 -15.49
C LYS C 251 -19.14 37.10 -15.76
N ARG C 252 -18.36 38.11 -16.14
CA ARG C 252 -18.92 39.42 -16.42
C ARG C 252 -19.80 39.41 -17.65
N LEU C 253 -19.49 38.55 -18.63
CA LEU C 253 -20.34 38.45 -19.81
C LEU C 253 -21.62 37.70 -19.51
N VAL C 254 -21.57 36.72 -18.61
CA VAL C 254 -22.80 36.08 -18.16
C VAL C 254 -23.63 37.07 -17.36
N GLU C 255 -22.97 37.99 -16.65
CA GLU C 255 -23.68 39.07 -15.98
C GLU C 255 -24.44 39.93 -16.99
N HIS C 256 -23.98 39.98 -18.24
CA HIS C 256 -24.68 40.68 -19.30
C HIS C 256 -25.59 39.75 -20.10
N LYS C 257 -26.02 38.65 -19.51
CA LYS C 257 -27.04 37.76 -20.06
C LYS C 257 -26.67 37.26 -21.46
N LYS C 258 -25.39 37.02 -21.69
CA LYS C 258 -24.91 36.40 -22.92
C LYS C 258 -24.29 35.05 -22.58
N ASP C 259 -24.61 34.04 -23.36
CA ASP C 259 -24.11 32.70 -23.12
C ASP C 259 -22.66 32.59 -23.57
N VAL C 260 -21.78 32.14 -22.68
CA VAL C 260 -20.37 31.93 -22.97
C VAL C 260 -20.01 30.52 -22.53
N ILE C 261 -19.23 29.83 -23.37
CA ILE C 261 -18.78 28.47 -23.12
C ILE C 261 -17.27 28.42 -23.31
N ILE C 262 -16.58 27.77 -22.39
CA ILE C 262 -15.13 27.65 -22.47
C ILE C 262 -14.79 26.17 -22.50
N LEU C 263 -13.73 25.84 -23.22
CA LEU C 263 -13.27 24.46 -23.37
C LEU C 263 -11.86 24.37 -22.79
N LEU C 264 -11.76 23.79 -21.60
CA LEU C 264 -10.50 23.64 -20.90
C LEU C 264 -9.86 22.31 -21.29
N ASP C 265 -8.60 22.36 -21.69
CA ASP C 265 -7.92 21.16 -22.16
C ASP C 265 -7.51 20.23 -21.02
N SER C 266 -7.24 20.77 -19.82
CA SER C 266 -6.79 19.92 -18.73
C SER C 266 -7.13 20.60 -17.40
N ILE C 267 -8.27 20.21 -16.82
CA ILE C 267 -8.53 20.54 -15.42
C ILE C 267 -7.50 19.86 -14.54
N THR C 268 -6.92 18.76 -15.03
CA THR C 268 -5.90 18.04 -14.28
C THR C 268 -4.66 18.91 -14.07
N ARG C 269 -4.17 19.54 -15.14
CA ARG C 269 -3.00 20.41 -15.01
C ARG C 269 -3.34 21.75 -14.40
N LEU C 270 -4.58 22.22 -14.58
CA LEU C 270 -5.02 23.42 -13.86
C LEU C 270 -4.92 23.21 -12.36
N ALA C 271 -5.27 22.01 -11.88
CA ALA C 271 -5.11 21.69 -10.47
C ALA C 271 -3.64 21.62 -10.10
N ARG C 272 -2.80 21.10 -11.00
CA ARG C 272 -1.37 21.03 -10.75
C ARG C 272 -0.77 22.43 -10.57
N ALA C 273 -1.29 23.42 -11.30
CA ALA C 273 -0.78 24.78 -11.18
C ALA C 273 -1.17 25.41 -9.85
N TYR C 274 -2.44 25.28 -9.45
CA TYR C 274 -2.90 25.87 -8.20
C TYR C 274 -2.19 25.25 -7.00
N ASN C 275 -1.94 23.94 -7.03
CA ASN C 275 -1.26 23.29 -5.93
C ASN C 275 0.11 23.90 -5.66
N THR C 276 0.81 24.34 -6.70
CA THR C 276 2.16 24.85 -6.53
C THR C 276 2.17 26.32 -6.09
N VAL C 277 1.13 27.08 -6.42
CA VAL C 277 1.10 28.50 -6.06
C VAL C 277 0.51 28.74 -4.68
N VAL C 278 -0.43 27.90 -4.25
CA VAL C 278 -1.16 28.09 -3.00
C VAL C 278 -0.41 27.35 -1.89
N PRO C 279 -0.19 27.98 -0.73
CA PRO C 279 0.57 27.30 0.34
C PRO C 279 -0.19 26.15 0.98
N ALA C 280 0.34 25.63 2.08
CA ALA C 280 -0.23 24.46 2.72
C ALA C 280 -1.58 24.80 3.35
N VAL C 284 -1.57 20.04 4.29
CA VAL C 284 -2.35 18.83 4.37
C VAL C 284 -1.99 17.93 3.20
N LEU C 285 -1.48 16.73 3.48
CA LEU C 285 -1.01 15.83 2.44
C LEU C 285 -1.97 14.67 2.27
N THR C 286 -2.64 14.62 1.13
CA THR C 286 -3.49 13.49 0.77
C THR C 286 -2.90 12.78 -0.44
N GLY C 287 -1.68 12.26 -0.30
CA GLY C 287 -1.04 11.60 -1.42
C GLY C 287 -0.30 12.54 -2.34
N GLY C 288 0.20 13.67 -1.82
CA GLY C 288 0.91 14.64 -2.63
C GLY C 288 0.12 15.88 -3.01
N VAL C 289 -1.20 15.90 -2.79
CA VAL C 289 -2.02 17.05 -3.12
C VAL C 289 -2.38 17.76 -1.83
N ASP C 290 -2.28 19.09 -1.83
CA ASP C 290 -2.73 19.88 -0.70
C ASP C 290 -4.25 20.01 -0.77
N ALA C 291 -4.93 19.75 0.35
CA ALA C 291 -6.38 19.66 0.34
C ALA C 291 -7.04 20.99 -0.01
N ASN C 292 -6.58 22.08 0.60
CA ASN C 292 -7.18 23.39 0.34
C ASN C 292 -6.78 23.99 -1.00
N ALA C 293 -5.76 23.44 -1.67
CA ALA C 293 -5.34 23.99 -2.94
C ALA C 293 -6.28 23.63 -4.08
N LEU C 294 -7.02 22.52 -3.96
CA LEU C 294 -8.02 22.14 -4.95
C LEU C 294 -9.32 22.93 -4.83
N HIS C 295 -9.38 23.91 -3.92
CA HIS C 295 -10.58 24.73 -3.81
C HIS C 295 -10.77 25.60 -5.05
N ARG C 296 -9.69 26.19 -5.54
CA ARG C 296 -9.77 27.09 -6.69
C ARG C 296 -10.01 26.32 -7.98
N PRO C 297 -9.42 25.13 -8.18
CA PRO C 297 -9.88 24.30 -9.31
C PRO C 297 -11.36 23.97 -9.22
N LYS C 298 -11.88 23.75 -8.01
CA LYS C 298 -13.31 23.55 -7.85
C LYS C 298 -14.07 24.82 -8.16
N ARG C 299 -13.49 25.98 -7.80
CA ARG C 299 -14.12 27.25 -8.13
C ARG C 299 -14.22 27.46 -9.64
N PHE C 300 -13.16 27.08 -10.35
CA PHE C 300 -13.20 27.13 -11.82
C PHE C 300 -14.36 26.31 -12.36
N PHE C 301 -14.47 25.05 -11.91
CA PHE C 301 -15.53 24.18 -12.41
C PHE C 301 -16.90 24.60 -11.87
N GLY C 302 -16.94 25.07 -10.61
CA GLY C 302 -18.20 25.46 -9.99
C GLY C 302 -18.82 26.71 -10.57
N ALA C 303 -18.07 27.47 -11.37
CA ALA C 303 -18.61 28.70 -11.94
C ALA C 303 -19.65 28.43 -13.03
N ALA C 304 -19.64 27.25 -13.66
CA ALA C 304 -20.49 26.93 -14.80
C ALA C 304 -21.94 26.88 -14.33
N ARG C 305 -22.81 27.79 -14.71
CA ARG C 305 -24.06 27.49 -14.06
C ARG C 305 -25.00 28.11 -15.04
N ASN C 306 -26.15 27.54 -15.28
CA ASN C 306 -27.14 28.31 -16.04
C ASN C 306 -27.87 29.30 -15.13
N VAL C 307 -28.02 30.55 -15.57
CA VAL C 307 -28.72 31.59 -14.77
C VAL C 307 -30.18 31.70 -15.19
N GLU C 308 -31.09 31.68 -14.20
CA GLU C 308 -32.51 31.90 -14.49
C GLU C 308 -32.76 33.32 -15.00
N GLU C 309 -32.06 34.30 -14.43
CA GLU C 309 -32.20 35.70 -14.81
C GLU C 309 -31.72 35.97 -16.22
N GLY C 310 -31.03 35.02 -16.85
CA GLY C 310 -30.59 35.15 -18.22
C GLY C 310 -29.11 34.90 -18.37
N GLY C 311 -28.76 34.09 -19.35
CA GLY C 311 -27.40 33.69 -19.59
C GLY C 311 -27.15 32.25 -19.17
N SER C 312 -26.06 31.70 -19.68
CA SER C 312 -25.70 30.31 -19.41
C SER C 312 -24.18 30.22 -19.47
N LEU C 313 -23.58 29.60 -18.46
CA LEU C 313 -22.14 29.43 -18.41
C LEU C 313 -21.87 27.93 -18.34
N THR C 314 -21.27 27.40 -19.41
CA THR C 314 -21.04 25.98 -19.57
C THR C 314 -19.54 25.76 -19.73
N ILE C 315 -18.94 25.04 -18.79
CA ILE C 315 -17.50 24.75 -18.81
C ILE C 315 -17.33 23.27 -19.09
N ILE C 316 -16.70 22.95 -20.22
CA ILE C 316 -16.40 21.57 -20.59
C ILE C 316 -14.90 21.38 -20.48
N ALA C 317 -14.46 20.81 -19.36
CA ALA C 317 -13.05 20.55 -19.10
C ALA C 317 -12.74 19.08 -19.42
N THR C 318 -11.45 18.82 -19.65
CA THR C 318 -10.99 17.47 -19.99
C THR C 318 -10.11 16.98 -18.84
N ALA C 319 -10.55 15.95 -18.15
CA ALA C 319 -9.78 15.37 -17.05
C ALA C 319 -8.89 14.26 -17.58
N LEU C 320 -7.64 14.25 -17.13
CA LEU C 320 -6.67 13.25 -17.52
C LEU C 320 -6.61 12.14 -16.47
N ILE C 321 -6.68 10.90 -16.93
CA ILE C 321 -6.54 9.72 -16.08
C ILE C 321 -5.60 8.74 -16.78
N ASP C 322 -5.20 7.71 -16.02
CA ASP C 322 -4.31 6.66 -16.49
C ASP C 322 -3.01 7.25 -17.05
N THR C 323 -2.59 8.39 -16.50
CA THR C 323 -1.29 8.96 -16.82
C THR C 323 -0.15 8.25 -16.10
N GLY C 324 -0.47 7.43 -15.10
CA GLY C 324 0.54 6.77 -14.30
C GLY C 324 0.93 7.48 -13.02
N SER C 325 0.57 8.75 -12.87
CA SER C 325 0.87 9.52 -11.67
C SER C 325 -0.34 9.54 -10.74
N LYS C 326 -0.12 9.15 -9.48
CA LYS C 326 -1.18 9.18 -8.49
C LYS C 326 -1.77 10.59 -8.34
N MET C 327 -0.93 11.61 -8.52
CA MET C 327 -1.39 13.00 -8.43
C MET C 327 -2.55 13.25 -9.38
N ASP C 328 -2.40 12.82 -10.63
CA ASP C 328 -3.42 13.07 -11.64
C ASP C 328 -4.68 12.24 -11.38
N GLU C 329 -4.53 11.04 -10.81
CA GLU C 329 -5.68 10.19 -10.58
C GLU C 329 -6.54 10.64 -9.41
N VAL C 330 -5.92 11.18 -8.35
CA VAL C 330 -6.69 11.56 -7.17
C VAL C 330 -7.59 12.77 -7.45
N ILE C 331 -7.11 13.72 -8.24
CA ILE C 331 -7.93 14.90 -8.55
C ILE C 331 -9.18 14.52 -9.34
N TYR C 332 -9.09 13.52 -10.22
CA TYR C 332 -10.28 13.07 -10.93
C TYR C 332 -11.33 12.53 -9.96
N GLU C 333 -10.91 11.65 -9.05
CA GLU C 333 -11.85 11.07 -8.09
C GLU C 333 -12.36 12.11 -7.10
N GLU C 334 -11.55 13.13 -6.81
CA GLU C 334 -12.01 14.21 -5.93
C GLU C 334 -13.02 15.11 -6.64
N PHE C 335 -12.90 15.25 -7.96
CA PHE C 335 -13.84 16.01 -8.77
C PHE C 335 -15.07 15.20 -9.16
N LYS C 336 -15.20 13.98 -8.67
CA LYS C 336 -16.34 13.14 -9.00
C LYS C 336 -17.63 13.63 -8.35
N GLY C 337 -18.69 13.72 -9.15
CA GLY C 337 -19.98 14.19 -8.70
C GLY C 337 -20.21 15.68 -8.84
N THR C 338 -19.18 16.45 -9.20
CA THR C 338 -19.37 17.86 -9.49
C THR C 338 -19.80 18.12 -10.93
N GLY C 339 -19.38 17.27 -11.87
CA GLY C 339 -19.71 17.46 -13.27
C GLY C 339 -20.94 16.68 -13.69
N ASN C 340 -21.82 17.34 -14.45
CA ASN C 340 -23.00 16.69 -15.01
C ASN C 340 -22.70 15.94 -16.30
N MET C 341 -21.63 16.29 -17.02
CA MET C 341 -21.27 15.63 -18.25
C MET C 341 -20.12 14.67 -17.97
N GLU C 342 -20.27 13.42 -18.39
CA GLU C 342 -19.18 12.45 -18.32
C GLU C 342 -19.16 11.64 -19.59
N LEU C 343 -18.04 11.75 -20.33
CA LEU C 343 -17.79 10.95 -21.51
C LEU C 343 -16.39 10.36 -21.33
N HIS C 344 -16.32 9.04 -21.15
CA HIS C 344 -15.03 8.40 -20.89
C HIS C 344 -14.44 7.97 -22.22
N LEU C 345 -13.28 8.53 -22.54
CA LEU C 345 -12.55 8.12 -23.72
C LEU C 345 -11.66 6.95 -23.30
N SER C 346 -11.46 6.02 -24.21
CA SER C 346 -10.78 4.78 -23.86
C SER C 346 -9.53 4.58 -24.69
N ARG C 347 -8.47 4.08 -24.04
CA ARG C 347 -7.26 3.72 -24.75
C ARG C 347 -7.53 2.55 -25.68
N LYS C 348 -8.33 1.60 -25.22
CA LYS C 348 -8.57 0.36 -25.95
C LYS C 348 -9.17 0.63 -27.33
N ILE C 349 -10.11 1.58 -27.42
CA ILE C 349 -10.74 1.85 -28.71
C ILE C 349 -9.78 2.58 -29.65
N ALA C 350 -9.02 3.55 -29.11
CA ALA C 350 -8.11 4.31 -29.95
C ALA C 350 -6.94 3.47 -30.47
N GLU C 351 -6.51 2.46 -29.71
CA GLU C 351 -5.37 1.65 -30.16
C GLU C 351 -5.73 0.77 -31.36
N LYS C 352 -6.99 0.35 -31.45
CA LYS C 352 -7.47 -0.45 -32.57
C LYS C 352 -7.91 0.40 -33.75
N ARG C 353 -7.53 1.68 -33.77
CA ARG C 353 -7.80 2.63 -34.85
C ARG C 353 -9.28 2.88 -35.06
N VAL C 354 -10.12 2.61 -34.08
CA VAL C 354 -11.48 3.14 -34.10
C VAL C 354 -11.41 4.57 -33.60
N PHE C 355 -11.89 5.50 -34.41
CA PHE C 355 -11.60 6.93 -34.23
C PHE C 355 -12.38 7.61 -33.11
N PRO C 356 -13.69 7.35 -32.94
CA PRO C 356 -14.44 8.11 -31.92
C PRO C 356 -13.96 7.89 -30.49
N ALA C 357 -13.74 6.65 -30.09
CA ALA C 357 -13.19 6.29 -28.77
C ALA C 357 -14.06 6.81 -27.62
N ILE C 358 -15.34 6.43 -27.65
CA ILE C 358 -16.31 6.76 -26.62
C ILE C 358 -16.96 5.47 -26.15
N ASP C 359 -17.25 5.37 -24.86
CA ASP C 359 -18.02 4.23 -24.35
C ASP C 359 -19.46 4.66 -24.09
N TYR C 360 -20.39 4.15 -24.89
CA TYR C 360 -21.78 4.56 -24.72
C TYR C 360 -22.35 4.00 -23.43
N ASN C 361 -21.83 2.84 -23.00
CA ASN C 361 -22.34 2.16 -21.82
C ASN C 361 -21.92 2.89 -20.55
N ARG C 362 -20.71 3.43 -20.52
CA ARG C 362 -20.21 4.14 -19.34
C ARG C 362 -20.44 5.64 -19.40
N SER C 363 -20.76 6.19 -20.57
CA SER C 363 -21.05 7.61 -20.73
C SER C 363 -22.53 7.92 -20.49
N GLY C 364 -22.78 8.97 -19.70
CA GLY C 364 -24.15 9.39 -19.47
C GLY C 364 -24.22 10.76 -18.81
N THR C 365 -25.30 11.49 -19.06
CA THR C 365 -25.49 12.80 -18.46
C THR C 365 -26.70 12.76 -17.54
N ARG C 366 -26.57 13.41 -16.39
CA ARG C 366 -27.66 13.54 -15.45
C ARG C 366 -28.53 14.73 -15.84
N LYS C 367 -29.82 14.63 -15.51
CA LYS C 367 -30.82 15.61 -15.91
C LYS C 367 -30.93 15.70 -17.42
N GLU C 368 -30.72 14.59 -18.13
CA GLU C 368 -30.87 14.56 -19.57
C GLU C 368 -32.32 14.58 -20.02
N GLU C 369 -33.27 14.32 -19.12
CA GLU C 369 -34.66 14.26 -19.52
C GLU C 369 -35.21 15.65 -19.78
N LEU C 370 -34.63 16.66 -19.13
CA LEU C 370 -35.09 18.04 -19.23
C LEU C 370 -34.62 18.71 -20.52
N LEU C 371 -33.38 18.44 -20.93
CA LEU C 371 -32.82 19.06 -22.13
C LEU C 371 -33.27 18.38 -23.41
N THR C 372 -33.71 17.13 -23.33
CA THR C 372 -34.03 16.32 -24.49
C THR C 372 -35.55 16.09 -24.55
N THR C 373 -36.07 16.01 -25.77
CA THR C 373 -37.48 15.71 -25.95
C THR C 373 -37.78 14.28 -25.53
N GLN C 374 -39.00 14.04 -25.06
CA GLN C 374 -39.40 12.70 -24.68
C GLN C 374 -39.38 11.78 -25.89
N GLU C 375 -39.64 12.33 -27.07
CA GLU C 375 -39.57 11.56 -28.31
C GLU C 375 -38.15 11.08 -28.56
N GLU C 376 -37.17 11.95 -28.33
CA GLU C 376 -35.76 11.60 -28.48
C GLU C 376 -35.28 10.73 -27.32
N LEU C 377 -35.82 10.95 -26.12
CA LEU C 377 -35.37 10.19 -24.95
C LEU C 377 -35.55 8.69 -25.18
N GLN C 378 -36.70 8.28 -25.71
CA GLN C 378 -36.93 6.86 -25.99
C GLN C 378 -35.89 6.33 -26.98
N LYS C 379 -35.48 7.17 -27.93
CA LYS C 379 -34.34 6.86 -28.78
C LYS C 379 -33.08 6.64 -27.96
N MET C 380 -32.85 7.51 -26.98
CA MET C 380 -31.67 7.41 -26.14
C MET C 380 -31.67 6.12 -25.33
N TRP C 381 -32.82 5.77 -24.75
CA TRP C 381 -32.90 4.60 -23.88
C TRP C 381 -32.71 3.31 -24.65
N ILE C 382 -33.36 3.18 -25.80
CA ILE C 382 -33.24 1.96 -26.60
C ILE C 382 -31.82 1.77 -27.09
N LEU C 383 -31.17 2.86 -27.49
CA LEU C 383 -29.80 2.77 -27.98
C LEU C 383 -28.86 2.30 -26.88
N ARG C 384 -29.05 2.79 -25.64
CA ARG C 384 -28.31 2.22 -24.51
C ARG C 384 -28.62 0.74 -24.35
N LYS C 385 -29.88 0.36 -24.54
CA LYS C 385 -30.28 -1.02 -24.34
C LYS C 385 -29.57 -1.94 -25.33
N ILE C 386 -29.36 -1.47 -26.56
CA ILE C 386 -28.67 -2.30 -27.54
C ILE C 386 -27.19 -2.39 -27.19
N ILE C 387 -26.63 -1.32 -26.62
CA ILE C 387 -25.21 -1.25 -26.29
C ILE C 387 -24.92 -1.69 -24.86
N HIS C 388 -25.95 -1.83 -24.03
CA HIS C 388 -25.73 -2.22 -22.63
C HIS C 388 -25.00 -3.55 -22.49
N PRO C 389 -25.29 -4.60 -23.27
CA PRO C 389 -24.47 -5.81 -23.17
C PRO C 389 -23.05 -5.61 -23.71
N MET C 390 -22.85 -4.70 -24.66
CA MET C 390 -21.52 -4.52 -25.22
C MET C 390 -20.58 -4.01 -24.14
N GLY C 391 -19.38 -4.58 -24.11
CA GLY C 391 -18.38 -4.22 -23.12
C GLY C 391 -17.72 -2.87 -23.27
N GLU C 392 -17.03 -2.66 -24.37
CA GLU C 392 -16.20 -1.46 -24.50
C GLU C 392 -15.94 -1.08 -25.95
N ILE C 393 -14.98 -1.77 -26.59
CA ILE C 393 -14.63 -1.45 -27.97
C ILE C 393 -15.78 -1.75 -28.92
N ASP C 394 -16.55 -2.81 -28.67
CA ASP C 394 -17.57 -3.21 -29.62
C ASP C 394 -18.75 -2.27 -29.64
N ALA C 395 -18.84 -1.34 -28.68
CA ALA C 395 -19.93 -0.38 -28.67
C ALA C 395 -19.82 0.62 -29.82
N MET C 396 -18.63 1.16 -30.05
CA MET C 396 -18.48 2.16 -31.11
C MET C 396 -18.56 1.54 -32.49
N GLU C 397 -17.97 0.36 -32.67
CA GLU C 397 -18.06 -0.33 -33.95
C GLU C 397 -19.52 -0.50 -34.38
N PHE C 398 -20.40 -0.77 -33.42
CA PHE C 398 -21.82 -0.87 -33.72
C PHE C 398 -22.42 0.48 -34.13
N LEU C 399 -22.13 1.53 -33.38
CA LEU C 399 -22.80 2.81 -33.61
C LEU C 399 -22.18 3.64 -34.74
N ILE C 400 -21.00 3.29 -35.24
CA ILE C 400 -20.45 4.06 -36.35
C ILE C 400 -20.90 3.48 -37.68
N ASN C 401 -21.04 2.15 -37.75
CA ASN C 401 -21.50 1.52 -38.98
C ASN C 401 -22.98 1.82 -39.25
N LYS C 402 -23.79 1.85 -38.19
CA LYS C 402 -25.21 2.12 -38.38
C LYS C 402 -25.45 3.59 -38.67
N LEU C 403 -24.70 4.48 -38.00
CA LEU C 403 -24.78 5.91 -38.20
C LEU C 403 -24.04 6.40 -39.45
N ALA C 404 -23.23 5.55 -40.09
CA ALA C 404 -22.58 5.98 -41.33
C ALA C 404 -23.55 6.07 -42.49
N MET C 405 -24.66 5.33 -42.43
CA MET C 405 -25.66 5.31 -43.49
C MET C 405 -26.79 6.28 -43.25
N THR C 406 -26.93 6.78 -42.03
CA THR C 406 -28.02 7.68 -41.66
C THR C 406 -27.45 8.87 -40.88
N LYS C 407 -28.32 9.85 -40.65
CA LYS C 407 -28.00 11.03 -39.86
C LYS C 407 -28.48 10.84 -38.44
N THR C 408 -27.99 11.70 -37.53
CA THR C 408 -28.35 11.69 -36.12
C THR C 408 -29.80 11.30 -35.88
N ASN C 409 -30.73 12.13 -36.37
CA ASN C 409 -32.15 11.85 -36.22
C ASN C 409 -32.57 10.59 -36.98
N ASP C 410 -32.00 10.35 -38.16
CA ASP C 410 -32.46 9.24 -38.98
C ASP C 410 -32.00 7.86 -38.49
N ASP C 411 -31.10 7.81 -37.50
CA ASP C 411 -30.55 6.56 -36.97
C ASP C 411 -31.49 5.69 -36.12
N PHE C 412 -32.81 5.83 -36.23
CA PHE C 412 -33.69 5.01 -35.38
C PHE C 412 -34.92 4.55 -36.12
N PHE C 413 -35.72 5.51 -36.59
CA PHE C 413 -36.97 5.14 -37.25
C PHE C 413 -36.69 4.35 -38.52
N GLU C 414 -35.52 4.53 -39.13
CA GLU C 414 -35.13 3.72 -40.27
C GLU C 414 -34.22 2.56 -39.89
N MET C 415 -33.74 2.51 -38.65
CA MET C 415 -32.83 1.45 -38.23
C MET C 415 -33.39 0.52 -37.15
N MET C 416 -34.55 0.81 -36.56
CA MET C 416 -35.15 -0.07 -35.56
C MET C 416 -35.11 -1.55 -35.94
N LYS C 417 -35.65 -1.88 -37.10
CA LYS C 417 -35.77 -3.26 -37.54
C LYS C 417 -34.42 -4.01 -37.49
N MET D 1 22.76 -20.96 49.50
CA MET D 1 24.15 -20.97 49.07
C MET D 1 24.27 -20.77 47.56
N ASN D 2 23.22 -21.17 46.85
CA ASN D 2 23.15 -21.04 45.40
C ASN D 2 21.87 -20.30 45.05
N LEU D 3 21.98 -19.33 44.13
CA LEU D 3 20.84 -18.50 43.78
C LEU D 3 19.66 -19.34 43.31
N THR D 4 19.93 -20.38 42.51
CA THR D 4 18.84 -21.26 42.07
C THR D 4 18.20 -21.98 43.25
N GLU D 5 18.99 -22.29 44.29
CA GLU D 5 18.43 -22.93 45.48
C GLU D 5 17.51 -21.98 46.25
N LEU D 6 17.95 -20.72 46.43
CA LEU D 6 17.09 -19.76 47.11
C LEU D 6 15.81 -19.51 46.34
N LYS D 7 15.84 -19.70 45.01
CA LYS D 7 14.63 -19.56 44.21
C LYS D 7 13.61 -20.64 44.54
N ASN D 8 14.08 -21.86 44.79
CA ASN D 8 13.19 -22.98 45.10
C ASN D 8 12.78 -23.03 46.57
N THR D 9 13.56 -22.45 47.47
CA THR D 9 13.20 -22.49 48.89
C THR D 9 11.95 -21.64 49.16
N PRO D 10 11.03 -22.12 49.99
CA PRO D 10 9.85 -21.33 50.33
C PRO D 10 10.21 -20.05 51.09
N VAL D 11 9.31 -19.08 51.01
CA VAL D 11 9.55 -17.76 51.60
C VAL D 11 9.60 -17.81 53.12
N SER D 12 8.88 -18.76 53.74
CA SER D 12 8.82 -18.79 55.21
C SER D 12 10.20 -19.06 55.81
N GLU D 13 10.94 -20.00 55.23
CA GLU D 13 12.30 -20.26 55.68
C GLU D 13 13.22 -19.09 55.33
N LEU D 14 12.93 -18.42 54.21
CA LEU D 14 13.75 -17.29 53.78
C LEU D 14 13.71 -16.16 54.80
N ILE D 15 12.59 -16.01 55.51
CA ILE D 15 12.51 -15.02 56.57
C ILE D 15 13.48 -15.39 57.69
N THR D 16 13.48 -16.67 58.08
CA THR D 16 14.39 -17.13 59.11
C THR D 16 15.84 -17.04 58.65
N LEU D 17 16.09 -17.27 57.36
CA LEU D 17 17.45 -17.15 56.84
C LEU D 17 17.98 -15.72 56.97
N GLY D 18 17.15 -14.73 56.67
CA GLY D 18 17.61 -13.35 56.77
C GLY D 18 17.75 -12.89 58.20
N GLU D 19 16.82 -13.29 59.07
CA GLU D 19 16.86 -12.88 60.47
C GLU D 19 18.08 -13.48 61.17
N ASN D 20 18.39 -14.74 60.88
CA ASN D 20 19.57 -15.36 61.49
C ASN D 20 20.86 -14.78 60.97
N MET D 21 20.86 -14.26 59.74
CA MET D 21 22.06 -13.64 59.16
C MET D 21 22.27 -12.20 59.59
N GLY D 22 21.46 -11.68 60.51
CA GLY D 22 21.68 -10.36 61.06
C GLY D 22 20.84 -9.26 60.47
N LEU D 23 19.97 -9.56 59.52
CA LEU D 23 19.08 -8.53 59.01
C LEU D 23 17.82 -8.50 59.86
N GLU D 24 17.13 -7.37 59.82
CA GLU D 24 15.87 -7.18 60.53
C GLU D 24 14.73 -7.06 59.53
N ASN D 25 13.51 -6.95 60.08
CA ASN D 25 12.25 -6.83 59.36
C ASN D 25 12.36 -7.22 57.88
N LEU D 26 12.31 -8.53 57.62
CA LEU D 26 12.48 -9.06 56.28
C LEU D 26 11.22 -9.63 55.66
N ALA D 27 10.16 -9.85 56.42
CA ALA D 27 8.94 -10.42 55.83
C ALA D 27 8.28 -9.45 54.86
N ARG D 28 8.35 -8.14 55.13
CA ARG D 28 7.73 -7.15 54.27
C ARG D 28 8.40 -7.05 52.89
N MET D 29 9.68 -7.38 52.78
CA MET D 29 10.38 -7.16 51.53
C MET D 29 9.93 -8.15 50.47
N ARG D 30 10.19 -7.79 49.21
CA ARG D 30 9.73 -8.61 48.10
C ARG D 30 10.59 -9.87 47.95
N LYS D 31 10.10 -10.79 47.14
CA LYS D 31 10.75 -12.09 47.01
C LYS D 31 12.17 -11.98 46.45
N GLN D 32 12.36 -11.17 45.40
CA GLN D 32 13.69 -11.04 44.82
C GLN D 32 14.64 -10.23 45.72
N ASP D 33 14.11 -9.21 46.39
CA ASP D 33 14.97 -8.42 47.27
C ASP D 33 15.33 -9.17 48.55
N ILE D 34 14.46 -10.06 49.01
CA ILE D 34 14.84 -10.93 50.13
C ILE D 34 15.98 -11.82 49.70
N ILE D 35 15.91 -12.33 48.46
CA ILE D 35 17.02 -13.10 47.91
C ILE D 35 18.25 -12.21 47.78
N PHE D 36 18.07 -11.01 47.23
CA PHE D 36 19.20 -10.10 47.06
C PHE D 36 19.82 -9.71 48.39
N ALA D 37 18.99 -9.43 49.40
CA ALA D 37 19.54 -9.02 50.70
C ALA D 37 20.33 -10.16 51.33
N ILE D 38 19.83 -11.39 51.20
CA ILE D 38 20.55 -12.55 51.74
C ILE D 38 21.87 -12.72 51.00
N LEU D 39 21.83 -12.63 49.67
CA LEU D 39 23.04 -12.73 48.87
C LEU D 39 23.98 -11.56 49.10
N LYS D 40 23.44 -10.34 49.26
CA LYS D 40 24.29 -9.15 49.41
C LYS D 40 25.04 -9.16 50.74
N GLN D 41 24.41 -9.61 51.81
CA GLN D 41 25.07 -9.67 53.11
C GLN D 41 25.99 -10.88 53.22
N HIS D 42 25.75 -11.92 52.42
CA HIS D 42 26.66 -13.06 52.42
C HIS D 42 28.03 -12.71 51.86
N ALA D 43 28.20 -11.51 51.30
CA ALA D 43 29.47 -11.01 50.79
C ALA D 43 30.48 -10.74 51.89
N LYS D 44 30.24 -11.21 53.11
CA LYS D 44 31.24 -11.09 54.17
C LYS D 44 32.48 -11.90 53.82
N SER D 45 32.30 -13.01 53.10
CA SER D 45 33.36 -13.88 52.67
C SER D 45 33.17 -14.21 51.19
N GLY D 46 34.29 -14.37 50.49
CA GLY D 46 34.24 -14.78 49.10
C GLY D 46 33.85 -16.23 48.93
N GLU D 47 33.58 -16.59 47.67
CA GLU D 47 33.36 -17.97 47.26
C GLU D 47 32.22 -18.63 48.04
N ASP D 48 31.20 -17.83 48.40
CA ASP D 48 30.08 -18.35 49.16
C ASP D 48 28.79 -18.49 48.36
N ILE D 49 28.57 -17.64 47.38
CA ILE D 49 27.29 -17.53 46.68
C ILE D 49 27.45 -17.95 45.24
N PHE D 50 26.46 -18.67 44.71
CA PHE D 50 26.52 -19.25 43.37
C PHE D 50 25.19 -19.01 42.65
N GLY D 51 25.22 -19.26 41.35
CA GLY D 51 24.06 -19.06 40.50
C GLY D 51 24.18 -19.89 39.25
N ASP D 52 23.04 -20.10 38.60
CA ASP D 52 22.97 -20.96 37.43
C ASP D 52 21.98 -20.37 36.42
N GLY D 53 22.32 -20.46 35.15
CA GLY D 53 21.46 -19.95 34.10
C GLY D 53 21.98 -20.33 32.73
N VAL D 54 21.14 -20.09 31.73
CA VAL D 54 21.45 -20.40 30.34
C VAL D 54 21.83 -19.12 29.62
N LEU D 55 22.94 -19.15 28.89
CA LEU D 55 23.52 -17.94 28.31
C LEU D 55 22.66 -17.42 27.16
N GLU D 56 22.40 -16.12 27.18
CA GLU D 56 21.83 -15.41 26.04
C GLU D 56 22.70 -14.22 25.73
N ILE D 57 23.27 -14.18 24.53
CA ILE D 57 24.10 -13.06 24.09
C ILE D 57 23.26 -12.26 23.11
N LEU D 58 22.91 -11.04 23.51
CA LEU D 58 22.10 -10.14 22.71
C LEU D 58 22.91 -9.54 21.56
N GLN D 59 22.18 -8.97 20.60
CA GLN D 59 22.74 -8.37 19.39
C GLN D 59 23.89 -7.41 19.67
N ASP D 60 24.06 -6.98 20.92
CA ASP D 60 25.14 -6.08 21.28
C ASP D 60 26.33 -6.79 21.90
N GLY D 61 26.13 -7.93 22.56
CA GLY D 61 27.23 -8.62 23.20
C GLY D 61 27.01 -8.99 24.65
N PHE D 62 26.23 -8.19 25.38
CA PHE D 62 26.02 -8.41 26.80
C PHE D 62 25.25 -9.70 27.04
N GLY D 63 25.89 -10.67 27.68
CA GLY D 63 25.26 -11.94 27.92
C GLY D 63 24.55 -11.95 29.27
N PHE D 64 23.46 -12.72 29.33
CA PHE D 64 22.71 -12.85 30.56
C PHE D 64 22.37 -14.31 30.78
N LEU D 65 22.61 -14.80 32.01
CA LEU D 65 22.21 -16.14 32.40
C LEU D 65 20.73 -16.09 32.75
N ARG D 66 19.88 -16.43 31.78
CA ARG D 66 18.45 -16.38 31.98
C ARG D 66 18.00 -17.70 32.60
N SER D 67 17.08 -17.60 33.55
CA SER D 67 16.61 -18.78 34.27
C SER D 67 15.62 -19.56 33.42
N ALA D 68 15.72 -20.89 33.50
CA ALA D 68 14.85 -21.75 32.70
C ALA D 68 13.50 -21.95 33.36
N ASP D 69 13.39 -21.64 34.66
CA ASP D 69 12.11 -21.78 35.35
C ASP D 69 11.06 -20.86 34.77
N SER D 70 11.47 -19.72 34.21
CA SER D 70 10.57 -18.74 33.64
C SER D 70 10.58 -18.80 32.12
N SER D 71 11.32 -19.75 31.55
CA SER D 71 11.44 -19.97 30.11
C SER D 71 12.24 -18.81 29.54
N TYR D 72 13.54 -18.81 29.86
CA TYR D 72 14.50 -17.78 29.48
C TYR D 72 13.85 -16.41 29.31
N LEU D 73 13.03 -16.02 30.29
CA LEU D 73 12.45 -14.68 30.29
C LEU D 73 13.48 -13.68 30.81
N ALA D 74 13.04 -12.46 31.08
CA ALA D 74 13.89 -11.38 31.56
C ALA D 74 13.31 -10.83 32.85
N GLY D 75 14.18 -10.27 33.68
CA GLY D 75 13.79 -9.69 34.93
C GLY D 75 14.96 -9.58 35.87
N PRO D 76 14.70 -9.41 37.16
CA PRO D 76 15.79 -9.08 38.09
C PRO D 76 16.54 -10.29 38.63
N ASP D 77 16.21 -11.51 38.19
CA ASP D 77 16.96 -12.68 38.60
C ASP D 77 17.99 -13.07 37.57
N ASP D 78 18.13 -12.29 36.50
CA ASP D 78 19.12 -12.56 35.49
C ASP D 78 20.53 -12.26 36.02
N ILE D 79 21.49 -13.02 35.52
CA ILE D 79 22.88 -12.85 35.91
C ILE D 79 23.58 -12.22 34.71
N TYR D 80 24.41 -11.23 34.96
CA TYR D 80 25.06 -10.51 33.87
C TYR D 80 26.39 -11.17 33.56
N VAL D 81 26.64 -11.42 32.28
CA VAL D 81 27.90 -11.97 31.79
C VAL D 81 28.58 -10.88 30.98
N SER D 82 29.84 -10.62 31.29
CA SER D 82 30.53 -9.51 30.63
C SER D 82 30.96 -9.90 29.22
N PRO D 83 31.07 -8.91 28.32
CA PRO D 83 31.61 -9.19 26.97
C PRO D 83 33.06 -9.67 26.99
N SER D 84 33.72 -9.61 28.14
CA SER D 84 35.08 -10.10 28.29
C SER D 84 35.07 -11.60 28.55
N GLN D 85 34.15 -12.06 29.41
CA GLN D 85 33.96 -13.48 29.65
C GLN D 85 33.78 -14.25 28.34
N ILE D 86 33.23 -13.60 27.32
CA ILE D 86 32.92 -14.29 26.06
C ILE D 86 34.19 -14.84 25.41
N ARG D 87 35.23 -14.01 25.30
CA ARG D 87 36.43 -14.44 24.62
C ARG D 87 37.23 -15.45 25.44
N ARG D 88 37.18 -15.35 26.77
CA ARG D 88 37.99 -16.23 27.61
C ARG D 88 37.64 -17.69 27.40
N PHE D 89 36.37 -18.03 27.51
CA PHE D 89 35.89 -19.38 27.28
C PHE D 89 35.27 -19.60 25.90
N ASN D 90 35.30 -18.58 25.03
CA ASN D 90 34.70 -18.68 23.69
C ASN D 90 33.23 -19.07 23.79
N LEU D 91 32.50 -18.33 24.63
CA LEU D 91 31.10 -18.61 24.89
C LEU D 91 30.24 -18.45 23.64
N ARG D 92 29.26 -19.34 23.52
CA ARG D 92 28.38 -19.42 22.36
C ARG D 92 26.94 -19.45 22.84
N THR D 93 26.02 -19.00 21.97
CA THR D 93 24.60 -19.01 22.30
C THR D 93 24.17 -20.39 22.78
N GLY D 94 23.49 -20.43 23.92
CA GLY D 94 22.99 -21.69 24.44
C GLY D 94 23.88 -22.39 25.44
N ASP D 95 25.09 -21.87 25.69
CA ASP D 95 25.98 -22.51 26.65
C ASP D 95 25.41 -22.41 28.05
N THR D 96 25.23 -23.56 28.71
CA THR D 96 24.79 -23.62 30.10
C THR D 96 25.98 -23.42 31.02
N ILE D 97 25.99 -22.32 31.77
CA ILE D 97 27.13 -21.91 32.58
C ILE D 97 26.71 -21.86 34.05
N SER D 98 27.50 -22.51 34.91
CA SER D 98 27.29 -22.51 36.36
C SER D 98 28.55 -21.95 37.04
N GLY D 99 28.50 -20.67 37.41
CA GLY D 99 29.65 -20.01 38.00
C GLY D 99 29.33 -19.35 39.33
N LYS D 100 30.38 -19.15 40.13
CA LYS D 100 30.24 -18.33 41.32
C LYS D 100 29.92 -16.90 40.91
N ILE D 101 28.89 -16.33 41.53
CA ILE D 101 28.47 -14.95 41.25
C ILE D 101 28.86 -14.02 42.39
N ARG D 102 29.15 -12.75 42.05
CA ARG D 102 29.30 -11.72 43.06
C ARG D 102 28.08 -10.79 43.04
N PRO D 103 27.72 -10.16 44.15
CA PRO D 103 26.60 -9.21 44.15
C PRO D 103 27.00 -7.91 43.46
N PRO D 104 26.08 -7.27 42.75
CA PRO D 104 26.41 -6.02 42.06
C PRO D 104 26.82 -4.92 43.04
N LYS D 105 27.63 -4.00 42.54
CA LYS D 105 28.08 -2.85 43.29
C LYS D 105 27.23 -1.66 42.84
N GLU D 106 27.53 -0.47 43.34
CA GLU D 106 26.70 0.66 43.00
C GLU D 106 27.13 1.23 41.66
N GLY D 107 26.14 1.60 40.85
CA GLY D 107 26.31 1.93 39.45
C GLY D 107 26.04 0.79 38.49
N GLU D 108 26.00 -0.45 38.98
CA GLU D 108 25.60 -1.62 38.20
C GLU D 108 24.39 -2.25 38.88
N ARG D 109 23.39 -2.63 38.09
CA ARG D 109 22.13 -3.11 38.65
C ARG D 109 21.87 -4.59 38.43
N TYR D 110 22.85 -5.36 37.95
CA TYR D 110 22.69 -6.80 37.76
C TYR D 110 23.86 -7.58 38.37
N PHE D 111 23.58 -8.82 38.76
CA PHE D 111 24.58 -9.71 39.34
C PHE D 111 25.66 -10.09 38.32
N ALA D 112 26.91 -10.07 38.78
CA ALA D 112 28.08 -10.45 37.98
C ALA D 112 28.66 -11.79 38.42
N LEU D 113 28.97 -12.64 37.45
CA LEU D 113 29.61 -13.94 37.69
C LEU D 113 31.13 -13.75 37.76
N LEU D 114 31.75 -14.32 38.80
CA LEU D 114 33.17 -14.12 39.04
C LEU D 114 34.01 -15.01 38.13
N LYS D 115 33.85 -16.32 38.26
CA LYS D 115 34.58 -17.30 37.47
C LYS D 115 33.63 -18.44 37.16
N VAL D 116 33.85 -19.10 36.03
CA VAL D 116 32.95 -20.17 35.60
C VAL D 116 33.59 -21.49 36.01
N ASN D 117 32.78 -22.37 36.58
CA ASN D 117 33.22 -23.68 37.01
C ASN D 117 32.91 -24.75 35.98
N GLU D 118 31.68 -24.78 35.46
CA GLU D 118 31.32 -25.72 34.42
C GLU D 118 30.75 -25.00 33.21
N VAL D 119 31.13 -25.48 32.04
CA VAL D 119 30.58 -25.03 30.75
C VAL D 119 30.07 -26.26 30.03
N ASN D 120 28.79 -26.27 29.67
CA ASN D 120 28.14 -27.43 29.05
C ASN D 120 28.27 -28.67 29.92
N PHE D 121 28.07 -28.49 31.23
CA PHE D 121 28.17 -29.55 32.23
C PHE D 121 29.54 -30.22 32.25
N ASP D 122 30.59 -29.50 31.87
CA ASP D 122 31.94 -30.07 31.86
C ASP D 122 32.93 -28.97 32.20
N LYS D 123 34.22 -29.21 31.92
CA LYS D 123 35.28 -28.28 32.30
C LYS D 123 35.10 -26.91 31.63
N PRO D 124 35.85 -25.88 32.02
CA PRO D 124 35.65 -24.55 31.42
C PRO D 124 36.11 -24.42 29.97
N GLU D 125 37.00 -25.28 29.50
CA GLU D 125 37.50 -25.22 28.13
C GLU D 125 37.65 -26.64 27.57
N ASN D 126 36.54 -27.38 27.58
CA ASN D 126 36.51 -28.72 27.05
C ASN D 126 35.83 -28.75 25.68
N ASN D 129 36.32 -25.61 20.26
CA ASN D 129 35.50 -26.81 20.19
C ASN D 129 34.90 -26.93 18.79
N LYS D 130 34.24 -28.07 18.51
CA LYS D 130 33.63 -28.28 17.22
C LYS D 130 32.18 -27.85 17.26
N ILE D 131 31.78 -27.02 16.30
CA ILE D 131 30.43 -26.47 16.23
C ILE D 131 29.56 -27.30 15.30
N LEU D 132 28.26 -27.35 15.62
CA LEU D 132 27.28 -28.15 14.90
C LEU D 132 27.09 -27.71 13.45
N PHE D 133 27.40 -26.45 13.11
CA PHE D 133 27.09 -25.91 11.79
C PHE D 133 27.72 -26.70 10.63
N GLU D 134 28.81 -27.45 10.86
CA GLU D 134 29.42 -28.18 9.75
C GLU D 134 29.73 -29.65 10.02
N ASN D 135 29.56 -30.14 11.24
CA ASN D 135 29.86 -31.55 11.50
C ASN D 135 28.97 -32.43 10.61
N LEU D 136 29.48 -33.63 10.31
CA LEU D 136 28.88 -34.47 9.28
C LEU D 136 27.48 -34.94 9.67
N THR D 137 26.59 -35.02 8.69
CA THR D 137 25.19 -35.36 8.89
C THR D 137 24.70 -36.52 8.02
N PRO D 138 24.57 -37.73 8.58
CA PRO D 138 23.98 -38.83 7.80
C PRO D 138 22.46 -38.72 7.70
N LEU D 139 21.81 -39.76 7.16
CA LEU D 139 20.35 -39.80 7.05
C LEU D 139 19.67 -39.90 8.41
N HIS D 140 20.42 -40.12 9.48
CA HIS D 140 19.90 -40.23 10.83
C HIS D 140 18.88 -41.36 10.95
N ALA D 141 19.35 -42.57 10.65
CA ALA D 141 18.59 -43.78 10.92
C ALA D 141 19.52 -44.91 11.33
N ASN D 142 20.26 -44.74 12.42
CA ASN D 142 21.16 -45.81 12.86
C ASN D 142 20.63 -46.48 14.11
N SER D 143 20.22 -45.69 15.09
CA SER D 143 19.56 -46.20 16.28
C SER D 143 18.13 -45.70 16.30
N ARG D 144 17.25 -46.50 16.89
CA ARG D 144 15.83 -46.20 16.97
C ARG D 144 15.45 -45.84 18.39
N LEU D 145 14.56 -44.87 18.53
CA LEU D 145 13.96 -44.55 19.82
C LEU D 145 12.67 -45.36 19.84
N ARG D 146 12.65 -46.42 20.64
CA ARG D 146 11.47 -47.28 20.67
C ARG D 146 10.40 -46.60 21.50
N MET D 147 9.19 -46.57 20.96
CA MET D 147 8.11 -45.84 21.60
C MET D 147 6.88 -46.73 21.83
N GLY D 152 2.90 -51.95 28.90
CA GLY D 152 1.62 -52.39 28.38
C GLY D 152 0.45 -51.84 29.16
N SER D 153 -0.22 -50.85 28.58
CA SER D 153 -1.34 -50.16 29.21
C SER D 153 -2.04 -49.34 28.13
N THR D 154 -3.01 -48.51 28.55
CA THR D 154 -3.71 -47.66 27.61
C THR D 154 -2.76 -46.65 26.97
N GLU D 155 -1.71 -46.25 27.68
CA GLU D 155 -0.77 -45.31 27.10
C GLU D 155 0.17 -45.99 26.10
N ASP D 156 0.42 -47.29 26.27
CA ASP D 156 1.22 -48.01 25.29
C ASP D 156 0.47 -48.29 24.00
N LEU D 157 -0.87 -48.29 24.04
CA LEU D 157 -1.65 -48.44 22.81
C LEU D 157 -1.45 -47.27 21.87
N THR D 158 -1.45 -46.05 22.41
CA THR D 158 -1.18 -44.86 21.60
C THR D 158 0.24 -44.87 21.07
N ALA D 159 1.21 -45.22 21.92
CA ALA D 159 2.61 -45.24 21.51
C ALA D 159 2.92 -46.36 20.51
N ARG D 160 2.20 -47.47 20.59
CA ARG D 160 2.49 -48.62 19.71
C ARG D 160 2.24 -48.29 18.25
N VAL D 161 1.14 -47.60 17.95
CA VAL D 161 0.82 -47.29 16.55
C VAL D 161 1.90 -46.44 15.91
N LEU D 162 2.52 -45.53 16.67
CA LEU D 162 3.60 -44.72 16.11
C LEU D 162 4.77 -45.58 15.67
N ASP D 163 5.17 -46.55 16.50
CA ASP D 163 6.26 -47.43 16.11
C ASP D 163 5.90 -48.27 14.89
N LEU D 164 4.62 -48.61 14.73
CA LEU D 164 4.18 -49.37 13.57
C LEU D 164 3.94 -48.47 12.36
N ALA D 165 3.43 -47.25 12.58
CA ALA D 165 3.14 -46.38 11.44
C ALA D 165 4.40 -45.65 10.98
N SER D 166 5.05 -44.92 11.88
CA SER D 166 6.24 -44.13 11.55
C SER D 166 7.20 -44.20 12.72
N PRO D 167 8.21 -45.06 12.64
CA PRO D 167 9.17 -45.20 13.76
C PRO D 167 10.09 -43.98 13.85
N ILE D 168 10.02 -43.28 14.98
CA ILE D 168 10.90 -42.14 15.20
C ILE D 168 12.28 -42.66 15.55
N GLY D 169 13.31 -42.01 14.99
CA GLY D 169 14.68 -42.40 15.23
C GLY D 169 15.53 -41.21 15.67
N ARG D 170 16.77 -41.51 15.99
CA ARG D 170 17.72 -40.49 16.42
C ARG D 170 18.20 -39.68 15.23
N GLY D 171 17.91 -38.38 15.26
CA GLY D 171 18.26 -37.45 14.21
C GLY D 171 17.17 -37.16 13.20
N GLN D 172 15.95 -37.61 13.45
CA GLN D 172 14.86 -37.50 12.47
C GLN D 172 14.11 -36.20 12.65
N ARG D 173 13.84 -35.52 11.54
CA ARG D 173 13.05 -34.29 11.53
C ARG D 173 11.58 -34.69 11.49
N GLY D 174 10.88 -34.50 12.60
CA GLY D 174 9.51 -34.95 12.71
C GLY D 174 8.51 -33.89 12.29
N LEU D 175 7.64 -34.27 11.35
CA LEU D 175 6.52 -33.41 10.94
C LEU D 175 5.27 -34.25 11.07
N ILE D 176 4.51 -34.00 12.13
CA ILE D 176 3.24 -34.67 12.37
C ILE D 176 2.14 -33.64 12.14
N VAL D 177 1.35 -33.83 11.09
CA VAL D 177 0.31 -32.87 10.75
C VAL D 177 -0.91 -33.14 11.62
N ALA D 178 -1.41 -32.09 12.26
CA ALA D 178 -2.46 -32.21 13.27
C ALA D 178 -3.53 -31.16 12.98
N PRO D 179 -4.72 -31.55 12.56
CA PRO D 179 -5.84 -30.62 12.49
C PRO D 179 -6.36 -30.27 13.86
N PRO D 180 -7.17 -29.22 13.99
CA PRO D 180 -7.73 -28.87 15.30
C PRO D 180 -8.63 -29.98 15.83
N LYS D 181 -8.73 -30.03 17.16
CA LYS D 181 -9.54 -31.00 17.90
C LYS D 181 -9.30 -32.43 17.41
N ALA D 182 -8.02 -32.76 17.24
CA ALA D 182 -7.59 -34.10 16.89
C ALA D 182 -6.73 -34.74 17.97
N GLY D 183 -6.72 -34.19 19.18
CA GLY D 183 -5.87 -34.71 20.23
C GLY D 183 -4.39 -34.45 20.02
N LYS D 184 -4.05 -33.29 19.46
CA LYS D 184 -2.64 -32.97 19.21
C LYS D 184 -1.85 -32.92 20.52
N THR D 185 -2.41 -32.29 21.56
CA THR D 185 -1.69 -32.15 22.82
C THR D 185 -1.57 -33.48 23.56
N MET D 186 -2.64 -34.29 23.54
CA MET D 186 -2.61 -35.58 24.24
C MET D 186 -1.58 -36.50 23.64
N LEU D 187 -1.42 -36.46 22.31
CA LEU D 187 -0.40 -37.27 21.66
C LEU D 187 1.00 -36.75 22.00
N LEU D 188 1.18 -35.43 21.98
CA LEU D 188 2.48 -34.84 22.30
C LEU D 188 2.89 -35.13 23.75
N GLN D 189 1.94 -35.14 24.67
CA GLN D 189 2.30 -35.51 26.04
C GLN D 189 2.62 -37.01 26.13
N ASN D 190 1.88 -37.84 25.38
CA ASN D 190 2.12 -39.28 25.43
C ASN D 190 3.48 -39.66 24.86
N ILE D 191 3.95 -38.95 23.84
CA ILE D 191 5.30 -39.22 23.34
C ILE D 191 6.32 -38.74 24.35
N ALA D 192 6.12 -37.55 24.92
CA ALA D 192 7.05 -37.03 25.91
C ALA D 192 7.12 -37.95 27.13
N GLN D 193 5.95 -38.42 27.60
CA GLN D 193 5.94 -39.35 28.72
C GLN D 193 6.68 -40.63 28.35
N SER D 194 6.46 -41.14 27.13
CA SER D 194 7.14 -42.35 26.70
C SER D 194 8.64 -42.11 26.50
N ILE D 195 9.02 -40.88 26.13
CA ILE D 195 10.43 -40.56 25.91
C ILE D 195 11.23 -40.71 27.20
N ALA D 196 10.72 -40.16 28.31
CA ALA D 196 11.51 -40.12 29.54
C ALA D 196 11.77 -41.52 30.12
N TYR D 197 10.80 -42.42 30.00
CA TYR D 197 10.97 -43.75 30.57
C TYR D 197 11.80 -44.66 29.66
N ASN D 198 11.44 -44.73 28.38
CA ASN D 198 12.17 -45.62 27.48
C ASN D 198 13.54 -45.05 27.12
N HIS D 199 13.66 -43.73 27.05
CA HIS D 199 14.93 -43.08 26.70
C HIS D 199 15.19 -41.92 27.64
N PRO D 200 15.59 -42.20 28.88
CA PRO D 200 16.05 -41.11 29.76
C PRO D 200 17.41 -40.58 29.37
N ASP D 201 18.20 -41.36 28.63
CA ASP D 201 19.53 -40.93 28.24
C ASP D 201 19.48 -39.66 27.40
N CYS D 202 18.49 -39.55 26.52
CA CYS D 202 18.28 -38.33 25.74
C CYS D 202 17.51 -37.34 26.59
N VAL D 203 17.95 -36.09 26.59
CA VAL D 203 17.27 -35.04 27.35
C VAL D 203 16.15 -34.46 26.49
N LEU D 204 14.93 -34.50 27.02
CA LEU D 204 13.75 -34.07 26.27
C LEU D 204 13.44 -32.62 26.58
N MET D 205 13.17 -31.84 25.54
CA MET D 205 13.00 -30.39 25.63
C MET D 205 11.76 -29.95 24.85
N VAL D 206 10.57 -30.22 25.38
CA VAL D 206 9.37 -29.79 24.67
C VAL D 206 9.24 -28.27 24.78
N LEU D 207 8.99 -27.63 23.64
CA LEU D 207 8.86 -26.18 23.58
C LEU D 207 7.50 -25.86 22.97
N LEU D 208 6.81 -24.89 23.55
CA LEU D 208 5.47 -24.51 23.12
C LEU D 208 5.50 -23.06 22.68
N ILE D 209 4.95 -22.81 21.49
CA ILE D 209 4.91 -21.47 20.90
C ILE D 209 3.45 -21.08 20.72
N ASP D 210 3.10 -19.88 21.18
CA ASP D 210 1.73 -19.35 21.10
C ASP D 210 0.74 -20.34 21.69
N GLU D 211 1.09 -20.91 22.84
CA GLU D 211 0.22 -21.83 23.55
C GLU D 211 -0.42 -21.12 24.73
N ARG D 212 -1.71 -21.41 24.97
CA ARG D 212 -2.43 -20.74 26.04
C ARG D 212 -1.83 -21.11 27.39
N PRO D 213 -1.77 -20.16 28.33
CA PRO D 213 -1.13 -20.44 29.63
C PRO D 213 -1.80 -21.54 30.43
N GLU D 214 -3.03 -21.94 30.10
CA GLU D 214 -3.67 -23.02 30.85
C GLU D 214 -2.89 -24.33 30.71
N GLU D 215 -2.51 -24.70 29.48
CA GLU D 215 -1.83 -25.96 29.27
C GLU D 215 -0.35 -25.96 29.65
N VAL D 216 0.32 -24.80 29.67
CA VAL D 216 1.75 -24.81 30.00
C VAL D 216 1.97 -25.39 31.38
N THR D 217 1.09 -25.07 32.34
CA THR D 217 1.21 -25.66 33.66
C THR D 217 0.95 -27.16 33.61
N GLU D 218 -0.03 -27.58 32.81
CA GLU D 218 -0.29 -28.99 32.60
C GLU D 218 0.92 -29.72 32.01
N MET D 219 1.56 -29.12 30.99
CA MET D 219 2.66 -29.81 30.32
C MET D 219 3.89 -29.97 31.21
N GLN D 220 4.23 -28.94 32.01
CA GLN D 220 5.40 -29.04 32.85
C GLN D 220 5.24 -30.12 33.93
N ARG D 221 4.01 -30.32 34.41
CA ARG D 221 3.78 -31.27 35.50
C ARG D 221 3.75 -32.71 35.00
N LEU D 222 3.30 -32.94 33.77
CA LEU D 222 3.16 -34.30 33.27
C LEU D 222 4.36 -34.75 32.46
N VAL D 223 5.17 -33.82 31.95
CA VAL D 223 6.40 -34.12 31.24
C VAL D 223 7.55 -33.93 32.22
N LYS D 224 8.46 -34.88 32.27
CA LYS D 224 9.52 -34.88 33.28
C LYS D 224 10.83 -34.40 32.69
N GLY D 225 10.89 -33.08 32.51
CA GLY D 225 12.06 -32.39 32.01
C GLY D 225 11.72 -30.92 31.99
N GLU D 226 12.73 -30.10 31.72
CA GLU D 226 12.50 -28.67 31.66
C GLU D 226 11.64 -28.37 30.45
N VAL D 227 10.51 -27.69 30.68
CA VAL D 227 9.50 -27.41 29.67
C VAL D 227 9.42 -25.90 29.50
N VAL D 228 9.97 -25.41 28.41
CA VAL D 228 9.97 -23.98 28.11
C VAL D 228 8.84 -23.67 27.14
N ALA D 229 8.12 -22.58 27.42
CA ALA D 229 6.96 -22.21 26.63
C ALA D 229 6.85 -20.70 26.62
N SER D 230 5.98 -20.19 25.76
CA SER D 230 5.68 -18.76 25.71
C SER D 230 4.22 -18.61 25.38
N THR D 231 3.52 -17.77 26.14
CA THR D 231 2.10 -17.60 25.94
C THR D 231 1.85 -16.51 24.90
N PHE D 232 0.68 -16.60 24.25
CA PHE D 232 0.30 -15.61 23.25
C PHE D 232 0.13 -14.23 23.86
N ASP D 233 -0.02 -14.13 25.19
CA ASP D 233 -0.12 -12.82 25.83
C ASP D 233 1.15 -12.00 25.71
N GLU D 234 2.20 -12.57 25.15
CA GLU D 234 3.51 -11.97 24.95
C GLU D 234 3.75 -11.64 23.48
N PRO D 235 4.51 -10.59 23.19
CA PRO D 235 4.67 -10.13 21.81
C PRO D 235 5.40 -11.18 20.97
N ALA D 236 5.38 -10.95 19.65
CA ALA D 236 6.01 -11.89 18.73
C ALA D 236 7.51 -11.99 18.97
N SER D 237 8.16 -10.88 19.37
CA SER D 237 9.57 -10.92 19.72
C SER D 237 9.84 -11.89 20.87
N ARG D 238 8.85 -12.12 21.73
CA ARG D 238 9.03 -13.09 22.81
C ARG D 238 9.08 -14.51 22.26
N HIS D 239 8.18 -14.83 21.31
CA HIS D 239 8.17 -16.17 20.73
C HIS D 239 9.48 -16.51 20.04
N VAL D 240 10.10 -15.53 19.38
CA VAL D 240 11.34 -15.80 18.67
C VAL D 240 12.49 -16.00 19.65
N GLN D 241 12.50 -15.24 20.75
CA GLN D 241 13.58 -15.33 21.72
C GLN D 241 13.61 -16.70 22.38
N VAL D 242 12.45 -17.21 22.80
CA VAL D 242 12.40 -18.50 23.48
C VAL D 242 12.78 -19.62 22.51
N ALA D 243 12.47 -19.46 21.22
CA ALA D 243 12.76 -20.51 20.25
C ALA D 243 14.25 -20.57 19.95
N GLU D 244 14.88 -19.41 19.73
CA GLU D 244 16.31 -19.39 19.42
C GLU D 244 17.12 -20.00 20.56
N MET D 245 16.69 -19.76 21.80
CA MET D 245 17.40 -20.33 22.94
C MET D 245 17.36 -21.84 22.91
N VAL D 246 16.22 -22.42 22.55
CA VAL D 246 16.06 -23.87 22.62
C VAL D 246 16.89 -24.56 21.56
N ILE D 247 16.88 -24.04 20.33
CA ILE D 247 17.62 -24.68 19.26
C ILE D 247 19.13 -24.54 19.48
N GLU D 248 19.58 -23.35 19.89
CA GLU D 248 21.01 -23.15 20.13
C GLU D 248 21.50 -23.92 21.36
N LYS D 249 20.69 -23.94 22.43
CA LYS D 249 21.06 -24.74 23.59
C LYS D 249 21.11 -26.22 23.23
N ALA D 250 20.17 -26.67 22.39
CA ALA D 250 20.21 -28.05 21.93
C ALA D 250 21.44 -28.30 21.06
N LYS D 251 21.78 -27.34 20.19
CA LYS D 251 22.94 -27.51 19.33
C LYS D 251 24.23 -27.66 20.13
N ARG D 252 24.40 -26.85 21.18
CA ARG D 252 25.62 -26.92 21.98
C ARG D 252 25.71 -28.22 22.76
N LEU D 253 24.57 -28.78 23.17
CA LEU D 253 24.60 -30.05 23.91
C LEU D 253 24.88 -31.23 23.01
N VAL D 254 24.41 -31.21 21.76
CA VAL D 254 24.77 -32.26 20.81
C VAL D 254 26.26 -32.18 20.47
N GLU D 255 26.83 -30.98 20.47
CA GLU D 255 28.26 -30.84 20.26
C GLU D 255 29.05 -31.58 21.33
N HIS D 256 28.48 -31.72 22.53
CA HIS D 256 29.08 -32.46 23.63
C HIS D 256 28.58 -33.90 23.71
N LYS D 257 28.21 -34.49 22.56
CA LYS D 257 27.88 -35.92 22.46
C LYS D 257 26.67 -36.29 23.33
N LYS D 258 25.71 -35.39 23.43
CA LYS D 258 24.44 -35.71 24.09
C LYS D 258 23.30 -35.56 23.11
N ASP D 259 22.43 -36.57 23.05
CA ASP D 259 21.26 -36.53 22.19
C ASP D 259 20.16 -35.75 22.89
N VAL D 260 19.56 -34.79 22.16
CA VAL D 260 18.50 -33.96 22.70
C VAL D 260 17.31 -34.05 21.77
N ILE D 261 16.11 -34.10 22.35
CA ILE D 261 14.87 -34.18 21.60
C ILE D 261 13.98 -33.02 22.04
N ILE D 262 13.50 -32.25 21.08
CA ILE D 262 12.62 -31.12 21.33
C ILE D 262 11.33 -31.35 20.55
N LEU D 263 10.20 -30.98 21.17
CA LEU D 263 8.88 -31.19 20.59
C LEU D 263 8.18 -29.85 20.45
N LEU D 264 8.03 -29.40 19.21
CA LEU D 264 7.38 -28.12 18.95
C LEU D 264 5.88 -28.35 18.83
N ASP D 265 5.11 -27.59 19.61
CA ASP D 265 3.66 -27.76 19.60
C ASP D 265 3.04 -27.14 18.35
N SER D 266 3.68 -26.12 17.79
CA SER D 266 3.16 -25.46 16.61
C SER D 266 4.35 -24.77 15.92
N ILE D 267 4.94 -25.47 14.94
CA ILE D 267 5.92 -24.82 14.07
C ILE D 267 5.24 -23.75 13.23
N THR D 268 3.93 -23.89 12.99
CA THR D 268 3.20 -22.91 12.20
C THR D 268 3.18 -21.55 12.91
N ARG D 269 2.90 -21.55 14.21
CA ARG D 269 2.85 -20.30 14.96
C ARG D 269 4.25 -19.74 15.20
N LEU D 270 5.26 -20.60 15.29
CA LEU D 270 6.64 -20.12 15.31
C LEU D 270 6.94 -19.36 14.03
N ALA D 271 6.46 -19.86 12.90
CA ALA D 271 6.62 -19.14 11.63
C ALA D 271 5.79 -17.87 11.61
N ARG D 272 4.58 -17.92 12.19
CA ARG D 272 3.75 -16.71 12.23
C ARG D 272 4.44 -15.60 13.00
N ALA D 273 5.23 -15.95 14.02
CA ALA D 273 5.94 -14.92 14.76
C ALA D 273 7.04 -14.29 13.92
N TYR D 274 7.82 -15.11 13.20
CA TYR D 274 8.96 -14.59 12.44
C TYR D 274 8.55 -13.64 11.31
N ASN D 275 7.50 -13.97 10.54
CA ASN D 275 7.09 -13.06 9.48
C ASN D 275 6.68 -11.70 10.03
N THR D 276 6.08 -11.68 11.22
CA THR D 276 5.58 -10.43 11.79
C THR D 276 6.67 -9.58 12.44
N VAL D 277 7.80 -10.17 12.80
CA VAL D 277 8.86 -9.39 13.40
C VAL D 277 9.84 -8.81 12.37
N VAL D 278 10.03 -9.49 11.24
CA VAL D 278 11.08 -9.12 10.28
C VAL D 278 10.48 -8.20 9.22
N PRO D 279 11.04 -7.00 9.03
CA PRO D 279 10.62 -6.15 7.91
C PRO D 279 11.89 -5.66 7.24
N ALA D 280 12.69 -6.61 6.74
CA ALA D 280 14.02 -6.28 6.21
C ALA D 280 13.94 -5.28 5.07
N SER D 281 13.12 -5.55 4.06
CA SER D 281 13.01 -4.65 2.93
C SER D 281 12.34 -3.34 3.33
N VAL D 284 8.05 -9.87 -0.81
CA VAL D 284 7.32 -10.79 -1.68
C VAL D 284 6.41 -11.69 -0.86
N LEU D 285 5.11 -11.57 -1.10
CA LEU D 285 4.09 -12.32 -0.39
C LEU D 285 3.51 -13.35 -1.35
N THR D 286 3.56 -14.62 -0.97
CA THR D 286 3.05 -15.69 -1.81
C THR D 286 1.63 -16.09 -1.43
N GLY D 287 1.25 -15.84 -0.18
CA GLY D 287 -0.07 -16.16 0.33
C GLY D 287 -0.35 -15.34 1.57
N GLY D 288 0.26 -14.16 1.66
CA GLY D 288 0.16 -13.30 2.82
C GLY D 288 1.36 -13.34 3.73
N VAL D 289 2.30 -14.25 3.50
CA VAL D 289 3.50 -14.39 4.30
C VAL D 289 4.68 -13.86 3.50
N ASP D 290 5.60 -13.19 4.18
CA ASP D 290 6.81 -12.70 3.53
C ASP D 290 7.71 -13.88 3.19
N ALA D 291 8.15 -13.95 1.93
CA ALA D 291 8.82 -15.15 1.43
C ALA D 291 10.15 -15.40 2.12
N ASN D 292 10.96 -14.35 2.29
CA ASN D 292 12.27 -14.52 2.93
C ASN D 292 12.16 -14.76 4.43
N ALA D 293 10.97 -14.59 5.01
CA ALA D 293 10.77 -14.80 6.43
C ALA D 293 10.72 -16.28 6.80
N LEU D 294 10.40 -17.17 5.86
CA LEU D 294 10.34 -18.60 6.12
C LEU D 294 11.70 -19.31 6.19
N HIS D 295 12.81 -18.59 6.04
CA HIS D 295 14.11 -19.28 6.17
C HIS D 295 14.43 -19.60 7.62
N ARG D 296 14.15 -18.68 8.55
CA ARG D 296 14.56 -18.88 9.94
C ARG D 296 13.70 -19.94 10.63
N PRO D 297 12.38 -20.02 10.38
CA PRO D 297 11.65 -21.21 10.84
C PRO D 297 12.20 -22.48 10.23
N LYS D 298 12.64 -22.41 8.97
CA LYS D 298 13.29 -23.55 8.33
C LYS D 298 14.63 -23.85 8.98
N ARG D 299 15.34 -22.82 9.46
CA ARG D 299 16.59 -23.05 10.16
C ARG D 299 16.37 -23.86 11.43
N PHE D 300 15.29 -23.57 12.16
CA PHE D 300 14.93 -24.36 13.33
C PHE D 300 14.75 -25.83 12.97
N PHE D 301 13.95 -26.10 11.93
CA PHE D 301 13.63 -27.48 11.57
C PHE D 301 14.84 -28.20 10.97
N GLY D 302 15.65 -27.50 10.19
CA GLY D 302 16.79 -28.12 9.54
C GLY D 302 17.92 -28.53 10.48
N ALA D 303 17.90 -28.06 11.72
CA ALA D 303 18.96 -28.38 12.66
C ALA D 303 18.90 -29.83 13.12
N ALA D 304 17.74 -30.47 13.08
CA ALA D 304 17.62 -31.84 13.56
C ALA D 304 18.37 -32.76 12.61
N ARG D 305 19.50 -33.30 13.08
CA ARG D 305 20.39 -34.10 12.25
C ARG D 305 21.21 -35.01 13.15
N ASN D 306 21.42 -36.25 12.70
CA ASN D 306 22.39 -37.15 13.32
C ASN D 306 23.79 -36.74 12.92
N VAL D 307 24.69 -36.62 13.90
CA VAL D 307 26.08 -36.27 13.64
C VAL D 307 26.92 -37.54 13.67
N GLU D 308 27.76 -37.73 12.64
CA GLU D 308 28.69 -38.86 12.66
C GLU D 308 29.70 -38.73 13.79
N GLU D 309 30.12 -37.51 14.09
CA GLU D 309 31.07 -37.28 15.19
C GLU D 309 30.49 -37.62 16.54
N GLY D 310 29.18 -37.87 16.62
CA GLY D 310 28.54 -38.32 17.82
C GLY D 310 27.37 -37.47 18.27
N GLY D 311 26.26 -38.12 18.56
CA GLY D 311 25.06 -37.42 18.96
C GLY D 311 24.02 -37.39 17.86
N SER D 312 22.80 -37.08 18.27
CA SER D 312 21.66 -37.00 17.36
C SER D 312 20.71 -35.97 17.94
N LEU D 313 20.26 -35.04 17.12
CA LEU D 313 19.35 -33.98 17.54
C LEU D 313 18.05 -34.22 16.79
N THR D 314 16.98 -34.48 17.55
CA THR D 314 15.71 -34.88 16.98
C THR D 314 14.68 -33.79 17.28
N ILE D 315 14.19 -33.15 16.24
CA ILE D 315 13.12 -32.18 16.36
C ILE D 315 11.91 -32.81 15.69
N ILE D 316 10.90 -33.12 16.48
CA ILE D 316 9.65 -33.65 15.97
C ILE D 316 8.62 -32.54 16.16
N ALA D 317 8.38 -31.79 15.10
CA ALA D 317 7.48 -30.66 15.16
C ALA D 317 6.10 -31.07 14.64
N THR D 318 5.10 -30.32 15.08
CA THR D 318 3.71 -30.59 14.74
C THR D 318 3.20 -29.42 13.93
N ALA D 319 2.87 -29.66 12.67
CA ALA D 319 2.32 -28.63 11.81
C ALA D 319 0.81 -28.60 11.93
N LEU D 320 0.26 -27.40 12.02
CA LEU D 320 -1.19 -27.21 12.08
C LEU D 320 -1.72 -26.98 10.68
N ILE D 321 -2.81 -27.67 10.34
CA ILE D 321 -3.43 -27.55 9.03
C ILE D 321 -4.93 -27.35 9.19
N ASP D 322 -5.56 -26.87 8.11
CA ASP D 322 -7.00 -26.63 8.01
C ASP D 322 -7.54 -25.83 9.21
N THR D 323 -6.74 -24.88 9.69
CA THR D 323 -7.18 -23.99 10.76
C THR D 323 -8.18 -22.95 10.26
N GLY D 324 -8.37 -22.82 8.96
CA GLY D 324 -9.22 -21.81 8.38
C GLY D 324 -8.49 -20.58 7.87
N SER D 325 -7.23 -20.39 8.24
CA SER D 325 -6.42 -19.30 7.72
C SER D 325 -5.51 -19.85 6.63
N LYS D 326 -5.56 -19.23 5.44
CA LYS D 326 -4.69 -19.65 4.35
C LYS D 326 -3.22 -19.58 4.75
N MET D 327 -2.89 -18.62 5.62
CA MET D 327 -1.51 -18.44 6.09
C MET D 327 -0.94 -19.72 6.69
N ASP D 328 -1.71 -20.37 7.56
CA ASP D 328 -1.19 -21.54 8.25
C ASP D 328 -0.95 -22.70 7.28
N GLU D 329 -1.76 -22.81 6.23
CA GLU D 329 -1.58 -23.87 5.25
C GLU D 329 -0.37 -23.60 4.37
N VAL D 330 -0.05 -22.33 4.11
CA VAL D 330 1.09 -22.00 3.27
C VAL D 330 2.40 -22.39 3.97
N ILE D 331 2.44 -22.24 5.30
CA ILE D 331 3.63 -22.65 6.04
C ILE D 331 3.86 -24.15 5.89
N TYR D 332 2.77 -24.92 5.89
CA TYR D 332 2.87 -26.37 5.68
C TYR D 332 3.38 -26.68 4.28
N GLU D 333 2.86 -25.99 3.26
CA GLU D 333 3.20 -26.33 1.88
C GLU D 333 4.68 -26.09 1.58
N GLU D 334 5.29 -25.06 2.18
CA GLU D 334 6.72 -24.87 2.01
C GLU D 334 7.54 -25.81 2.89
N PHE D 335 7.02 -26.19 4.05
CA PHE D 335 7.69 -27.16 4.89
C PHE D 335 7.41 -28.60 4.44
N LYS D 336 6.63 -28.77 3.38
CA LYS D 336 6.32 -30.08 2.85
C LYS D 336 7.51 -30.63 2.06
N GLY D 337 7.87 -31.87 2.35
CA GLY D 337 9.00 -32.53 1.71
C GLY D 337 10.33 -32.29 2.38
N THR D 338 10.38 -31.38 3.35
CA THR D 338 11.56 -31.18 4.18
C THR D 338 11.58 -32.11 5.39
N GLY D 339 10.42 -32.57 5.84
CA GLY D 339 10.35 -33.40 7.04
C GLY D 339 10.51 -34.87 6.72
N ASN D 340 11.31 -35.54 7.55
CA ASN D 340 11.58 -36.96 7.42
C ASN D 340 10.50 -37.82 8.05
N MET D 341 9.78 -37.30 9.03
CA MET D 341 8.71 -38.01 9.71
C MET D 341 7.34 -37.56 9.22
N GLU D 342 6.45 -38.51 9.01
CA GLU D 342 5.06 -38.21 8.68
C GLU D 342 4.17 -39.04 9.58
N LEU D 343 3.43 -38.37 10.45
CA LEU D 343 2.38 -38.98 11.26
C LEU D 343 1.17 -38.08 11.04
N HIS D 344 0.20 -38.55 10.28
CA HIS D 344 -0.92 -37.72 9.86
C HIS D 344 -2.12 -37.95 10.78
N LEU D 345 -2.53 -36.88 11.46
CA LEU D 345 -3.73 -36.89 12.28
C LEU D 345 -4.91 -36.46 11.41
N SER D 346 -6.10 -36.90 11.80
CA SER D 346 -7.29 -36.66 10.99
C SER D 346 -8.40 -36.16 11.89
N ARG D 347 -9.13 -35.15 11.40
CA ARG D 347 -10.24 -34.58 12.18
C ARG D 347 -11.38 -35.58 12.28
N LYS D 348 -11.75 -36.20 11.16
CA LYS D 348 -12.88 -37.11 11.15
C LYS D 348 -12.64 -38.31 12.05
N ILE D 349 -11.39 -38.79 12.13
CA ILE D 349 -11.09 -39.95 12.96
C ILE D 349 -11.27 -39.61 14.43
N ALA D 350 -10.77 -38.44 14.85
CA ALA D 350 -10.96 -38.04 16.24
C ALA D 350 -12.42 -37.72 16.55
N GLU D 351 -13.17 -37.26 15.54
CA GLU D 351 -14.57 -36.92 15.74
C GLU D 351 -15.41 -38.15 16.03
N LYS D 352 -15.01 -39.32 15.55
CA LYS D 352 -15.70 -40.57 15.81
C LYS D 352 -15.29 -41.19 17.15
N ARG D 353 -14.60 -40.41 17.98
CA ARG D 353 -14.25 -40.73 19.38
C ARG D 353 -13.43 -42.02 19.50
N VAL D 354 -12.77 -42.44 18.42
CA VAL D 354 -11.73 -43.46 18.51
C VAL D 354 -10.45 -42.78 18.95
N PHE D 355 -9.77 -43.38 19.94
CA PHE D 355 -8.80 -42.62 20.72
C PHE D 355 -7.51 -42.26 19.97
N PRO D 356 -6.85 -43.18 19.23
CA PRO D 356 -5.55 -42.82 18.62
C PRO D 356 -5.58 -41.73 17.56
N ALA D 357 -6.47 -41.86 16.57
CA ALA D 357 -6.68 -40.84 15.52
C ALA D 357 -5.43 -40.55 14.70
N ILE D 358 -4.91 -41.60 14.06
CA ILE D 358 -3.74 -41.51 13.18
C ILE D 358 -4.15 -42.01 11.80
N ASP D 359 -3.62 -41.37 10.74
CA ASP D 359 -3.86 -41.81 9.37
C ASP D 359 -2.65 -42.66 8.97
N TYR D 360 -2.85 -43.98 8.93
CA TYR D 360 -1.74 -44.92 8.73
C TYR D 360 -1.27 -44.99 7.28
N ASN D 361 -2.14 -44.78 6.30
CA ASN D 361 -1.75 -45.03 4.92
C ASN D 361 -0.71 -44.01 4.46
N ARG D 362 -0.87 -42.75 4.87
CA ARG D 362 0.10 -41.71 4.58
C ARG D 362 1.13 -41.49 5.67
N SER D 363 0.94 -42.07 6.86
CA SER D 363 1.92 -41.88 7.91
C SER D 363 3.07 -42.87 7.69
N GLY D 364 4.27 -42.35 7.56
CA GLY D 364 5.44 -43.16 7.32
C GLY D 364 6.71 -42.35 7.42
N THR D 365 7.82 -43.01 7.74
CA THR D 365 9.11 -42.36 7.84
C THR D 365 9.99 -42.86 6.69
N ARG D 366 10.88 -41.99 6.24
CA ARG D 366 11.77 -42.36 5.15
C ARG D 366 12.95 -43.17 5.67
N LYS D 367 13.44 -44.07 4.82
CA LYS D 367 14.57 -44.94 5.14
C LYS D 367 14.31 -45.79 6.39
N GLU D 368 13.18 -46.51 6.37
CA GLU D 368 12.88 -47.42 7.47
C GLU D 368 13.89 -48.55 7.54
N GLU D 369 14.67 -48.77 6.47
CA GLU D 369 15.56 -49.93 6.40
C GLU D 369 16.74 -49.79 7.34
N LEU D 370 17.21 -48.57 7.56
CA LEU D 370 18.31 -48.35 8.49
C LEU D 370 17.80 -48.36 9.92
N LEU D 371 16.55 -47.94 10.14
CA LEU D 371 15.97 -47.86 11.47
C LEU D 371 15.54 -49.23 12.01
N THR D 372 15.16 -50.17 11.15
CA THR D 372 14.56 -51.41 11.61
C THR D 372 15.42 -52.62 11.30
N THR D 373 15.33 -53.61 12.18
CA THR D 373 15.95 -54.90 11.95
C THR D 373 15.21 -55.61 10.83
N GLN D 374 15.92 -56.53 10.16
CA GLN D 374 15.32 -57.25 9.04
C GLN D 374 14.09 -58.05 9.47
N GLU D 375 14.09 -58.54 10.71
CA GLU D 375 12.92 -59.28 11.21
C GLU D 375 11.69 -58.39 11.30
N GLU D 376 11.85 -57.15 11.76
CA GLU D 376 10.71 -56.25 11.96
C GLU D 376 10.16 -55.71 10.64
N LEU D 377 11.03 -55.46 9.66
CA LEU D 377 10.60 -54.84 8.41
C LEU D 377 9.51 -55.65 7.72
N GLN D 378 9.66 -56.97 7.66
CA GLN D 378 8.67 -57.80 6.98
C GLN D 378 7.28 -57.66 7.60
N LYS D 379 7.20 -57.50 8.92
CA LYS D 379 5.93 -57.21 9.55
C LYS D 379 5.37 -55.87 9.05
N MET D 380 6.24 -54.88 8.88
CA MET D 380 5.80 -53.57 8.43
C MET D 380 5.17 -53.63 7.05
N TRP D 381 5.75 -54.41 6.13
CA TRP D 381 5.24 -54.44 4.77
C TRP D 381 3.87 -55.10 4.69
N ILE D 382 3.68 -56.23 5.37
CA ILE D 382 2.38 -56.89 5.32
C ILE D 382 1.32 -56.01 5.98
N LEU D 383 1.68 -55.34 7.07
CA LEU D 383 0.72 -54.45 7.72
C LEU D 383 0.34 -53.30 6.79
N ARG D 384 1.31 -52.74 6.08
CA ARG D 384 0.96 -51.73 5.08
C ARG D 384 0.01 -52.31 4.04
N LYS D 385 0.25 -53.55 3.63
CA LYS D 385 -0.59 -54.18 2.61
C LYS D 385 -2.01 -54.46 3.12
N ILE D 386 -2.17 -54.81 4.41
CA ILE D 386 -3.51 -55.10 4.91
C ILE D 386 -4.33 -53.82 5.06
N ILE D 387 -3.69 -52.72 5.44
CA ILE D 387 -4.40 -51.46 5.69
C ILE D 387 -4.41 -50.52 4.49
N HIS D 388 -3.57 -50.76 3.48
CA HIS D 388 -3.56 -49.86 2.33
C HIS D 388 -4.90 -49.80 1.60
N PRO D 389 -5.63 -50.90 1.38
CA PRO D 389 -6.98 -50.77 0.81
C PRO D 389 -7.98 -50.16 1.77
N MET D 390 -7.79 -50.33 3.07
CA MET D 390 -8.75 -49.85 4.08
C MET D 390 -8.79 -48.33 4.14
N GLY D 391 -9.99 -47.80 4.39
CA GLY D 391 -10.24 -46.38 4.55
C GLY D 391 -9.63 -45.83 5.84
N GLU D 392 -10.07 -44.62 6.20
CA GLU D 392 -9.42 -43.94 7.32
C GLU D 392 -9.97 -44.34 8.68
N ILE D 393 -11.29 -44.34 8.85
CA ILE D 393 -11.85 -44.77 10.13
C ILE D 393 -11.61 -46.26 10.32
N ASP D 394 -11.57 -47.02 9.23
CA ASP D 394 -11.54 -48.46 9.32
C ASP D 394 -10.15 -49.00 9.58
N ALA D 395 -9.12 -48.19 9.37
CA ALA D 395 -7.77 -48.61 9.68
C ALA D 395 -7.51 -48.63 11.18
N MET D 396 -7.95 -47.59 11.89
CA MET D 396 -7.67 -47.51 13.31
C MET D 396 -8.49 -48.52 14.10
N GLU D 397 -9.77 -48.69 13.74
CA GLU D 397 -10.58 -49.74 14.35
C GLU D 397 -9.92 -51.10 14.17
N PHE D 398 -9.27 -51.30 13.03
CA PHE D 398 -8.53 -52.54 12.79
C PHE D 398 -7.36 -52.66 13.75
N LEU D 399 -6.61 -51.56 13.95
CA LEU D 399 -5.40 -51.54 14.77
C LEU D 399 -5.63 -51.19 16.25
N ILE D 400 -6.84 -51.35 16.80
CA ILE D 400 -6.95 -51.07 18.23
C ILE D 400 -7.54 -52.26 18.98
N ASN D 401 -8.50 -52.94 18.36
CA ASN D 401 -9.05 -54.15 18.99
C ASN D 401 -8.03 -55.28 18.95
N LYS D 402 -7.26 -55.35 17.86
CA LYS D 402 -6.24 -56.40 17.72
C LYS D 402 -5.04 -56.13 18.61
N LEU D 403 -4.66 -54.85 18.76
CA LEU D 403 -3.53 -54.52 19.64
C LEU D 403 -3.88 -54.65 21.12
N ALA D 404 -5.16 -54.79 21.46
CA ALA D 404 -5.55 -55.01 22.84
C ALA D 404 -5.18 -56.40 23.35
N MET D 405 -4.95 -57.36 22.46
CA MET D 405 -4.73 -58.73 22.90
C MET D 405 -3.27 -59.07 23.13
N THR D 406 -2.33 -58.40 22.45
CA THR D 406 -0.91 -58.60 22.69
C THR D 406 -0.19 -57.25 22.61
N LYS D 407 1.05 -57.24 23.09
CA LYS D 407 1.86 -56.04 23.03
C LYS D 407 2.88 -56.14 21.91
N THR D 408 3.23 -54.98 21.35
CA THR D 408 4.21 -54.78 20.27
C THR D 408 4.46 -55.99 19.34
N ASN D 409 5.66 -56.59 19.43
CA ASN D 409 6.04 -57.67 18.53
C ASN D 409 5.07 -58.84 18.56
N ASP D 410 4.42 -59.09 19.71
CA ASP D 410 3.53 -60.24 19.77
C ASP D 410 2.29 -60.06 18.92
N ASP D 411 2.04 -58.86 18.38
CA ASP D 411 0.92 -58.67 17.48
C ASP D 411 1.15 -59.39 16.14
N PHE D 412 2.41 -59.50 15.72
CA PHE D 412 2.71 -60.17 14.46
C PHE D 412 2.27 -61.62 14.49
N PHE D 413 2.40 -62.27 15.66
CA PHE D 413 1.98 -63.67 15.77
C PHE D 413 0.46 -63.80 15.78
N GLU D 414 -0.25 -62.77 16.25
CA GLU D 414 -1.70 -62.83 16.18
C GLU D 414 -2.22 -62.46 14.80
N MET D 415 -1.38 -61.90 13.94
CA MET D 415 -1.79 -61.59 12.58
C MET D 415 -1.37 -62.65 11.58
N MET D 416 -0.40 -63.50 11.93
CA MET D 416 -0.02 -64.60 11.05
C MET D 416 -0.75 -65.89 11.38
N LYS D 417 -1.35 -65.98 12.56
CA LYS D 417 -2.02 -67.17 13.11
C LYS D 417 -1.99 -68.44 12.25
N MET E 1 48.11 36.49 -33.84
CA MET E 1 47.01 35.93 -34.62
C MET E 1 45.81 35.62 -33.73
N ASN E 2 44.94 34.74 -34.21
CA ASN E 2 43.76 34.38 -33.45
C ASN E 2 44.18 33.56 -32.22
N LEU E 3 43.64 33.94 -31.06
CA LEU E 3 44.01 33.26 -29.82
C LEU E 3 43.66 31.78 -29.86
N THR E 4 42.50 31.44 -30.43
CA THR E 4 42.08 30.04 -30.49
C THR E 4 43.06 29.21 -31.31
N GLU E 5 43.69 29.78 -32.32
CA GLU E 5 44.68 29.03 -33.08
C GLU E 5 45.90 28.71 -32.23
N LEU E 6 46.42 29.71 -31.51
CA LEU E 6 47.54 29.49 -30.61
C LEU E 6 47.16 28.59 -29.45
N LYS E 7 45.89 28.60 -29.05
CA LYS E 7 45.44 27.71 -27.98
C LYS E 7 45.55 26.26 -28.41
N ASN E 8 45.23 25.96 -29.66
CA ASN E 8 45.34 24.61 -30.17
C ASN E 8 46.77 24.25 -30.54
N THR E 9 47.63 25.24 -30.76
CA THR E 9 49.00 24.95 -31.10
C THR E 9 49.71 24.29 -29.91
N PRO E 10 50.39 23.17 -30.11
CA PRO E 10 51.13 22.53 -29.03
C PRO E 10 52.35 23.34 -28.59
N VAL E 11 52.86 22.95 -27.42
CA VAL E 11 53.98 23.65 -26.79
C VAL E 11 55.22 23.63 -27.68
N SER E 12 55.34 22.61 -28.55
CA SER E 12 56.54 22.47 -29.37
C SER E 12 56.72 23.66 -30.30
N GLU E 13 55.64 24.10 -30.95
CA GLU E 13 55.73 25.27 -31.83
C GLU E 13 55.86 26.57 -31.05
N LEU E 14 55.24 26.68 -29.88
CA LEU E 14 55.22 27.94 -29.16
C LEU E 14 56.62 28.38 -28.72
N ILE E 15 57.48 27.45 -28.35
CA ILE E 15 58.85 27.82 -27.98
C ILE E 15 59.61 28.31 -29.22
N THR E 16 59.55 27.55 -30.31
CA THR E 16 60.26 27.93 -31.52
C THR E 16 59.66 29.19 -32.14
N LEU E 17 58.34 29.35 -32.07
CA LEU E 17 57.71 30.56 -32.59
C LEU E 17 58.16 31.78 -31.80
N GLY E 18 58.29 31.65 -30.49
CA GLY E 18 58.68 32.78 -29.66
C GLY E 18 60.13 33.19 -29.87
N GLU E 19 61.02 32.21 -30.04
CA GLU E 19 62.44 32.53 -30.19
C GLU E 19 62.70 33.36 -31.44
N ASN E 20 62.04 33.01 -32.55
CA ASN E 20 62.18 33.80 -33.77
C ASN E 20 61.50 35.16 -33.64
N MET E 21 60.50 35.27 -32.77
CA MET E 21 59.79 36.52 -32.55
C MET E 21 60.52 37.49 -31.63
N GLY E 22 61.73 37.16 -31.19
CA GLY E 22 62.51 38.05 -30.36
C GLY E 22 62.41 37.75 -28.88
N LEU E 23 61.66 36.72 -28.51
CA LEU E 23 61.53 36.30 -27.12
C LEU E 23 62.62 35.28 -26.79
N GLU E 24 62.89 35.16 -25.49
CA GLU E 24 63.80 34.13 -25.01
C GLU E 24 63.15 33.37 -23.85
N ASN E 25 63.85 32.33 -23.41
CA ASN E 25 63.46 31.45 -22.31
C ASN E 25 61.96 31.36 -22.14
N LEU E 26 61.27 30.75 -23.11
CA LEU E 26 59.83 30.61 -23.04
C LEU E 26 59.42 29.19 -22.66
N ALA E 27 60.36 28.26 -22.65
CA ALA E 27 60.08 26.92 -22.15
C ALA E 27 59.82 26.97 -20.65
N ARG E 28 60.43 27.96 -19.97
CA ARG E 28 60.24 28.10 -18.53
C ARG E 28 58.77 28.42 -18.20
N MET E 29 58.09 29.16 -19.07
CA MET E 29 56.76 29.64 -18.80
C MET E 29 55.71 28.55 -19.06
N ARG E 30 54.53 28.75 -18.50
CA ARG E 30 53.44 27.78 -18.57
C ARG E 30 52.80 27.74 -19.96
N LYS E 31 51.89 26.78 -20.13
CA LYS E 31 51.30 26.51 -21.45
C LYS E 31 50.56 27.73 -22.01
N GLN E 32 49.70 28.36 -21.20
CA GLN E 32 49.03 29.59 -21.62
C GLN E 32 49.96 30.79 -21.48
N ASP E 33 50.94 30.72 -20.58
CA ASP E 33 51.82 31.84 -20.33
C ASP E 33 52.67 32.17 -21.56
N ILE E 34 53.01 31.17 -22.36
CA ILE E 34 53.65 31.45 -23.65
C ILE E 34 52.67 32.14 -24.58
N ILE E 35 51.40 31.73 -24.55
CA ILE E 35 50.39 32.31 -25.43
C ILE E 35 50.26 33.81 -25.17
N PHE E 36 50.18 34.20 -23.90
CA PHE E 36 50.05 35.62 -23.58
C PHE E 36 51.26 36.41 -24.07
N ALA E 37 52.46 35.86 -23.88
CA ALA E 37 53.67 36.56 -24.30
C ALA E 37 53.74 36.70 -25.82
N ILE E 38 53.32 35.67 -26.55
CA ILE E 38 53.38 35.71 -28.02
C ILE E 38 52.46 36.80 -28.55
N LEU E 39 51.23 36.87 -28.03
CA LEU E 39 50.30 37.92 -28.45
C LEU E 39 50.85 39.30 -28.10
N LYS E 40 51.57 39.39 -26.98
CA LYS E 40 52.15 40.66 -26.57
C LYS E 40 53.18 41.15 -27.58
N GLN E 41 53.86 40.22 -28.25
CA GLN E 41 54.85 40.54 -29.27
C GLN E 41 54.23 40.99 -30.59
N HIS E 42 52.98 40.59 -30.86
CA HIS E 42 52.32 41.03 -32.09
C HIS E 42 52.06 42.53 -32.06
N ALA E 43 51.53 43.06 -30.96
CA ALA E 43 51.30 44.48 -30.76
C ALA E 43 52.42 45.41 -31.25
N LYS E 44 53.52 44.87 -31.76
CA LYS E 44 54.56 45.72 -32.34
C LYS E 44 54.06 46.41 -33.60
N SER E 45 53.15 45.77 -34.33
CA SER E 45 52.58 46.34 -35.54
C SER E 45 51.06 46.22 -35.54
N GLY E 46 50.41 47.28 -36.00
CA GLY E 46 48.98 47.36 -36.25
C GLY E 46 48.20 46.15 -36.70
N GLU E 47 47.08 45.87 -36.03
CA GLU E 47 46.05 44.96 -36.53
C GLU E 47 46.57 43.53 -36.78
N ASP E 48 47.41 43.03 -35.88
CA ASP E 48 47.98 41.68 -35.99
C ASP E 48 47.34 40.70 -35.01
N ILE E 49 46.05 40.85 -34.71
CA ILE E 49 45.41 40.17 -33.57
C ILE E 49 43.95 39.87 -33.85
N PHE E 50 43.55 38.64 -33.49
CA PHE E 50 42.20 38.10 -33.72
C PHE E 50 41.77 37.24 -32.53
N GLY E 51 40.48 36.91 -32.48
CA GLY E 51 39.94 36.09 -31.41
C GLY E 51 38.61 35.48 -31.79
N ASP E 52 38.24 34.42 -31.06
CA ASP E 52 37.02 33.68 -31.33
C ASP E 52 36.41 33.19 -30.01
N GLY E 53 35.09 33.31 -29.89
CA GLY E 53 34.41 32.83 -28.70
C GLY E 53 32.91 32.98 -28.82
N VAL E 54 32.21 32.33 -27.88
CA VAL E 54 30.75 32.39 -27.78
C VAL E 54 30.41 33.28 -26.59
N LEU E 55 29.51 34.25 -26.80
CA LEU E 55 29.23 35.24 -25.79
C LEU E 55 28.41 34.66 -24.64
N GLU E 56 28.83 34.97 -23.42
CA GLU E 56 28.07 34.69 -22.20
C GLU E 56 27.96 35.99 -21.42
N ILE E 57 26.73 36.41 -21.12
CA ILE E 57 26.49 37.67 -20.43
C ILE E 57 26.16 37.38 -18.97
N LEU E 58 27.03 37.84 -18.08
CA LEU E 58 26.84 37.71 -16.64
C LEU E 58 25.80 38.70 -16.13
N GLN E 59 25.31 38.43 -14.91
CA GLN E 59 24.24 39.22 -14.30
C GLN E 59 24.51 40.73 -14.38
N ASP E 60 25.61 41.19 -13.77
CA ASP E 60 25.94 42.61 -13.74
C ASP E 60 25.69 43.33 -15.07
N GLY E 61 26.14 42.74 -16.18
CA GLY E 61 25.97 43.41 -17.46
C GLY E 61 26.99 42.97 -18.49
N PHE E 62 28.25 42.91 -18.07
CA PHE E 62 29.37 42.62 -18.96
C PHE E 62 29.27 41.18 -19.48
N GLY E 63 30.34 40.71 -20.11
CA GLY E 63 30.34 39.40 -20.71
C GLY E 63 31.75 38.90 -20.96
N PHE E 64 31.88 37.58 -21.02
CA PHE E 64 33.14 36.92 -21.28
C PHE E 64 32.91 35.89 -22.39
N LEU E 65 33.80 35.88 -23.38
CA LEU E 65 33.72 34.92 -24.47
C LEU E 65 34.22 33.55 -24.03
N ARG E 66 33.34 32.56 -24.05
CA ARG E 66 33.66 31.20 -23.63
C ARG E 66 34.03 30.33 -24.83
N SER E 67 35.08 29.53 -24.66
CA SER E 67 35.51 28.60 -25.70
C SER E 67 34.70 27.31 -25.62
N ALA E 68 34.35 26.77 -26.79
CA ALA E 68 33.52 25.57 -26.83
C ALA E 68 34.31 24.27 -26.70
N ASP E 69 35.62 24.29 -26.97
CA ASP E 69 36.42 23.07 -26.87
C ASP E 69 36.48 22.53 -25.45
N SER E 70 36.41 23.41 -24.46
CA SER E 70 36.48 23.03 -23.05
C SER E 70 35.11 23.09 -22.41
N SER E 71 34.09 22.74 -23.19
CA SER E 71 32.68 22.75 -22.82
C SER E 71 32.36 23.99 -21.99
N TYR E 72 32.40 25.15 -22.65
CA TYR E 72 32.17 26.47 -22.06
C TYR E 72 32.55 26.52 -20.59
N LEU E 73 33.81 26.23 -20.28
CA LEU E 73 34.30 26.35 -18.91
C LEU E 73 34.84 27.76 -18.69
N ALA E 74 35.65 27.94 -17.66
CA ALA E 74 36.24 29.21 -17.30
C ALA E 74 37.75 29.04 -17.25
N GLY E 75 38.46 30.13 -17.48
CA GLY E 75 39.90 30.09 -17.46
C GLY E 75 40.53 31.26 -18.18
N PRO E 76 41.80 31.13 -18.56
CA PRO E 76 42.55 32.31 -19.01
C PRO E 76 42.36 32.68 -20.46
N ASP E 77 41.70 31.85 -21.29
CA ASP E 77 41.49 32.23 -22.67
C ASP E 77 40.15 32.92 -22.86
N ASP E 78 39.47 33.26 -21.77
CA ASP E 78 38.21 33.96 -21.91
C ASP E 78 38.50 35.38 -22.38
N ILE E 79 37.63 35.91 -23.22
CA ILE E 79 37.81 37.24 -23.78
C ILE E 79 36.76 38.15 -23.17
N TYR E 80 37.17 39.36 -22.81
CA TYR E 80 36.26 40.30 -22.18
C TYR E 80 35.62 41.18 -23.24
N VAL E 81 34.30 41.29 -23.19
CA VAL E 81 33.54 42.20 -24.05
C VAL E 81 32.93 43.27 -23.16
N SER E 82 33.11 44.53 -23.54
CA SER E 82 32.67 45.64 -22.72
C SER E 82 31.16 45.83 -22.83
N PRO E 83 30.55 46.46 -21.81
CA PRO E 83 29.11 46.77 -21.86
C PRO E 83 28.72 47.71 -23.00
N SER E 84 29.69 48.21 -23.75
CA SER E 84 29.39 49.09 -24.86
C SER E 84 29.00 48.31 -26.11
N GLN E 85 29.83 47.34 -26.50
CA GLN E 85 29.49 46.50 -27.65
C GLN E 85 28.15 45.79 -27.49
N ILE E 86 27.82 45.36 -26.27
CA ILE E 86 26.60 44.57 -26.08
C ILE E 86 25.36 45.40 -26.41
N ARG E 87 25.28 46.63 -25.87
CA ARG E 87 24.10 47.45 -26.13
C ARG E 87 24.08 48.03 -27.53
N ARG E 88 25.25 48.38 -28.08
CA ARG E 88 25.30 49.00 -29.40
C ARG E 88 24.82 48.06 -30.50
N PHE E 89 25.36 46.85 -30.55
CA PHE E 89 24.99 45.86 -31.55
C PHE E 89 23.91 44.89 -31.07
N ASN E 90 23.38 45.11 -29.87
CA ASN E 90 22.31 44.29 -29.29
C ASN E 90 22.70 42.80 -29.26
N LEU E 91 23.92 42.53 -28.81
CA LEU E 91 24.38 41.16 -28.68
C LEU E 91 23.69 40.48 -27.51
N ARG E 92 23.36 39.20 -27.70
CA ARG E 92 22.64 38.40 -26.73
C ARG E 92 23.37 37.08 -26.53
N THR E 93 23.13 36.46 -25.37
CA THR E 93 23.77 35.18 -25.04
C THR E 93 23.60 34.18 -26.18
N GLY E 94 24.72 33.53 -26.53
CA GLY E 94 24.75 32.56 -27.60
C GLY E 94 25.24 33.09 -28.93
N ASP E 95 25.44 34.40 -29.04
CA ASP E 95 25.97 34.99 -30.26
C ASP E 95 27.43 34.58 -30.45
N THR E 96 27.74 34.02 -31.61
CA THR E 96 29.12 33.68 -31.96
C THR E 96 29.81 34.96 -32.43
N ILE E 97 30.76 35.45 -31.63
CA ILE E 97 31.38 36.75 -31.86
C ILE E 97 32.88 36.53 -32.09
N SER E 98 33.41 37.10 -33.18
CA SER E 98 34.83 37.03 -33.52
C SER E 98 35.39 38.45 -33.66
N GLY E 99 36.12 38.91 -32.63
CA GLY E 99 36.65 40.26 -32.62
C GLY E 99 38.15 40.29 -32.40
N LYS E 100 38.76 41.38 -32.87
CA LYS E 100 40.16 41.64 -32.53
C LYS E 100 40.32 41.88 -31.04
N ILE E 101 41.28 41.19 -30.42
CA ILE E 101 41.58 41.35 -29.00
C ILE E 101 42.91 42.08 -28.83
N ARG E 102 42.87 43.26 -28.23
CA ARG E 102 44.09 44.00 -27.93
C ARG E 102 44.88 43.28 -26.84
N PRO E 103 46.19 43.55 -26.75
CA PRO E 103 46.99 42.90 -25.71
C PRO E 103 46.56 43.37 -24.33
N PRO E 104 46.72 42.53 -23.31
CA PRO E 104 46.24 42.89 -21.97
C PRO E 104 46.81 44.21 -21.48
N LYS E 105 46.06 44.85 -20.60
CA LYS E 105 46.33 46.19 -20.11
C LYS E 105 47.01 46.11 -18.74
N GLU E 106 47.27 47.27 -18.14
CA GLU E 106 47.97 47.31 -16.88
C GLU E 106 46.97 47.11 -15.75
N GLY E 107 47.24 46.12 -14.90
CA GLY E 107 46.27 45.69 -13.92
C GLY E 107 45.30 44.64 -14.41
N GLU E 108 45.22 44.39 -15.71
CA GLU E 108 44.31 43.41 -16.30
C GLU E 108 45.09 42.30 -17.00
N ARG E 109 44.92 41.08 -16.52
CA ARG E 109 45.58 39.89 -17.06
C ARG E 109 44.63 39.08 -17.93
N TYR E 110 43.52 39.68 -18.37
CA TYR E 110 42.51 39.03 -19.19
C TYR E 110 42.39 39.74 -20.54
N PHE E 111 42.11 38.95 -21.58
CA PHE E 111 41.94 39.47 -22.93
C PHE E 111 40.63 40.23 -23.06
N ALA E 112 40.71 41.45 -23.59
CA ALA E 112 39.58 42.33 -23.85
C ALA E 112 39.26 42.41 -25.34
N LEU E 113 37.97 42.36 -25.66
CA LEU E 113 37.52 42.49 -27.05
C LEU E 113 37.53 43.95 -27.45
N LEU E 114 38.26 44.25 -28.54
CA LEU E 114 38.47 45.60 -29.06
C LEU E 114 37.37 46.03 -30.02
N LYS E 115 37.15 45.24 -31.07
CA LYS E 115 36.22 45.55 -32.14
C LYS E 115 35.45 44.30 -32.51
N VAL E 116 34.22 44.46 -32.98
CA VAL E 116 33.41 43.32 -33.41
C VAL E 116 33.50 43.26 -34.92
N ASN E 117 33.88 42.10 -35.44
CA ASN E 117 34.00 41.88 -36.87
C ASN E 117 32.86 41.04 -37.42
N GLU E 118 32.58 39.90 -36.79
CA GLU E 118 31.49 39.03 -37.17
C GLU E 118 30.61 38.76 -35.96
N VAL E 119 29.31 38.71 -36.19
CA VAL E 119 28.34 38.32 -35.17
C VAL E 119 27.58 37.12 -35.74
N ASN E 120 27.61 36.01 -35.01
CA ASN E 120 27.09 34.73 -35.50
C ASN E 120 27.77 34.34 -36.81
N PHE E 121 29.06 34.64 -36.90
CA PHE E 121 29.88 34.37 -38.09
C PHE E 121 29.30 35.01 -39.35
N ASP E 122 28.69 36.18 -39.20
CA ASP E 122 28.04 36.87 -40.31
C ASP E 122 28.31 38.36 -40.15
N LYS E 123 27.68 39.17 -40.98
CA LYS E 123 27.99 40.60 -40.99
C LYS E 123 27.74 41.19 -39.60
N PRO E 124 28.58 42.11 -39.14
CA PRO E 124 28.46 42.59 -37.75
C PRO E 124 27.21 43.41 -37.47
N GLU E 125 26.54 43.95 -38.49
CA GLU E 125 25.32 44.74 -38.26
C GLU E 125 24.28 44.32 -39.31
N ASN E 126 23.56 43.24 -39.03
CA ASN E 126 22.50 42.77 -39.93
C ASN E 126 21.41 43.82 -40.12
N ASN E 129 18.02 40.63 -35.51
CA ASN E 129 17.04 39.83 -36.23
C ASN E 129 15.81 39.53 -35.36
N LYS E 130 15.05 38.53 -35.74
CA LYS E 130 13.86 38.14 -34.99
C LYS E 130 14.25 37.07 -33.97
N ILE E 131 13.77 37.24 -32.74
CA ILE E 131 14.12 36.35 -31.64
C ILE E 131 13.15 35.18 -31.58
N LEU E 132 13.66 34.03 -31.11
CA LEU E 132 12.87 32.81 -31.11
C LEU E 132 11.66 32.91 -30.21
N PHE E 133 11.72 33.74 -29.17
CA PHE E 133 10.57 33.89 -28.27
C PHE E 133 9.34 34.42 -28.98
N GLU E 134 9.49 35.08 -30.13
CA GLU E 134 8.37 35.62 -30.87
C GLU E 134 8.02 34.81 -32.11
N ASN E 135 8.89 33.90 -32.52
CA ASN E 135 8.62 33.10 -33.71
C ASN E 135 7.45 32.14 -33.50
N LEU E 136 6.69 31.94 -34.56
CA LEU E 136 5.53 31.04 -34.51
C LEU E 136 5.99 29.58 -34.53
N THR E 137 5.22 28.74 -33.83
CA THR E 137 5.49 27.31 -33.72
C THR E 137 4.32 26.46 -34.21
N PRO E 138 4.40 25.92 -35.42
CA PRO E 138 3.35 25.02 -35.91
C PRO E 138 3.46 23.63 -35.31
N LEU E 139 2.85 22.65 -35.98
CA LEU E 139 2.92 21.25 -35.58
C LEU E 139 4.35 20.73 -35.65
N HIS E 140 5.26 21.58 -36.12
CA HIS E 140 6.68 21.29 -36.32
C HIS E 140 6.94 19.87 -36.80
N ALA E 141 6.12 19.40 -37.75
CA ALA E 141 6.40 18.18 -38.47
C ALA E 141 6.08 18.38 -39.95
N ASN E 142 6.89 19.15 -40.64
CA ASN E 142 6.67 19.41 -42.06
C ASN E 142 7.73 18.76 -42.94
N SER E 143 8.97 18.75 -42.48
CA SER E 143 10.06 18.07 -43.17
C SER E 143 10.48 16.86 -42.35
N ARG E 144 10.99 15.85 -43.05
CA ARG E 144 11.33 14.57 -42.45
C ARG E 144 12.83 14.37 -42.41
N LEU E 145 13.32 13.87 -41.28
CA LEU E 145 14.72 13.52 -41.07
C LEU E 145 14.91 12.02 -41.24
N ARG E 146 15.68 11.62 -42.24
CA ARG E 146 15.93 10.19 -42.42
C ARG E 146 17.02 9.74 -41.46
N MET E 147 16.78 8.64 -40.75
CA MET E 147 17.77 8.11 -39.80
C MET E 147 18.03 6.62 -40.01
N GLY E 152 22.06 -0.95 -44.58
CA GLY E 152 23.47 -0.72 -44.77
C GLY E 152 24.34 -1.58 -43.87
N SER E 153 24.28 -1.33 -42.57
CA SER E 153 25.07 -2.05 -41.58
C SER E 153 24.13 -2.76 -40.60
N THR E 154 24.73 -3.49 -39.65
CA THR E 154 23.93 -4.15 -38.62
C THR E 154 23.34 -3.14 -37.65
N GLU E 155 24.05 -2.05 -37.39
CA GLU E 155 23.51 -0.99 -36.55
C GLU E 155 22.56 -0.09 -37.33
N ASP E 156 22.66 -0.09 -38.67
CA ASP E 156 21.67 0.62 -39.45
C ASP E 156 20.31 -0.05 -39.34
N LEU E 157 20.29 -1.31 -38.90
CA LEU E 157 19.03 -1.96 -38.55
C LEU E 157 18.35 -1.22 -37.42
N THR E 158 19.15 -0.77 -36.44
CA THR E 158 18.61 0.08 -35.38
C THR E 158 18.07 1.37 -35.96
N ALA E 159 18.77 1.95 -36.94
CA ALA E 159 18.29 3.16 -37.60
C ALA E 159 17.02 2.87 -38.39
N ARG E 160 16.88 1.66 -38.91
CA ARG E 160 15.67 1.29 -39.65
C ARG E 160 14.45 1.32 -38.75
N VAL E 161 14.58 0.76 -37.55
CA VAL E 161 13.46 0.73 -36.61
C VAL E 161 13.03 2.13 -36.19
N LEU E 162 13.98 3.06 -36.09
CA LEU E 162 13.62 4.43 -35.73
C LEU E 162 12.72 5.05 -36.79
N ASP E 163 13.05 4.87 -38.07
CA ASP E 163 12.18 5.37 -39.12
C ASP E 163 10.85 4.63 -39.13
N LEU E 164 10.85 3.36 -38.74
CA LEU E 164 9.61 2.59 -38.71
C LEU E 164 8.81 2.81 -37.42
N ALA E 165 9.48 2.92 -36.28
CA ALA E 165 8.75 3.07 -35.03
C ALA E 165 8.32 4.51 -34.78
N SER E 166 9.26 5.45 -34.82
CA SER E 166 9.01 6.85 -34.50
C SER E 166 9.79 7.73 -35.47
N PRO E 167 9.12 8.29 -36.49
CA PRO E 167 9.81 9.10 -37.51
C PRO E 167 10.28 10.45 -36.99
N ILE E 168 11.59 10.66 -37.07
CA ILE E 168 12.23 11.92 -36.71
C ILE E 168 11.99 12.98 -37.77
N GLY E 169 11.62 14.18 -37.31
CA GLY E 169 11.45 15.31 -38.18
C GLY E 169 12.12 16.55 -37.60
N ARG E 170 12.11 17.62 -38.39
CA ARG E 170 12.66 18.90 -37.96
C ARG E 170 11.69 19.58 -37.01
N GLY E 171 12.14 19.85 -35.77
CA GLY E 171 11.32 20.50 -34.79
C GLY E 171 10.63 19.61 -33.77
N GLN E 172 11.00 18.34 -33.70
CA GLN E 172 10.33 17.39 -32.82
C GLN E 172 11.01 17.37 -31.45
N ARG E 173 10.20 17.35 -30.40
CA ARG E 173 10.70 17.19 -29.04
C ARG E 173 10.85 15.70 -28.79
N GLY E 174 12.10 15.21 -28.81
CA GLY E 174 12.37 13.80 -28.69
C GLY E 174 12.61 13.39 -27.26
N LEU E 175 11.89 12.38 -26.80
CA LEU E 175 12.08 11.81 -25.48
C LEU E 175 12.32 10.32 -25.63
N ILE E 176 13.56 9.88 -25.42
CA ILE E 176 13.91 8.47 -25.46
C ILE E 176 14.11 8.05 -24.02
N VAL E 177 13.14 7.32 -23.49
CA VAL E 177 13.19 6.86 -22.11
C VAL E 177 13.95 5.55 -22.10
N ALA E 178 14.95 5.46 -21.22
CA ALA E 178 15.91 4.36 -21.26
C ALA E 178 16.14 3.80 -19.86
N PRO E 179 15.77 2.55 -19.59
CA PRO E 179 16.24 1.89 -18.38
C PRO E 179 17.72 1.62 -18.50
N PRO E 180 18.40 1.30 -17.40
CA PRO E 180 19.85 1.08 -17.48
C PRO E 180 20.20 -0.09 -18.40
N LYS E 181 21.36 0.02 -19.05
CA LYS E 181 21.92 -1.01 -19.93
C LYS E 181 20.88 -1.57 -20.90
N ALA E 182 20.19 -0.67 -21.60
CA ALA E 182 19.21 -1.01 -22.62
C ALA E 182 19.71 -0.65 -24.01
N GLY E 183 21.02 -0.44 -24.16
CA GLY E 183 21.60 0.02 -25.39
C GLY E 183 21.28 1.45 -25.72
N LYS E 184 21.05 2.27 -24.69
CA LYS E 184 20.81 3.70 -24.89
C LYS E 184 22.03 4.38 -25.49
N THR E 185 23.22 4.05 -24.96
CA THR E 185 24.44 4.68 -25.42
C THR E 185 24.78 4.25 -26.85
N MET E 186 24.56 2.97 -27.17
CA MET E 186 24.90 2.48 -28.50
C MET E 186 24.01 3.11 -29.58
N LEU E 187 22.72 3.24 -29.30
CA LEU E 187 21.82 3.83 -30.30
C LEU E 187 22.02 5.34 -30.41
N LEU E 188 22.19 6.05 -29.27
CA LEU E 188 22.47 7.48 -29.35
C LEU E 188 23.73 7.73 -30.15
N GLN E 189 24.69 6.81 -30.09
CA GLN E 189 25.86 6.91 -30.97
C GLN E 189 25.42 6.74 -32.42
N ASN E 190 24.51 5.80 -32.67
CA ASN E 190 23.98 5.61 -34.02
C ASN E 190 23.14 6.81 -34.46
N ILE E 191 22.47 7.47 -33.51
CA ILE E 191 21.72 8.68 -33.84
C ILE E 191 22.67 9.79 -34.26
N ALA E 192 23.78 9.96 -33.53
CA ALA E 192 24.74 11.01 -33.85
C ALA E 192 25.33 10.81 -35.24
N GLN E 193 25.77 9.58 -35.54
CA GLN E 193 26.39 9.31 -36.85
C GLN E 193 25.40 9.49 -37.99
N SER E 194 24.17 9.00 -37.82
CA SER E 194 23.20 9.00 -38.92
C SER E 194 22.76 10.41 -39.29
N ILE E 195 22.74 11.35 -38.35
CA ILE E 195 22.35 12.71 -38.69
C ILE E 195 23.35 13.31 -39.68
N ALA E 196 24.64 13.16 -39.40
CA ALA E 196 25.67 13.73 -40.27
C ALA E 196 25.75 13.03 -41.63
N TYR E 197 25.44 11.74 -41.68
CA TYR E 197 25.63 10.99 -42.92
C TYR E 197 24.56 11.31 -43.96
N ASN E 198 23.28 11.10 -43.62
CA ASN E 198 22.22 11.35 -44.59
C ASN E 198 21.84 12.82 -44.69
N HIS E 199 22.00 13.58 -43.61
CA HIS E 199 21.60 14.99 -43.58
C HIS E 199 22.72 15.84 -43.00
N PRO E 200 23.74 16.15 -43.80
CA PRO E 200 24.76 17.12 -43.36
C PRO E 200 24.19 18.52 -43.19
N ASP E 201 23.00 18.76 -43.75
CA ASP E 201 22.35 20.06 -43.67
C ASP E 201 22.14 20.48 -42.21
N CYS E 202 21.81 19.54 -41.34
CA CYS E 202 21.61 19.82 -39.92
C CYS E 202 22.94 19.83 -39.17
N VAL E 203 23.15 20.86 -38.35
CA VAL E 203 24.31 20.93 -37.47
C VAL E 203 23.93 20.27 -36.14
N LEU E 204 24.72 19.28 -35.73
CA LEU E 204 24.41 18.44 -34.58
C LEU E 204 25.06 18.95 -33.30
N MET E 205 24.29 18.92 -32.20
CA MET E 205 24.72 19.46 -30.90
C MET E 205 24.46 18.42 -29.81
N VAL E 206 25.31 17.39 -29.75
CA VAL E 206 25.15 16.37 -28.73
C VAL E 206 25.52 16.95 -27.37
N LEU E 207 24.69 16.70 -26.36
CA LEU E 207 24.88 17.25 -25.03
C LEU E 207 24.96 16.11 -24.03
N LEU E 208 25.94 16.17 -23.13
CA LEU E 208 26.13 15.17 -22.08
C LEU E 208 26.10 15.85 -20.72
N ILE E 209 25.27 15.35 -19.81
CA ILE E 209 25.21 15.87 -18.45
C ILE E 209 25.48 14.75 -17.45
N ASP E 210 26.43 15.01 -16.55
CA ASP E 210 26.80 14.11 -15.45
C ASP E 210 27.03 12.68 -15.95
N GLU E 211 27.67 12.57 -17.11
CA GLU E 211 28.08 11.31 -17.71
C GLU E 211 29.59 11.19 -17.60
N ARG E 212 30.09 9.96 -17.45
CA ARG E 212 31.51 9.76 -17.25
C ARG E 212 32.30 10.28 -18.45
N PRO E 213 33.41 10.99 -18.23
CA PRO E 213 34.15 11.58 -19.36
C PRO E 213 34.82 10.58 -20.29
N GLU E 214 35.12 9.36 -19.83
CA GLU E 214 35.73 8.39 -20.74
C GLU E 214 34.77 8.02 -21.86
N GLU E 215 33.49 7.80 -21.54
CA GLU E 215 32.54 7.51 -22.60
C GLU E 215 32.24 8.76 -23.39
N VAL E 216 32.32 9.93 -22.75
CA VAL E 216 32.18 11.19 -23.47
C VAL E 216 33.33 11.33 -24.46
N THR E 217 34.53 10.92 -24.04
CA THR E 217 35.66 10.94 -24.95
C THR E 217 35.45 9.94 -26.08
N GLU E 218 34.93 8.75 -25.75
CA GLU E 218 34.52 7.80 -26.78
C GLU E 218 33.50 8.44 -27.72
N MET E 219 32.54 9.17 -27.14
CA MET E 219 31.54 9.86 -27.95
C MET E 219 32.19 10.97 -28.77
N GLN E 220 33.23 11.62 -28.22
CA GLN E 220 33.84 12.79 -28.85
C GLN E 220 34.42 12.48 -30.23
N ARG E 221 35.05 11.32 -30.40
CA ARG E 221 35.70 11.03 -31.67
C ARG E 221 34.73 10.52 -32.73
N LEU E 222 33.67 9.84 -32.31
CA LEU E 222 32.79 9.14 -33.23
C LEU E 222 31.60 9.97 -33.68
N VAL E 223 31.34 11.10 -33.02
CA VAL E 223 30.25 11.98 -33.42
C VAL E 223 30.82 13.06 -34.33
N LYS E 224 30.10 13.35 -35.41
CA LYS E 224 30.60 14.29 -36.41
C LYS E 224 29.94 15.64 -36.17
N GLY E 225 30.30 16.22 -35.03
CA GLY E 225 29.81 17.52 -34.61
C GLY E 225 30.35 17.81 -33.22
N GLU E 226 30.15 19.05 -32.79
CA GLU E 226 30.59 19.45 -31.46
C GLU E 226 29.74 18.82 -30.37
N VAL E 227 30.40 18.14 -29.43
CA VAL E 227 29.75 17.46 -28.30
C VAL E 227 30.26 18.08 -27.01
N VAL E 228 29.42 18.87 -26.35
CA VAL E 228 29.75 19.53 -25.09
C VAL E 228 29.19 18.71 -23.94
N ALA E 229 29.95 18.64 -22.84
CA ALA E 229 29.63 17.72 -21.76
C ALA E 229 29.93 18.38 -20.42
N SER E 230 29.55 17.67 -19.35
CA SER E 230 29.77 18.10 -17.98
C SER E 230 30.17 16.88 -17.17
N THR E 231 31.19 17.04 -16.33
CA THR E 231 31.77 15.94 -15.60
C THR E 231 30.95 15.63 -14.34
N PHE E 232 31.12 14.41 -13.84
CA PHE E 232 30.38 13.93 -12.68
C PHE E 232 30.65 14.78 -11.45
N ASP E 233 31.91 14.88 -11.05
CA ASP E 233 32.24 15.72 -9.90
C ASP E 233 32.10 17.21 -10.16
N GLU E 234 31.69 17.62 -11.36
CA GLU E 234 31.50 19.06 -11.53
C GLU E 234 30.19 19.46 -10.89
N PRO E 235 30.12 20.66 -10.30
CA PRO E 235 28.95 21.02 -9.50
C PRO E 235 27.69 21.11 -10.34
N ALA E 236 26.55 21.19 -9.64
CA ALA E 236 25.26 21.27 -10.32
C ALA E 236 25.15 22.55 -11.14
N SER E 237 25.75 23.63 -10.67
CA SER E 237 25.79 24.87 -11.44
C SER E 237 26.47 24.67 -12.78
N ARG E 238 27.39 23.72 -12.87
CA ARG E 238 28.05 23.42 -14.14
C ARG E 238 27.10 22.76 -15.13
N HIS E 239 26.33 21.78 -14.67
CA HIS E 239 25.36 21.15 -15.56
C HIS E 239 24.34 22.17 -16.05
N VAL E 240 23.96 23.10 -15.17
CA VAL E 240 22.99 24.12 -15.51
C VAL E 240 23.58 25.14 -16.49
N GLN E 241 24.83 25.55 -16.26
CA GLN E 241 25.45 26.55 -17.12
C GLN E 241 25.62 26.03 -18.53
N VAL E 242 26.13 24.80 -18.67
CA VAL E 242 26.39 24.24 -20.00
C VAL E 242 25.10 24.00 -20.77
N ALA E 243 23.99 23.73 -20.08
CA ALA E 243 22.75 23.40 -20.76
C ALA E 243 22.16 24.62 -21.44
N GLU E 244 22.07 25.75 -20.72
CA GLU E 244 21.55 26.96 -21.32
C GLU E 244 22.41 27.43 -22.48
N MET E 245 23.73 27.19 -22.41
CA MET E 245 24.61 27.68 -23.47
C MET E 245 24.25 27.11 -24.83
N VAL E 246 23.90 25.82 -24.90
CA VAL E 246 23.69 25.21 -26.20
C VAL E 246 22.37 25.67 -26.82
N ILE E 247 21.29 25.70 -26.03
CA ILE E 247 20.01 26.13 -26.59
C ILE E 247 20.04 27.60 -26.93
N GLU E 248 20.65 28.43 -26.07
CA GLU E 248 20.75 29.85 -26.38
C GLU E 248 21.61 30.05 -27.61
N LYS E 249 22.71 29.29 -27.73
CA LYS E 249 23.47 29.29 -28.97
C LYS E 249 22.62 28.75 -30.12
N ALA E 250 21.84 27.72 -29.86
CA ALA E 250 20.95 27.17 -30.88
C ALA E 250 19.87 28.17 -31.26
N LYS E 251 19.31 28.89 -30.27
CA LYS E 251 18.28 29.87 -30.58
C LYS E 251 18.79 30.95 -31.53
N ARG E 252 20.00 31.44 -31.31
CA ARG E 252 20.54 32.46 -32.22
C ARG E 252 20.84 31.88 -33.59
N LEU E 253 21.20 30.60 -33.67
CA LEU E 253 21.46 30.01 -34.98
C LEU E 253 20.16 29.71 -35.74
N VAL E 254 19.12 29.26 -35.04
CA VAL E 254 17.82 29.11 -35.69
C VAL E 254 17.25 30.49 -36.00
N GLU E 255 17.60 31.50 -35.19
CA GLU E 255 17.23 32.87 -35.51
C GLU E 255 17.80 33.28 -36.86
N HIS E 256 18.92 32.67 -37.26
CA HIS E 256 19.49 32.85 -38.58
C HIS E 256 19.06 31.74 -39.54
N LYS E 257 17.89 31.15 -39.27
CA LYS E 257 17.18 30.23 -40.19
C LYS E 257 18.05 29.05 -40.63
N LYS E 258 18.87 28.55 -39.72
CA LYS E 258 19.63 27.32 -39.92
C LYS E 258 19.16 26.27 -38.91
N ASP E 259 18.96 25.04 -39.39
CA ASP E 259 18.46 23.96 -38.55
C ASP E 259 19.55 23.38 -37.66
N VAL E 260 19.24 23.25 -36.37
CA VAL E 260 20.16 22.68 -35.38
C VAL E 260 19.42 21.59 -34.61
N ILE E 261 20.11 20.48 -34.33
CA ILE E 261 19.54 19.37 -33.58
C ILE E 261 20.46 19.06 -32.41
N ILE E 262 19.88 18.88 -31.23
CA ILE E 262 20.64 18.57 -30.02
C ILE E 262 20.19 17.22 -29.49
N LEU E 263 21.13 16.48 -28.93
CA LEU E 263 20.85 15.15 -28.37
C LEU E 263 21.22 15.22 -26.90
N LEU E 264 20.22 15.30 -26.04
CA LEU E 264 20.42 15.41 -24.60
C LEU E 264 20.47 14.01 -24.00
N ASP E 265 21.54 13.72 -23.27
CA ASP E 265 21.70 12.38 -22.71
C ASP E 265 20.85 12.17 -21.46
N SER E 266 20.55 13.23 -20.72
CA SER E 266 19.76 13.09 -19.50
C SER E 266 19.13 14.43 -19.17
N ILE E 267 17.88 14.61 -19.62
CA ILE E 267 17.08 15.72 -19.10
C ILE E 267 16.79 15.50 -17.62
N THR E 268 16.82 14.24 -17.18
CA THR E 268 16.57 13.93 -15.78
C THR E 268 17.64 14.53 -14.86
N ARG E 269 18.91 14.35 -15.21
CA ARG E 269 19.97 14.93 -14.38
C ARG E 269 20.04 16.43 -14.57
N LEU E 270 19.66 16.92 -15.76
CA LEU E 270 19.54 18.36 -15.98
C LEU E 270 18.54 18.94 -14.98
N ALA E 271 17.45 18.24 -14.73
CA ALA E 271 16.51 18.65 -13.69
C ALA E 271 17.14 18.49 -12.31
N ARG E 272 17.95 17.45 -12.12
CA ARG E 272 18.62 17.25 -10.84
C ARG E 272 19.54 18.42 -10.52
N ALA E 273 20.17 19.00 -11.53
CA ALA E 273 21.01 20.18 -11.31
C ALA E 273 20.15 21.41 -11.00
N TYR E 274 19.09 21.61 -11.79
CA TYR E 274 18.21 22.76 -11.59
C TYR E 274 17.52 22.73 -10.24
N ASN E 275 17.15 21.53 -9.77
CA ASN E 275 16.47 21.40 -8.49
C ASN E 275 17.31 21.99 -7.36
N THR E 276 18.63 21.81 -7.41
CA THR E 276 19.52 22.26 -6.36
C THR E 276 19.97 23.72 -6.47
N VAL E 277 19.92 24.32 -7.66
CA VAL E 277 20.45 25.67 -7.81
C VAL E 277 19.41 26.74 -7.45
N VAL E 278 18.16 26.55 -7.80
CA VAL E 278 17.11 27.54 -7.54
C VAL E 278 16.13 26.93 -6.55
N PRO E 279 15.82 27.60 -5.45
CA PRO E 279 14.87 27.04 -4.49
C PRO E 279 13.49 27.69 -4.59
N ALA E 280 13.00 28.20 -3.47
CA ALA E 280 11.69 28.82 -3.40
C ALA E 280 11.59 29.72 -2.17
N VAL E 284 3.33 20.39 -1.85
CA VAL E 284 3.96 21.21 -2.88
C VAL E 284 5.11 20.45 -3.52
N LEU E 285 5.75 19.59 -2.72
CA LEU E 285 6.90 18.81 -3.18
C LEU E 285 6.41 17.38 -3.41
N THR E 286 6.61 16.89 -4.63
CA THR E 286 6.15 15.57 -5.02
C THR E 286 7.35 14.64 -4.92
N GLY E 287 7.50 14.04 -3.74
CA GLY E 287 8.61 13.15 -3.47
C GLY E 287 9.93 13.86 -3.31
N GLY E 288 9.90 15.14 -2.91
CA GLY E 288 11.11 15.92 -2.74
C GLY E 288 11.44 16.87 -3.87
N VAL E 289 10.76 16.80 -5.01
CA VAL E 289 11.04 17.70 -6.12
C VAL E 289 10.24 18.98 -5.93
N ASP E 290 10.90 20.12 -6.09
CA ASP E 290 10.19 21.39 -6.06
C ASP E 290 9.50 21.59 -7.39
N ALA E 291 8.20 21.89 -7.34
CA ALA E 291 7.41 21.95 -8.57
C ALA E 291 7.83 23.12 -9.46
N ASN E 292 8.03 24.30 -8.87
CA ASN E 292 8.41 25.47 -9.65
C ASN E 292 9.85 25.41 -10.15
N ALA E 293 10.67 24.50 -9.60
CA ALA E 293 12.04 24.37 -10.06
C ALA E 293 12.13 23.66 -11.40
N LEU E 294 11.11 22.88 -11.74
CA LEU E 294 11.02 22.19 -13.02
C LEU E 294 10.63 23.12 -14.17
N HIS E 295 10.54 24.42 -13.91
CA HIS E 295 10.24 25.38 -14.97
C HIS E 295 11.38 25.48 -15.98
N ARG E 296 12.62 25.52 -15.50
CA ARG E 296 13.76 25.73 -16.38
C ARG E 296 14.09 24.51 -17.25
N PRO E 297 13.97 23.27 -16.76
CA PRO E 297 14.09 22.13 -17.68
C PRO E 297 13.06 22.13 -18.81
N LYS E 298 11.82 22.53 -18.51
CA LYS E 298 10.80 22.59 -19.56
C LYS E 298 11.10 23.67 -20.59
N ARG E 299 11.72 24.77 -20.19
CA ARG E 299 12.12 25.78 -21.16
C ARG E 299 13.16 25.23 -22.13
N PHE E 300 14.11 24.44 -21.59
CA PHE E 300 15.09 23.77 -22.44
C PHE E 300 14.42 22.86 -23.46
N PHE E 301 13.54 21.97 -22.99
CA PHE E 301 12.90 21.01 -23.89
C PHE E 301 11.84 21.66 -24.77
N GLY E 302 11.13 22.65 -24.23
CA GLY E 302 10.05 23.32 -24.93
C GLY E 302 10.48 24.21 -26.09
N ALA E 303 11.77 24.51 -26.20
CA ALA E 303 12.27 25.42 -27.22
C ALA E 303 12.18 24.85 -28.63
N ALA E 304 12.12 23.53 -28.78
CA ALA E 304 12.18 22.90 -30.09
C ALA E 304 10.93 23.22 -30.91
N ARG E 305 11.11 23.93 -32.03
CA ARG E 305 10.00 24.35 -32.88
C ARG E 305 10.50 24.46 -34.32
N ASN E 306 9.71 23.92 -35.25
CA ASN E 306 9.92 24.16 -36.68
C ASN E 306 9.26 25.49 -37.05
N VAL E 307 9.95 26.58 -36.74
CA VAL E 307 9.41 27.91 -37.01
C VAL E 307 8.99 28.02 -38.48
N GLU E 308 7.76 28.53 -38.68
CA GLU E 308 7.24 28.74 -40.03
C GLU E 308 8.02 29.78 -40.80
N GLU E 309 8.44 30.86 -40.13
CA GLU E 309 9.18 31.94 -40.78
C GLU E 309 10.58 31.53 -41.24
N GLY E 310 11.06 30.35 -40.85
CA GLY E 310 12.33 29.84 -41.33
C GLY E 310 13.29 29.42 -40.23
N GLY E 311 13.85 28.23 -40.37
CA GLY E 311 14.70 27.61 -39.37
C GLY E 311 14.02 26.42 -38.72
N SER E 312 14.83 25.61 -38.03
CA SER E 312 14.33 24.39 -37.41
C SER E 312 15.15 24.09 -36.16
N LEU E 313 14.46 23.83 -35.05
CA LEU E 313 15.10 23.46 -33.78
C LEU E 313 14.56 22.12 -33.33
N THR E 314 15.43 21.12 -33.25
CA THR E 314 15.05 19.76 -32.87
C THR E 314 15.80 19.42 -31.59
N ILE E 315 15.05 19.25 -30.50
CA ILE E 315 15.62 18.90 -29.20
C ILE E 315 15.17 17.49 -28.89
N ILE E 316 16.11 16.57 -28.84
CA ILE E 316 15.87 15.16 -28.57
C ILE E 316 16.51 14.81 -27.23
N ALA E 317 15.70 14.74 -26.18
CA ALA E 317 16.17 14.46 -24.82
C ALA E 317 15.97 13.00 -24.45
N THR E 318 16.76 12.54 -23.46
CA THR E 318 16.75 11.16 -22.99
C THR E 318 16.33 11.11 -21.52
N ALA E 319 15.21 10.45 -21.25
CA ALA E 319 14.69 10.29 -19.89
C ALA E 319 15.16 8.99 -19.22
N LEU E 320 15.49 9.10 -17.93
CA LEU E 320 15.91 7.98 -17.09
C LEU E 320 14.75 7.41 -16.28
N ILE E 321 14.64 6.08 -16.24
CA ILE E 321 13.64 5.41 -15.41
C ILE E 321 14.28 4.26 -14.64
N ASP E 322 13.56 3.82 -13.60
CA ASP E 322 13.94 2.70 -12.73
C ASP E 322 15.41 2.79 -12.30
N THR E 323 15.85 4.01 -12.01
CA THR E 323 17.19 4.25 -11.50
C THR E 323 17.35 3.77 -10.07
N GLY E 324 16.25 3.36 -9.41
CA GLY E 324 16.23 2.98 -8.03
C GLY E 324 15.81 4.09 -7.10
N SER E 325 15.89 5.34 -7.57
CA SER E 325 15.37 6.49 -6.86
C SER E 325 14.06 6.92 -7.52
N LYS E 326 13.00 7.03 -6.71
CA LYS E 326 11.71 7.49 -7.22
C LYS E 326 11.82 8.87 -7.86
N MET E 327 12.81 9.67 -7.43
CA MET E 327 12.99 11.03 -7.91
C MET E 327 12.96 11.11 -9.44
N ASP E 328 13.69 10.22 -10.11
CA ASP E 328 13.80 10.29 -11.56
C ASP E 328 12.49 9.94 -12.27
N GLU E 329 11.69 9.04 -11.69
CA GLU E 329 10.45 8.65 -12.36
C GLU E 329 9.36 9.71 -12.28
N VAL E 330 9.29 10.46 -11.17
CA VAL E 330 8.21 11.45 -11.05
C VAL E 330 8.42 12.59 -12.05
N ILE E 331 9.66 13.02 -12.27
CA ILE E 331 9.91 14.03 -13.29
C ILE E 331 9.60 13.46 -14.68
N TYR E 332 9.86 12.17 -14.89
CA TYR E 332 9.51 11.53 -16.16
C TYR E 332 8.00 11.63 -16.39
N GLU E 333 7.21 11.32 -15.37
CA GLU E 333 5.76 11.44 -15.48
C GLU E 333 5.34 12.90 -15.65
N GLU E 334 6.15 13.82 -15.11
CA GLU E 334 5.89 15.25 -15.27
C GLU E 334 6.16 15.72 -16.70
N PHE E 335 7.14 15.12 -17.37
CA PHE E 335 7.42 15.44 -18.77
C PHE E 335 6.59 14.64 -19.75
N LYS E 336 5.68 13.78 -19.27
CA LYS E 336 4.81 13.05 -20.18
C LYS E 336 3.77 14.00 -20.75
N GLY E 337 3.65 14.00 -22.08
CA GLY E 337 2.77 14.92 -22.76
C GLY E 337 3.40 16.24 -23.16
N THR E 338 4.64 16.50 -22.72
CA THR E 338 5.37 17.67 -23.20
C THR E 338 6.08 17.38 -24.52
N GLY E 339 6.54 16.16 -24.72
CA GLY E 339 7.22 15.76 -25.94
C GLY E 339 6.27 15.07 -26.89
N ASN E 340 6.37 15.41 -28.17
CA ASN E 340 5.57 14.73 -29.18
C ASN E 340 6.17 13.39 -29.59
N MET E 341 7.47 13.19 -29.36
CA MET E 341 8.14 11.95 -29.69
C MET E 341 8.32 11.10 -28.44
N GLU E 342 7.97 9.82 -28.54
CA GLU E 342 8.23 8.86 -27.48
C GLU E 342 8.76 7.58 -28.10
N LEU E 343 10.00 7.23 -27.75
CA LEU E 343 10.59 5.96 -28.12
C LEU E 343 11.07 5.33 -26.82
N HIS E 344 10.41 4.27 -26.40
CA HIS E 344 10.70 3.62 -25.14
C HIS E 344 11.69 2.50 -25.40
N LEU E 345 12.83 2.54 -24.71
CA LEU E 345 13.84 1.52 -24.88
C LEU E 345 13.52 0.32 -24.01
N SER E 346 13.70 -0.87 -24.59
CA SER E 346 13.16 -2.08 -24.01
C SER E 346 14.08 -2.66 -22.94
N ARG E 347 13.48 -3.01 -21.81
CA ARG E 347 14.20 -3.58 -20.67
C ARG E 347 14.49 -5.07 -20.85
N LYS E 348 13.44 -5.87 -21.07
CA LYS E 348 13.58 -7.33 -21.14
C LYS E 348 14.41 -7.78 -22.32
N ILE E 349 14.30 -7.07 -23.45
CA ILE E 349 14.99 -7.42 -24.68
C ILE E 349 16.50 -7.36 -24.54
N ALA E 350 17.01 -6.41 -23.75
CA ALA E 350 18.46 -6.37 -23.54
C ALA E 350 18.94 -7.62 -22.81
N GLU E 351 18.09 -8.23 -22.00
CA GLU E 351 18.46 -9.45 -21.26
C GLU E 351 18.62 -10.66 -22.18
N LYS E 352 17.92 -10.68 -23.31
CA LYS E 352 18.04 -11.78 -24.27
C LYS E 352 19.25 -11.61 -25.19
N ARG E 353 20.13 -10.68 -24.83
CA ARG E 353 21.39 -10.39 -25.51
C ARG E 353 21.20 -9.96 -26.95
N VAL E 354 19.99 -9.64 -27.37
CA VAL E 354 19.78 -8.89 -28.60
C VAL E 354 19.87 -7.41 -28.25
N PHE E 355 20.80 -6.72 -28.89
CA PHE E 355 21.26 -5.40 -28.46
C PHE E 355 20.36 -4.21 -28.80
N PRO E 356 19.64 -4.18 -29.94
CA PRO E 356 18.91 -2.93 -30.28
C PRO E 356 17.97 -2.46 -29.18
N ALA E 357 17.13 -3.36 -28.65
CA ALA E 357 16.32 -3.08 -27.47
C ALA E 357 15.42 -1.86 -27.66
N ILE E 358 14.53 -1.95 -28.64
CA ILE E 358 13.56 -0.91 -28.92
C ILE E 358 12.18 -1.51 -28.71
N ASP E 359 11.28 -0.75 -28.09
CA ASP E 359 9.91 -1.20 -27.82
C ASP E 359 8.95 -0.63 -28.85
N TYR E 360 8.44 -1.51 -29.72
CA TYR E 360 7.59 -1.06 -30.81
C TYR E 360 6.16 -0.73 -30.36
N ASN E 361 5.63 -1.43 -29.36
CA ASN E 361 4.21 -1.30 -29.05
C ASN E 361 3.89 0.03 -28.35
N ARG E 362 4.72 0.46 -27.40
CA ARG E 362 4.46 1.72 -26.72
C ARG E 362 5.23 2.92 -27.28
N SER E 363 6.21 2.71 -28.16
CA SER E 363 6.87 3.84 -28.81
C SER E 363 6.08 4.28 -30.02
N GLY E 364 5.79 5.58 -30.09
CA GLY E 364 5.04 6.15 -31.20
C GLY E 364 5.09 7.65 -31.20
N THR E 365 4.92 8.26 -32.36
CA THR E 365 4.96 9.71 -32.50
C THR E 365 3.60 10.26 -32.90
N ARG E 366 3.32 11.48 -32.44
CA ARG E 366 2.08 12.15 -32.81
C ARG E 366 2.24 12.81 -34.17
N LYS E 367 1.12 12.90 -34.90
CA LYS E 367 1.09 13.50 -36.23
C LYS E 367 2.04 12.80 -37.20
N GLU E 368 1.91 11.47 -37.27
CA GLU E 368 2.70 10.71 -38.23
C GLU E 368 2.35 11.04 -39.67
N GLU E 369 1.22 11.72 -39.89
CA GLU E 369 0.76 11.98 -41.25
C GLU E 369 1.60 13.07 -41.91
N LEU E 370 2.07 14.02 -41.12
CA LEU E 370 2.90 15.11 -41.63
C LEU E 370 4.37 14.71 -41.77
N LEU E 371 4.86 13.81 -40.91
CA LEU E 371 6.28 13.49 -40.94
C LEU E 371 6.63 12.57 -42.11
N THR E 372 5.74 11.65 -42.46
CA THR E 372 6.01 10.67 -43.50
C THR E 372 5.04 10.90 -44.64
N THR E 373 5.46 10.57 -45.85
CA THR E 373 4.54 10.68 -46.97
C THR E 373 3.39 9.70 -46.79
N GLN E 374 2.22 10.07 -47.31
CA GLN E 374 1.04 9.23 -47.18
C GLN E 374 1.25 7.89 -47.86
N GLU E 375 2.10 7.85 -48.89
CA GLU E 375 2.44 6.59 -49.53
C GLU E 375 3.05 5.63 -48.52
N GLU E 376 3.89 6.15 -47.64
CA GLU E 376 4.53 5.37 -46.58
C GLU E 376 3.55 5.02 -45.46
N LEU E 377 2.54 5.86 -45.25
CA LEU E 377 1.67 5.75 -44.07
C LEU E 377 1.02 4.38 -43.92
N GLN E 378 0.22 3.97 -44.91
CA GLN E 378 -0.47 2.68 -44.82
C GLN E 378 0.49 1.50 -44.82
N LYS E 379 1.60 1.60 -45.54
CA LYS E 379 2.62 0.54 -45.46
C LYS E 379 3.09 0.36 -44.02
N MET E 380 3.33 1.47 -43.33
CA MET E 380 3.74 1.40 -41.93
C MET E 380 2.62 0.87 -41.04
N TRP E 381 1.38 1.29 -41.30
CA TRP E 381 0.27 0.94 -40.42
C TRP E 381 0.02 -0.56 -40.39
N ILE E 382 0.10 -1.22 -41.55
CA ILE E 382 -0.09 -2.67 -41.59
C ILE E 382 1.02 -3.37 -40.82
N LEU E 383 2.25 -2.85 -40.92
CA LEU E 383 3.36 -3.42 -40.17
C LEU E 383 3.15 -3.26 -38.67
N ARG E 384 2.64 -2.10 -38.24
CA ARG E 384 2.31 -1.91 -36.83
C ARG E 384 1.24 -2.90 -36.37
N LYS E 385 0.27 -3.22 -37.23
CA LYS E 385 -0.84 -4.07 -36.83
C LYS E 385 -0.39 -5.46 -36.43
N ILE E 386 0.59 -6.03 -37.15
CA ILE E 386 1.05 -7.38 -36.82
C ILE E 386 1.86 -7.36 -35.53
N ILE E 387 2.54 -6.25 -35.23
CA ILE E 387 3.41 -6.18 -34.07
C ILE E 387 2.64 -5.74 -32.83
N HIS E 388 1.41 -5.25 -32.98
CA HIS E 388 0.62 -4.83 -31.83
C HIS E 388 0.32 -5.99 -30.86
N PRO E 389 -0.15 -7.18 -31.31
CA PRO E 389 -0.30 -8.29 -30.36
C PRO E 389 1.02 -8.94 -29.98
N MET E 390 1.99 -8.92 -30.88
CA MET E 390 3.25 -9.61 -30.62
C MET E 390 3.96 -8.94 -29.45
N GLY E 391 4.50 -9.76 -28.57
CA GLY E 391 5.22 -9.22 -27.43
C GLY E 391 6.52 -8.60 -27.83
N GLU E 392 7.10 -7.84 -26.90
CA GLU E 392 8.31 -7.10 -27.24
C GLU E 392 9.55 -7.96 -27.09
N ILE E 393 9.40 -9.13 -26.46
CA ILE E 393 10.54 -10.02 -26.24
C ILE E 393 11.13 -10.44 -27.57
N ASP E 394 10.28 -10.60 -28.58
CA ASP E 394 10.73 -11.12 -29.86
C ASP E 394 9.87 -10.62 -31.03
N ALA E 395 9.18 -9.48 -30.86
CA ALA E 395 8.62 -8.80 -32.02
C ALA E 395 9.74 -8.19 -32.84
N MET E 396 10.74 -7.63 -32.16
CA MET E 396 11.89 -7.05 -32.83
C MET E 396 12.70 -8.14 -33.51
N GLU E 397 12.83 -9.28 -32.86
CA GLU E 397 13.50 -10.44 -33.46
C GLU E 397 12.82 -10.83 -34.77
N PHE E 398 11.49 -10.68 -34.85
CA PHE E 398 10.81 -10.97 -36.11
C PHE E 398 11.22 -10.00 -37.20
N LEU E 399 11.30 -8.71 -36.88
CA LEU E 399 11.65 -7.69 -37.86
C LEU E 399 13.16 -7.59 -38.09
N ILE E 400 13.96 -8.34 -37.35
CA ILE E 400 15.40 -8.29 -37.54
C ILE E 400 15.82 -9.19 -38.70
N ASN E 401 15.16 -10.33 -38.85
CA ASN E 401 15.48 -11.22 -39.97
C ASN E 401 14.98 -10.66 -41.30
N LYS E 402 13.79 -10.05 -41.32
CA LYS E 402 13.29 -9.52 -42.59
C LYS E 402 13.99 -8.23 -42.99
N LEU E 403 14.29 -7.36 -42.03
CA LEU E 403 15.00 -6.12 -42.35
C LEU E 403 16.49 -6.33 -42.59
N ALA E 404 17.06 -7.49 -42.22
CA ALA E 404 18.47 -7.70 -42.52
C ALA E 404 18.71 -7.98 -43.99
N MET E 405 17.73 -8.55 -44.68
CA MET E 405 17.84 -8.89 -46.09
C MET E 405 17.19 -7.86 -47.01
N THR E 406 16.41 -6.92 -46.48
CA THR E 406 15.71 -5.96 -47.31
C THR E 406 15.86 -4.55 -46.74
N LYS E 407 15.48 -3.58 -47.57
CA LYS E 407 15.44 -2.18 -47.23
C LYS E 407 13.99 -1.78 -46.89
N THR E 408 13.85 -0.72 -46.09
CA THR E 408 12.53 -0.18 -45.72
C THR E 408 11.54 -0.11 -46.87
N ASN E 409 11.89 0.64 -47.93
CA ASN E 409 10.94 0.89 -49.01
C ASN E 409 10.50 -0.41 -49.67
N ASP E 410 11.43 -1.32 -49.92
CA ASP E 410 11.15 -2.63 -50.48
C ASP E 410 10.77 -3.70 -49.45
N ASP E 411 10.74 -3.34 -48.15
CA ASP E 411 10.56 -4.37 -47.11
C ASP E 411 9.26 -5.14 -47.24
N PHE E 412 8.17 -4.47 -47.63
CA PHE E 412 6.90 -5.17 -47.78
C PHE E 412 6.47 -5.38 -49.23
N PHE E 413 6.98 -4.59 -50.17
CA PHE E 413 6.48 -4.66 -51.54
C PHE E 413 6.79 -5.99 -52.22
N GLU E 414 7.89 -6.67 -51.86
CA GLU E 414 8.19 -7.95 -52.47
C GLU E 414 7.78 -9.13 -51.60
N MET E 415 7.34 -8.89 -50.37
CA MET E 415 6.99 -10.03 -49.52
C MET E 415 5.53 -10.42 -49.64
N MET E 416 4.67 -9.54 -50.16
CA MET E 416 3.26 -9.81 -50.44
C MET E 416 2.72 -8.75 -51.39
N LYS E 417 3.34 -8.63 -52.57
CA LYS E 417 3.07 -7.57 -53.57
C LYS E 417 2.11 -6.46 -53.15
N MET F 1 51.40 -22.56 0.48
CA MET F 1 51.47 -22.49 -0.98
C MET F 1 50.06 -22.56 -1.56
N ASN F 2 49.61 -23.73 -2.01
CA ASN F 2 48.28 -23.80 -2.59
C ASN F 2 47.25 -24.01 -1.49
N LEU F 3 46.20 -23.18 -1.53
CA LEU F 3 45.12 -23.26 -0.55
C LEU F 3 44.43 -24.62 -0.61
N THR F 4 44.24 -25.16 -1.82
CA THR F 4 43.63 -26.48 -1.93
C THR F 4 44.50 -27.53 -1.25
N GLU F 5 45.83 -27.35 -1.27
CA GLU F 5 46.70 -28.25 -0.54
C GLU F 5 46.59 -28.05 0.97
N LEU F 6 46.52 -26.81 1.44
CA LEU F 6 46.36 -26.64 2.88
C LEU F 6 45.02 -27.21 3.33
N LYS F 7 44.02 -27.20 2.45
CA LYS F 7 42.75 -27.83 2.77
C LYS F 7 42.85 -29.35 2.84
N ASN F 8 43.68 -29.99 2.00
CA ASN F 8 43.67 -31.45 2.02
C ASN F 8 44.45 -31.99 3.21
N THR F 9 45.43 -31.23 3.71
CA THR F 9 46.15 -31.62 4.89
C THR F 9 45.27 -31.49 6.13
N PRO F 10 45.28 -32.47 7.02
CA PRO F 10 44.51 -32.36 8.27
C PRO F 10 45.03 -31.23 9.16
N VAL F 11 44.19 -30.84 10.12
CA VAL F 11 44.53 -29.73 11.00
C VAL F 11 45.77 -30.04 11.82
N SER F 12 46.00 -31.32 12.13
CA SER F 12 47.19 -31.70 12.89
C SER F 12 48.45 -31.43 12.08
N GLU F 13 48.42 -31.76 10.79
CA GLU F 13 49.56 -31.48 9.92
C GLU F 13 49.74 -29.99 9.73
N LEU F 14 48.63 -29.25 9.66
CA LEU F 14 48.69 -27.80 9.48
C LEU F 14 49.31 -27.12 10.69
N ILE F 15 49.11 -27.68 11.88
CA ILE F 15 49.70 -27.10 13.08
C ILE F 15 51.22 -27.18 13.00
N THR F 16 51.76 -28.35 12.66
CA THR F 16 53.20 -28.48 12.54
C THR F 16 53.76 -27.67 11.37
N LEU F 17 52.99 -27.52 10.29
CA LEU F 17 53.47 -26.70 9.18
C LEU F 17 53.71 -25.26 9.63
N GLY F 18 52.81 -24.73 10.46
CA GLY F 18 52.96 -23.35 10.90
C GLY F 18 54.15 -23.17 11.83
N GLU F 19 54.37 -24.14 12.72
CA GLU F 19 55.49 -24.05 13.65
C GLU F 19 56.82 -24.12 12.90
N ASN F 20 56.90 -24.96 11.87
CA ASN F 20 58.12 -25.02 11.07
C ASN F 20 58.34 -23.75 10.26
N MET F 21 57.27 -23.00 9.95
CA MET F 21 57.47 -21.75 9.23
C MET F 21 57.89 -20.61 10.15
N GLY F 22 57.85 -20.81 11.46
CA GLY F 22 58.20 -19.75 12.38
C GLY F 22 57.02 -19.06 13.05
N LEU F 23 55.80 -19.58 12.89
CA LEU F 23 54.65 -18.97 13.55
C LEU F 23 54.62 -19.37 15.02
N GLU F 24 53.86 -18.60 15.80
CA GLU F 24 53.65 -18.92 17.19
C GLU F 24 52.59 -20.01 17.31
N ASN F 25 52.42 -20.51 18.54
CA ASN F 25 51.39 -21.49 18.91
C ASN F 25 50.13 -21.48 18.05
N LEU F 26 50.06 -22.38 17.06
CA LEU F 26 48.88 -22.39 16.19
C LEU F 26 47.63 -22.92 16.87
N ALA F 27 47.72 -23.52 18.06
CA ALA F 27 46.50 -23.88 18.78
C ALA F 27 45.77 -22.64 19.23
N ARG F 28 46.52 -21.57 19.55
CA ARG F 28 45.92 -20.31 19.95
C ARG F 28 45.18 -19.66 18.78
N MET F 29 45.66 -19.83 17.57
CA MET F 29 45.02 -19.20 16.43
C MET F 29 43.81 -20.01 16.00
N ARG F 30 42.88 -19.34 15.32
CA ARG F 30 41.70 -20.04 14.86
C ARG F 30 42.07 -20.88 13.62
N LYS F 31 41.20 -21.82 13.26
CA LYS F 31 41.49 -22.68 12.12
C LYS F 31 41.60 -21.87 10.84
N GLN F 32 40.74 -20.86 10.68
CA GLN F 32 40.92 -19.95 9.56
C GLN F 32 42.16 -19.10 9.75
N ASP F 33 42.49 -18.80 11.02
CA ASP F 33 43.67 -18.00 11.31
C ASP F 33 44.98 -18.77 11.10
N ILE F 34 44.99 -20.08 11.32
CA ILE F 34 46.21 -20.83 11.02
C ILE F 34 46.46 -20.86 9.51
N ILE F 35 45.40 -20.95 8.71
CA ILE F 35 45.58 -20.97 7.26
C ILE F 35 46.19 -19.66 6.76
N PHE F 36 45.65 -18.51 7.20
CA PHE F 36 46.21 -17.26 6.70
C PHE F 36 47.65 -17.07 7.19
N ALA F 37 47.92 -17.43 8.45
CA ALA F 37 49.24 -17.18 9.02
C ALA F 37 50.34 -17.93 8.27
N ILE F 38 50.07 -19.18 7.85
CA ILE F 38 51.10 -19.93 7.13
C ILE F 38 51.43 -19.25 5.80
N LEU F 39 50.39 -18.90 5.04
CA LEU F 39 50.61 -18.24 3.76
C LEU F 39 51.26 -16.87 3.92
N LYS F 40 50.87 -16.14 4.97
CA LYS F 40 51.38 -14.78 5.15
C LYS F 40 52.87 -14.78 5.45
N GLN F 41 53.36 -15.76 6.20
CA GLN F 41 54.76 -15.76 6.60
C GLN F 41 55.68 -16.25 5.48
N HIS F 42 55.46 -17.45 4.98
CA HIS F 42 56.32 -17.96 3.90
C HIS F 42 56.03 -17.25 2.58
N ALA F 43 56.81 -17.62 1.56
CA ALA F 43 56.64 -17.13 0.20
C ALA F 43 56.89 -15.63 0.08
N LYS F 44 57.81 -15.09 0.89
CA LYS F 44 58.14 -13.68 0.75
C LYS F 44 58.75 -13.40 -0.61
N SER F 45 59.47 -14.37 -1.17
CA SER F 45 60.05 -14.31 -2.50
C SER F 45 59.77 -15.64 -3.20
N GLY F 46 59.55 -15.57 -4.51
CA GLY F 46 59.33 -16.76 -5.30
C GLY F 46 57.88 -17.05 -5.60
N GLU F 47 56.97 -16.21 -5.11
CA GLU F 47 55.54 -16.25 -5.48
C GLU F 47 54.94 -17.63 -5.19
N ASP F 48 55.32 -18.25 -4.09
CA ASP F 48 54.82 -19.60 -3.84
C ASP F 48 53.32 -19.66 -3.64
N ILE F 49 52.66 -18.55 -3.30
CA ILE F 49 51.26 -18.64 -2.93
C ILE F 49 50.45 -18.94 -4.17
N PHE F 50 49.59 -19.96 -4.10
CA PHE F 50 48.87 -20.39 -5.29
C PHE F 50 47.47 -20.83 -4.87
N GLY F 51 46.53 -20.83 -5.81
CA GLY F 51 45.14 -21.05 -5.46
C GLY F 51 44.28 -21.46 -6.64
N ASP F 52 43.09 -21.98 -6.34
CA ASP F 52 42.19 -22.54 -7.34
C ASP F 52 40.73 -22.18 -7.05
N GLY F 53 39.97 -21.89 -8.11
CA GLY F 53 38.56 -21.58 -7.92
C GLY F 53 37.81 -21.43 -9.22
N VAL F 54 36.48 -21.40 -9.11
CA VAL F 54 35.58 -21.23 -10.25
C VAL F 54 35.02 -19.81 -10.21
N LEU F 55 35.21 -19.06 -11.30
CA LEU F 55 34.93 -17.63 -11.28
C LEU F 55 33.43 -17.34 -11.29
N GLU F 56 32.98 -16.51 -10.34
CA GLU F 56 31.63 -15.96 -10.30
C GLU F 56 31.69 -14.46 -10.08
N ILE F 57 31.02 -13.70 -10.95
CA ILE F 57 31.00 -12.24 -10.88
C ILE F 57 29.68 -11.75 -10.31
N LEU F 58 29.71 -11.09 -9.16
CA LEU F 58 28.48 -10.49 -8.64
C LEU F 58 28.06 -9.25 -9.39
N GLN F 59 26.76 -9.02 -9.36
CA GLN F 59 26.06 -7.85 -9.90
C GLN F 59 26.61 -6.59 -9.26
N ASP F 60 27.31 -5.76 -10.03
CA ASP F 60 27.93 -4.53 -9.52
C ASP F 60 28.96 -4.85 -8.44
N GLY F 61 29.81 -5.85 -8.70
CA GLY F 61 30.74 -6.31 -7.69
C GLY F 61 32.08 -6.72 -8.27
N PHE F 62 33.05 -6.83 -7.36
CA PHE F 62 34.43 -7.17 -7.72
C PHE F 62 34.53 -8.59 -8.28
N GLY F 63 33.94 -9.54 -7.59
CA GLY F 63 34.02 -10.95 -7.96
C GLY F 63 34.99 -11.71 -7.08
N PHE F 64 34.74 -13.01 -6.95
CA PHE F 64 35.53 -13.92 -6.14
C PHE F 64 35.77 -15.19 -6.94
N LEU F 65 36.88 -15.89 -6.68
CA LEU F 65 36.99 -17.18 -7.38
C LEU F 65 36.09 -18.26 -6.80
N ARG F 66 35.44 -18.03 -5.67
CA ARG F 66 34.49 -18.95 -5.04
C ARG F 66 35.04 -20.35 -4.77
N SER F 67 34.81 -20.91 -3.59
CA SER F 67 35.27 -22.26 -3.33
C SER F 67 34.28 -23.27 -3.91
N ALA F 68 34.81 -24.30 -4.56
CA ALA F 68 34.04 -25.31 -5.27
C ALA F 68 33.58 -26.48 -4.41
N ASP F 69 34.14 -26.65 -3.21
CA ASP F 69 33.84 -27.85 -2.41
C ASP F 69 32.35 -28.01 -2.14
N SER F 70 31.62 -26.90 -1.97
CA SER F 70 30.19 -26.96 -1.74
C SER F 70 29.54 -25.69 -2.27
N SER F 71 29.90 -24.56 -1.68
CA SER F 71 29.33 -23.30 -2.13
C SER F 71 30.26 -22.15 -1.76
N TYR F 72 30.05 -21.04 -2.46
CA TYR F 72 30.78 -19.81 -2.22
C TYR F 72 30.77 -19.40 -0.75
N LEU F 73 29.57 -19.25 -0.18
CA LEU F 73 29.45 -18.97 1.25
C LEU F 73 30.04 -17.59 1.51
N ALA F 74 30.78 -17.43 2.61
CA ALA F 74 31.40 -16.15 2.93
C ALA F 74 32.77 -16.38 3.57
N GLY F 75 33.32 -15.32 4.16
CA GLY F 75 34.59 -15.40 4.85
C GLY F 75 35.79 -15.60 3.94
N PRO F 76 36.62 -16.59 4.26
CA PRO F 76 37.90 -16.78 3.54
C PRO F 76 37.67 -17.56 2.25
N ASP F 77 36.99 -16.91 1.32
CA ASP F 77 36.62 -17.51 0.05
C ASP F 77 37.65 -17.20 -1.02
N ASP F 78 38.43 -18.21 -1.40
CA ASP F 78 39.44 -18.14 -2.45
C ASP F 78 40.06 -16.75 -2.57
N ILE F 79 40.11 -16.21 -3.79
CA ILE F 79 40.74 -14.91 -4.00
C ILE F 79 39.81 -13.97 -4.76
N TYR F 80 40.12 -12.69 -4.65
CA TYR F 80 39.37 -11.64 -5.32
C TYR F 80 39.91 -11.51 -6.73
N VAL F 81 39.01 -11.33 -7.68
CA VAL F 81 39.38 -11.19 -9.08
C VAL F 81 39.27 -9.71 -9.41
N SER F 82 40.28 -9.19 -10.10
CA SER F 82 40.40 -7.75 -10.32
C SER F 82 39.34 -7.27 -11.31
N PRO F 83 39.48 -6.10 -11.91
CA PRO F 83 38.55 -5.74 -12.99
C PRO F 83 39.23 -5.12 -14.21
N SER F 84 40.53 -4.84 -14.12
CA SER F 84 41.30 -4.24 -15.21
C SER F 84 41.95 -5.19 -16.22
N GLN F 85 43.19 -5.63 -15.92
CA GLN F 85 43.92 -6.51 -16.85
C GLN F 85 43.14 -7.77 -17.18
N ILE F 86 42.43 -8.33 -16.20
CA ILE F 86 41.65 -9.52 -16.47
C ILE F 86 40.52 -9.22 -17.43
N ARG F 87 39.96 -7.99 -17.37
CA ARG F 87 38.91 -7.65 -18.31
C ARG F 87 39.48 -7.66 -19.71
N ARG F 88 40.76 -7.33 -19.83
CA ARG F 88 41.48 -7.55 -21.09
C ARG F 88 41.50 -9.03 -21.41
N PHE F 89 41.73 -9.87 -20.39
CA PHE F 89 41.66 -11.32 -20.58
C PHE F 89 40.23 -11.81 -20.71
N ASN F 90 39.24 -10.91 -20.63
CA ASN F 90 37.83 -11.29 -20.76
C ASN F 90 37.45 -12.36 -19.74
N LEU F 91 37.65 -12.04 -18.46
CA LEU F 91 37.29 -12.99 -17.42
C LEU F 91 35.84 -13.38 -17.60
N ARG F 92 35.56 -14.67 -17.45
CA ARG F 92 34.28 -15.22 -17.84
C ARG F 92 33.73 -16.07 -16.70
N THR F 93 32.52 -15.75 -16.24
CA THR F 93 31.90 -16.51 -15.16
C THR F 93 31.84 -17.99 -15.49
N GLY F 94 32.27 -18.83 -14.54
CA GLY F 94 32.26 -20.26 -14.68
C GLY F 94 33.57 -20.89 -15.12
N ASP F 95 34.53 -20.09 -15.55
CA ASP F 95 35.85 -20.62 -15.89
C ASP F 95 36.58 -21.08 -14.65
N THR F 96 37.04 -22.33 -14.67
CA THR F 96 37.92 -22.83 -13.62
C THR F 96 39.32 -22.32 -13.92
N ILE F 97 39.82 -21.46 -13.05
CA ILE F 97 41.08 -20.76 -13.28
C ILE F 97 42.07 -21.26 -12.24
N SER F 98 43.26 -21.62 -12.69
CA SER F 98 44.30 -22.05 -11.78
C SER F 98 45.37 -20.96 -11.91
N GLY F 99 45.19 -19.90 -11.14
CA GLY F 99 46.05 -18.76 -11.22
C GLY F 99 46.87 -18.73 -9.94
N LYS F 100 48.14 -18.40 -10.10
CA LYS F 100 49.01 -18.21 -8.95
C LYS F 100 48.59 -16.99 -8.18
N ILE F 101 48.51 -17.14 -6.86
CA ILE F 101 48.17 -15.99 -6.06
C ILE F 101 49.40 -15.06 -6.10
N ARG F 102 49.16 -13.73 -6.08
CA ARG F 102 50.20 -12.69 -6.16
C ARG F 102 51.38 -12.85 -5.20
N PRO F 103 52.49 -12.15 -5.42
CA PRO F 103 53.56 -12.03 -4.39
C PRO F 103 53.16 -11.06 -3.30
N PRO F 104 53.68 -11.20 -2.07
CA PRO F 104 53.19 -10.36 -0.96
C PRO F 104 53.29 -8.87 -1.27
N LYS F 105 52.33 -8.13 -0.74
CA LYS F 105 52.18 -6.71 -1.03
C LYS F 105 51.24 -6.10 0.02
N GLU F 106 51.02 -4.79 -0.09
CA GLU F 106 50.21 -4.03 0.86
C GLU F 106 49.44 -2.95 0.12
N GLY F 107 48.41 -2.41 0.80
CA GLY F 107 47.47 -1.49 0.18
C GLY F 107 46.18 -2.11 -0.33
N GLU F 108 46.08 -3.43 -0.39
CA GLU F 108 44.86 -4.11 -0.82
C GLU F 108 44.23 -4.92 0.30
N ARG F 109 44.71 -4.75 1.53
CA ARG F 109 44.32 -5.52 2.72
C ARG F 109 44.48 -7.03 2.51
N TYR F 110 45.08 -7.43 1.39
CA TYR F 110 45.46 -8.82 1.18
C TYR F 110 46.92 -8.93 0.85
N PHE F 111 47.53 -9.97 1.38
CA PHE F 111 48.83 -10.37 0.92
C PHE F 111 48.60 -11.07 -0.41
N ALA F 112 49.17 -10.54 -1.48
CA ALA F 112 49.52 -11.40 -2.59
C ALA F 112 48.34 -12.20 -3.13
N LEU F 113 47.33 -11.54 -3.71
CA LEU F 113 46.22 -12.29 -4.29
C LEU F 113 45.90 -11.82 -5.71
N LEU F 114 46.01 -12.76 -6.67
CA LEU F 114 45.82 -12.68 -8.14
C LEU F 114 47.08 -13.11 -8.90
N LYS F 115 47.00 -13.06 -10.24
CA LYS F 115 47.96 -13.49 -11.28
C LYS F 115 47.51 -14.86 -11.77
N VAL F 116 47.70 -15.14 -13.06
CA VAL F 116 47.23 -16.39 -13.66
C VAL F 116 48.40 -17.30 -14.00
N ASN F 117 48.27 -18.58 -13.67
CA ASN F 117 49.26 -19.58 -14.05
C ASN F 117 48.77 -20.41 -15.23
N GLU F 118 47.56 -20.99 -15.13
CA GLU F 118 46.89 -21.69 -16.22
C GLU F 118 45.44 -21.22 -16.29
N VAL F 119 44.85 -21.20 -17.49
CA VAL F 119 43.43 -20.90 -17.66
C VAL F 119 42.77 -22.11 -18.32
N ASN F 120 41.85 -22.75 -17.59
CA ASN F 120 41.17 -23.95 -18.07
C ASN F 120 42.19 -24.97 -18.59
N PHE F 121 43.29 -25.11 -17.84
CA PHE F 121 44.45 -25.94 -18.16
C PHE F 121 45.13 -25.51 -19.46
N ASP F 122 44.95 -24.25 -19.88
CA ASP F 122 45.52 -23.73 -21.13
C ASP F 122 45.80 -22.23 -20.97
N LYS F 123 46.98 -21.87 -20.43
CA LYS F 123 47.27 -20.44 -20.26
C LYS F 123 47.32 -19.74 -21.62
N PRO F 124 48.12 -20.19 -22.60
CA PRO F 124 48.06 -19.53 -23.92
C PRO F 124 46.73 -19.79 -24.59
N GLU F 125 46.03 -20.83 -24.16
CA GLU F 125 44.71 -21.24 -24.61
C GLU F 125 44.69 -21.48 -26.12
N ASN F 126 43.58 -21.97 -26.63
CA ASN F 126 43.33 -22.13 -28.05
C ASN F 126 42.40 -21.03 -28.55
N ALA F 127 42.74 -19.79 -28.19
CA ALA F 127 42.02 -18.55 -28.50
C ALA F 127 40.53 -18.76 -28.75
N ARG F 128 39.91 -19.64 -27.97
CA ARG F 128 38.49 -19.98 -28.15
C ARG F 128 37.66 -18.99 -27.35
N ASN F 129 37.24 -17.93 -28.02
CA ASN F 129 36.31 -16.96 -27.46
C ASN F 129 34.95 -17.04 -28.14
N LYS F 130 34.54 -18.24 -28.55
CA LYS F 130 33.24 -18.45 -29.15
C LYS F 130 32.27 -18.80 -28.03
N ILE F 131 31.16 -18.09 -27.97
CA ILE F 131 30.18 -18.34 -26.91
C ILE F 131 29.15 -19.31 -27.43
N LEU F 132 28.72 -20.24 -26.56
CA LEU F 132 27.75 -21.24 -26.98
C LEU F 132 26.38 -20.62 -27.23
N PHE F 133 26.02 -19.55 -26.52
CA PHE F 133 24.74 -18.90 -26.76
C PHE F 133 24.65 -18.33 -28.18
N GLU F 134 25.79 -18.09 -28.81
CA GLU F 134 25.84 -17.65 -30.20
C GLU F 134 26.22 -18.81 -31.11
N ASN F 135 26.65 -19.92 -30.51
CA ASN F 135 26.97 -21.14 -31.23
C ASN F 135 25.71 -21.70 -31.86
N LEU F 136 25.90 -22.43 -32.95
CA LEU F 136 24.79 -22.97 -33.72
C LEU F 136 24.07 -24.08 -32.95
N THR F 137 22.76 -24.16 -33.15
CA THR F 137 21.91 -25.15 -32.49
C THR F 137 21.23 -25.96 -33.59
N PRO F 138 21.67 -27.19 -33.85
CA PRO F 138 21.07 -27.98 -34.93
C PRO F 138 19.77 -28.67 -34.54
N LEU F 139 19.15 -29.26 -35.56
CA LEU F 139 18.03 -30.18 -35.34
C LEU F 139 18.54 -31.51 -34.80
N HIS F 140 19.54 -32.07 -35.46
CA HIS F 140 20.01 -33.42 -35.21
C HIS F 140 20.63 -33.58 -33.83
N ALA F 141 20.53 -34.81 -33.33
CA ALA F 141 21.27 -35.27 -32.16
C ALA F 141 22.53 -35.97 -32.66
N ASN F 142 23.02 -36.97 -31.93
CA ASN F 142 24.23 -37.66 -32.39
C ASN F 142 24.41 -39.06 -31.80
N SER F 143 24.87 -39.15 -30.56
CA SER F 143 25.06 -40.40 -29.85
C SER F 143 24.15 -40.49 -28.64
N ARG F 144 23.82 -41.72 -28.22
CA ARG F 144 22.89 -41.97 -27.13
C ARG F 144 23.66 -42.46 -25.91
N LEU F 145 23.25 -41.99 -24.72
CA LEU F 145 23.86 -42.38 -23.45
C LEU F 145 23.06 -43.51 -22.80
N ARG F 146 23.62 -44.72 -22.86
CA ARG F 146 23.05 -45.91 -22.25
C ARG F 146 23.46 -46.06 -20.79
N MET F 147 22.58 -46.66 -19.99
CA MET F 147 22.86 -46.89 -18.58
C MET F 147 22.81 -48.38 -18.28
N GLY F 152 25.60 -56.46 -15.61
CA GLY F 152 24.26 -56.20 -15.11
C GLY F 152 23.96 -56.87 -13.78
N SER F 153 23.34 -56.11 -12.88
CA SER F 153 23.00 -56.59 -11.55
C SER F 153 21.49 -56.51 -11.33
N THR F 154 21.06 -56.93 -10.15
CA THR F 154 19.66 -56.79 -9.77
C THR F 154 19.31 -55.34 -9.50
N GLU F 155 20.28 -54.56 -9.01
CA GLU F 155 20.09 -53.15 -8.73
C GLU F 155 20.14 -52.30 -10.00
N ASP F 156 20.81 -52.80 -11.04
CA ASP F 156 20.86 -52.16 -12.35
C ASP F 156 19.54 -52.23 -13.10
N LEU F 157 18.59 -53.03 -12.62
CA LEU F 157 17.29 -53.16 -13.28
C LEU F 157 16.59 -51.82 -13.42
N THR F 158 16.72 -50.92 -12.43
CA THR F 158 16.15 -49.59 -12.58
C THR F 158 16.72 -48.85 -13.77
N ALA F 159 18.03 -48.96 -13.99
CA ALA F 159 18.62 -48.32 -15.16
C ALA F 159 18.18 -49.01 -16.45
N ARG F 160 17.97 -50.32 -16.39
CA ARG F 160 17.59 -51.07 -17.57
C ARG F 160 16.17 -50.73 -18.03
N VAL F 161 15.21 -50.68 -17.10
CA VAL F 161 13.86 -50.28 -17.50
C VAL F 161 13.87 -48.83 -17.97
N LEU F 162 14.66 -47.99 -17.31
CA LEU F 162 14.80 -46.60 -17.72
C LEU F 162 15.48 -46.51 -19.09
N ASP F 163 16.39 -47.45 -19.39
CA ASP F 163 16.96 -47.53 -20.73
C ASP F 163 15.90 -47.87 -21.77
N LEU F 164 14.90 -48.67 -21.39
CA LEU F 164 13.81 -49.03 -22.29
C LEU F 164 12.76 -47.94 -22.37
N ALA F 165 12.55 -47.23 -21.27
CA ALA F 165 11.55 -46.16 -21.20
C ALA F 165 12.03 -44.89 -21.88
N SER F 166 13.30 -44.56 -21.70
CA SER F 166 13.84 -43.29 -22.15
C SER F 166 15.22 -43.37 -22.80
N PRO F 167 15.33 -43.20 -24.12
CA PRO F 167 16.67 -43.18 -24.73
C PRO F 167 17.36 -41.85 -24.45
N ILE F 168 18.19 -41.78 -23.41
CA ILE F 168 18.94 -40.55 -23.10
C ILE F 168 20.16 -40.47 -24.00
N GLY F 169 20.40 -39.28 -24.56
CA GLY F 169 21.53 -39.06 -25.45
C GLY F 169 22.35 -37.84 -25.03
N ARG F 170 23.44 -37.62 -25.76
CA ARG F 170 24.34 -36.50 -25.51
C ARG F 170 23.71 -35.18 -25.97
N GLY F 171 23.48 -34.26 -25.03
CA GLY F 171 22.92 -32.97 -25.37
C GLY F 171 21.42 -32.85 -25.25
N GLN F 172 20.77 -33.84 -24.65
CA GLN F 172 19.32 -34.01 -24.59
C GLN F 172 18.68 -33.35 -23.37
N ARG F 173 17.46 -32.84 -23.55
CA ARG F 173 16.67 -32.20 -22.50
C ARG F 173 15.87 -33.21 -21.69
N GLY F 174 16.27 -33.47 -20.45
CA GLY F 174 15.61 -34.44 -19.58
C GLY F 174 14.65 -33.84 -18.56
N LEU F 175 13.42 -34.39 -18.51
CA LEU F 175 12.43 -34.05 -17.48
C LEU F 175 11.89 -35.31 -16.82
N ILE F 176 11.71 -35.26 -15.50
CA ILE F 176 11.16 -36.37 -14.70
C ILE F 176 10.15 -35.84 -13.70
N VAL F 177 8.86 -36.15 -13.89
CA VAL F 177 7.82 -35.74 -12.96
C VAL F 177 7.70 -36.79 -11.86
N ALA F 178 7.73 -36.34 -10.60
CA ALA F 178 7.79 -37.25 -9.46
C ALA F 178 6.79 -36.82 -8.38
N PRO F 179 5.75 -37.62 -8.13
CA PRO F 179 4.88 -37.39 -6.97
C PRO F 179 5.60 -37.73 -5.67
N PRO F 180 5.04 -37.36 -4.52
CA PRO F 180 5.70 -37.71 -3.25
C PRO F 180 5.81 -39.22 -3.13
N LYS F 181 6.83 -39.67 -2.40
CA LYS F 181 7.10 -41.10 -2.21
C LYS F 181 7.22 -41.82 -3.56
N ALA F 182 8.03 -41.28 -4.46
CA ALA F 182 8.26 -41.92 -5.74
C ALA F 182 9.70 -42.38 -5.93
N GLY F 183 10.54 -42.33 -4.90
CA GLY F 183 11.91 -42.74 -5.08
C GLY F 183 12.67 -41.85 -6.05
N LYS F 184 12.33 -40.56 -6.09
CA LYS F 184 12.96 -39.63 -7.03
C LYS F 184 14.47 -39.55 -6.84
N THR F 185 14.93 -39.44 -5.59
CA THR F 185 16.35 -39.32 -5.34
C THR F 185 17.05 -40.65 -5.60
N MET F 186 16.43 -41.76 -5.21
CA MET F 186 17.04 -43.07 -5.39
C MET F 186 17.20 -43.41 -6.86
N LEU F 187 16.22 -43.04 -7.68
CA LEU F 187 16.31 -43.30 -9.11
C LEU F 187 17.40 -42.45 -9.74
N LEU F 188 17.48 -41.17 -9.35
CA LEU F 188 18.52 -40.29 -9.86
C LEU F 188 19.90 -40.79 -9.49
N GLN F 189 20.05 -41.39 -8.30
CA GLN F 189 21.35 -41.92 -7.90
C GLN F 189 21.76 -43.12 -8.74
N ASN F 190 20.83 -44.04 -9.01
CA ASN F 190 21.20 -45.25 -9.74
C ASN F 190 21.54 -44.96 -11.20
N ILE F 191 20.85 -44.02 -11.84
CA ILE F 191 21.17 -43.69 -13.23
C ILE F 191 22.48 -42.92 -13.32
N ALA F 192 22.70 -41.95 -12.43
CA ALA F 192 23.92 -41.14 -12.49
C ALA F 192 25.15 -42.02 -12.33
N GLN F 193 25.12 -42.94 -11.36
CA GLN F 193 26.22 -43.86 -11.15
C GLN F 193 26.39 -44.76 -12.37
N SER F 194 25.28 -45.20 -12.96
CA SER F 194 25.34 -46.04 -14.15
C SER F 194 25.85 -45.26 -15.35
N ILE F 195 25.55 -43.96 -15.42
CA ILE F 195 26.03 -43.15 -16.53
C ILE F 195 27.55 -43.07 -16.51
N ALA F 196 28.11 -42.80 -15.33
CA ALA F 196 29.57 -42.70 -15.20
C ALA F 196 30.23 -44.03 -15.50
N TYR F 197 29.53 -45.13 -15.23
CA TYR F 197 30.08 -46.45 -15.47
C TYR F 197 30.12 -46.74 -16.97
N ASN F 198 29.02 -46.44 -17.67
CA ASN F 198 28.96 -46.66 -19.11
C ASN F 198 29.77 -45.64 -19.90
N HIS F 199 29.88 -44.41 -19.39
CA HIS F 199 30.55 -43.31 -20.09
C HIS F 199 31.46 -42.54 -19.14
N PRO F 200 32.73 -42.94 -19.00
CA PRO F 200 33.65 -42.16 -18.16
C PRO F 200 33.97 -40.77 -18.71
N ASP F 201 33.84 -40.56 -20.03
CA ASP F 201 34.14 -39.26 -20.62
C ASP F 201 33.17 -38.17 -20.15
N CYS F 202 31.92 -38.52 -19.86
CA CYS F 202 30.95 -37.50 -19.46
C CYS F 202 31.22 -37.03 -18.04
N VAL F 203 31.23 -35.72 -17.87
CA VAL F 203 31.42 -35.11 -16.55
C VAL F 203 30.07 -35.02 -15.88
N LEU F 204 29.98 -35.58 -14.68
CA LEU F 204 28.71 -35.63 -13.97
C LEU F 204 28.60 -34.39 -13.10
N MET F 205 27.43 -33.75 -13.13
CA MET F 205 27.19 -32.49 -12.45
C MET F 205 25.89 -32.63 -11.67
N VAL F 206 25.93 -33.39 -10.58
CA VAL F 206 24.73 -33.57 -9.78
C VAL F 206 24.40 -32.27 -9.07
N LEU F 207 23.13 -31.85 -9.17
CA LEU F 207 22.68 -30.60 -8.59
C LEU F 207 21.46 -30.88 -7.71
N LEU F 208 21.44 -30.28 -6.53
CA LEU F 208 20.31 -30.42 -5.61
C LEU F 208 19.80 -29.04 -5.19
N ILE F 209 18.49 -28.83 -5.32
CA ILE F 209 17.83 -27.59 -4.92
C ILE F 209 16.79 -27.92 -3.86
N ASP F 210 16.82 -27.18 -2.74
CA ASP F 210 15.92 -27.41 -1.62
C ASP F 210 15.88 -28.88 -1.22
N GLU F 211 17.06 -29.49 -1.14
CA GLU F 211 17.13 -30.87 -0.72
C GLU F 211 17.54 -30.88 0.75
N ARG F 212 16.93 -31.77 1.51
CA ARG F 212 17.16 -31.80 2.94
C ARG F 212 18.62 -32.16 3.21
N PRO F 213 19.27 -31.51 4.18
CA PRO F 213 20.71 -31.74 4.39
C PRO F 213 21.07 -33.16 4.80
N GLU F 214 20.13 -33.92 5.38
CA GLU F 214 20.44 -35.31 5.72
C GLU F 214 20.71 -36.13 4.47
N GLU F 215 19.88 -35.96 3.44
CA GLU F 215 20.04 -36.74 2.22
C GLU F 215 21.23 -36.27 1.39
N VAL F 216 21.61 -35.00 1.54
CA VAL F 216 22.71 -34.45 0.76
C VAL F 216 24.01 -35.19 1.05
N THR F 217 24.26 -35.52 2.32
CA THR F 217 25.49 -36.21 2.67
C THR F 217 25.53 -37.62 2.10
N GLU F 218 24.39 -38.31 2.07
CA GLU F 218 24.34 -39.62 1.42
C GLU F 218 24.76 -39.54 -0.03
N MET F 219 24.07 -38.71 -0.80
CA MET F 219 24.27 -38.69 -2.24
C MET F 219 25.64 -38.15 -2.62
N GLN F 220 26.16 -37.19 -1.84
CA GLN F 220 27.48 -36.65 -2.16
C GLN F 220 28.55 -37.73 -2.08
N ARG F 221 28.40 -38.68 -1.16
CA ARG F 221 29.39 -39.74 -0.98
C ARG F 221 29.17 -40.88 -1.98
N LEU F 222 27.94 -41.08 -2.45
CA LEU F 222 27.61 -42.22 -3.31
C LEU F 222 27.75 -41.92 -4.79
N VAL F 223 27.79 -40.65 -5.17
CA VAL F 223 27.89 -40.23 -6.56
C VAL F 223 29.34 -39.98 -6.94
N LYS F 224 29.73 -40.43 -8.13
CA LYS F 224 31.12 -40.35 -8.56
C LYS F 224 31.29 -39.11 -9.44
N GLY F 225 31.19 -37.97 -8.78
CA GLY F 225 31.33 -36.68 -9.44
C GLY F 225 31.14 -35.59 -8.41
N GLU F 226 31.40 -34.35 -8.84
CA GLU F 226 31.26 -33.22 -7.95
C GLU F 226 29.79 -32.94 -7.63
N VAL F 227 29.52 -32.78 -6.33
CA VAL F 227 28.17 -32.67 -5.77
C VAL F 227 27.98 -31.27 -5.22
N VAL F 228 27.26 -30.44 -5.97
CA VAL F 228 26.94 -29.08 -5.55
C VAL F 228 25.47 -29.07 -5.12
N ALA F 229 25.17 -28.49 -3.96
CA ALA F 229 23.84 -28.60 -3.39
C ALA F 229 23.46 -27.36 -2.58
N SER F 230 22.20 -27.31 -2.16
CA SER F 230 21.68 -26.24 -1.31
C SER F 230 20.66 -26.83 -0.34
N THR F 231 20.77 -26.46 0.94
CA THR F 231 19.89 -27.02 1.95
C THR F 231 18.59 -26.21 2.01
N PHE F 232 17.53 -26.87 2.50
CA PHE F 232 16.23 -26.20 2.53
C PHE F 232 16.20 -25.02 3.52
N ASP F 233 16.93 -25.10 4.65
CA ASP F 233 16.93 -23.92 5.51
C ASP F 233 17.73 -22.76 4.92
N GLU F 234 18.50 -23.00 3.88
CA GLU F 234 19.28 -21.93 3.29
C GLU F 234 18.35 -21.03 2.50
N PRO F 235 18.59 -19.72 2.48
CA PRO F 235 17.65 -18.80 1.83
C PRO F 235 17.60 -19.04 0.34
N ALA F 236 16.62 -18.39 -0.30
CA ALA F 236 16.41 -18.56 -1.73
C ALA F 236 17.60 -18.07 -2.55
N SER F 237 18.30 -17.04 -2.07
CA SER F 237 19.48 -16.55 -2.78
C SER F 237 20.56 -17.63 -2.91
N ARG F 238 20.67 -18.51 -1.92
CA ARG F 238 21.64 -19.59 -2.03
C ARG F 238 21.21 -20.61 -3.08
N HIS F 239 19.91 -20.89 -3.15
CA HIS F 239 19.38 -21.84 -4.13
C HIS F 239 19.67 -21.38 -5.57
N VAL F 240 19.59 -20.08 -5.83
CA VAL F 240 19.84 -19.59 -7.18
C VAL F 240 21.33 -19.62 -7.50
N GLN F 241 22.17 -19.31 -6.52
CA GLN F 241 23.61 -19.29 -6.74
C GLN F 241 24.14 -20.67 -7.11
N VAL F 242 23.68 -21.70 -6.39
CA VAL F 242 24.19 -23.05 -6.58
C VAL F 242 23.81 -23.61 -7.96
N ALA F 243 22.61 -23.29 -8.44
CA ALA F 243 22.15 -23.83 -9.71
C ALA F 243 22.76 -23.11 -10.90
N GLU F 244 22.72 -21.78 -10.88
CA GLU F 244 23.28 -20.99 -11.97
C GLU F 244 24.77 -21.22 -12.13
N MET F 245 25.47 -21.44 -11.02
CA MET F 245 26.93 -21.58 -11.06
C MET F 245 27.37 -22.79 -11.89
N VAL F 246 26.66 -23.92 -11.77
CA VAL F 246 27.11 -25.12 -12.45
C VAL F 246 26.93 -24.98 -13.96
N ILE F 247 25.83 -24.34 -14.40
CA ILE F 247 25.61 -24.16 -15.83
C ILE F 247 26.69 -23.27 -16.41
N GLU F 248 27.07 -22.22 -15.68
CA GLU F 248 28.13 -21.34 -16.17
C GLU F 248 29.44 -22.11 -16.27
N LYS F 249 29.70 -22.99 -15.30
CA LYS F 249 30.86 -23.87 -15.37
C LYS F 249 30.78 -24.83 -16.56
N ALA F 250 29.61 -25.44 -16.76
CA ALA F 250 29.42 -26.37 -17.88
C ALA F 250 29.49 -25.67 -19.22
N LYS F 251 28.91 -24.46 -19.30
CA LYS F 251 28.96 -23.70 -20.55
C LYS F 251 30.41 -23.45 -20.97
N ARG F 252 31.28 -23.19 -20.00
CA ARG F 252 32.69 -22.99 -20.31
C ARG F 252 33.37 -24.27 -20.79
N LEU F 253 32.94 -25.44 -20.29
CA LEU F 253 33.50 -26.70 -20.78
C LEU F 253 32.94 -27.06 -22.15
N VAL F 254 31.69 -26.70 -22.43
CA VAL F 254 31.14 -26.95 -23.75
C VAL F 254 31.87 -26.12 -24.79
N GLU F 255 32.30 -24.91 -24.44
CA GLU F 255 33.14 -24.14 -25.34
C GLU F 255 34.47 -24.83 -25.58
N HIS F 256 34.97 -25.60 -24.61
CA HIS F 256 36.17 -26.39 -24.79
C HIS F 256 35.87 -27.83 -25.16
N LYS F 257 34.68 -28.10 -25.72
CA LYS F 257 34.32 -29.38 -26.31
C LYS F 257 34.48 -30.55 -25.33
N LYS F 258 34.05 -30.33 -24.09
CA LYS F 258 34.01 -31.40 -23.09
C LYS F 258 32.55 -31.74 -22.85
N ASP F 259 32.24 -33.03 -22.84
CA ASP F 259 30.85 -33.46 -22.69
C ASP F 259 30.44 -33.35 -21.23
N VAL F 260 29.31 -32.67 -20.99
CA VAL F 260 28.81 -32.41 -19.65
C VAL F 260 27.36 -32.85 -19.55
N ILE F 261 27.02 -33.49 -18.43
CA ILE F 261 25.66 -33.92 -18.12
C ILE F 261 25.32 -33.42 -16.73
N ILE F 262 24.14 -32.83 -16.56
CA ILE F 262 23.70 -32.31 -15.27
C ILE F 262 22.40 -32.98 -14.87
N LEU F 263 22.27 -33.28 -13.58
CA LEU F 263 21.09 -33.93 -13.02
C LEU F 263 20.52 -33.05 -11.91
N LEU F 264 19.42 -32.37 -12.20
CA LEU F 264 18.75 -31.47 -11.25
C LEU F 264 17.64 -32.18 -10.49
N ASP F 265 17.66 -32.06 -9.17
CA ASP F 265 16.66 -32.75 -8.35
C ASP F 265 15.31 -32.02 -8.34
N SER F 266 15.28 -30.70 -8.48
CA SER F 266 14.01 -29.98 -8.41
C SER F 266 14.14 -28.64 -9.13
N ILE F 267 13.72 -28.61 -10.40
CA ILE F 267 13.58 -27.34 -11.12
C ILE F 267 12.45 -26.49 -10.55
N THR F 268 11.45 -27.11 -9.93
CA THR F 268 10.34 -26.34 -9.38
C THR F 268 10.82 -25.38 -8.30
N ARG F 269 11.68 -25.86 -7.40
CA ARG F 269 12.18 -24.99 -6.35
C ARG F 269 13.20 -23.99 -6.89
N LEU F 270 13.92 -24.36 -7.96
CA LEU F 270 14.75 -23.38 -8.64
C LEU F 270 13.90 -22.23 -9.18
N ALA F 271 12.76 -22.55 -9.77
CA ALA F 271 11.87 -21.51 -10.29
C ALA F 271 11.22 -20.71 -9.18
N ARG F 272 10.78 -21.37 -8.11
CA ARG F 272 10.20 -20.63 -6.99
C ARG F 272 11.25 -19.72 -6.34
N ALA F 273 12.50 -20.17 -6.28
CA ALA F 273 13.55 -19.36 -5.68
C ALA F 273 13.83 -18.12 -6.53
N TYR F 274 14.01 -18.30 -7.84
CA TYR F 274 14.25 -17.14 -8.69
C TYR F 274 13.04 -16.21 -8.68
N ASN F 275 11.84 -16.79 -8.56
CA ASN F 275 10.63 -15.98 -8.47
C ASN F 275 10.70 -15.01 -7.29
N THR F 276 11.21 -15.47 -6.15
CA THR F 276 11.26 -14.68 -4.93
C THR F 276 12.49 -13.77 -4.86
N VAL F 277 13.52 -14.05 -5.67
CA VAL F 277 14.74 -13.25 -5.62
C VAL F 277 14.55 -11.95 -6.39
N VAL F 278 13.63 -11.92 -7.34
CA VAL F 278 13.45 -10.76 -8.21
C VAL F 278 12.52 -9.77 -7.52
N PRO F 279 12.90 -8.50 -7.39
CA PRO F 279 12.03 -7.51 -6.77
C PRO F 279 10.91 -6.97 -7.65
N ALA F 280 10.64 -7.60 -8.79
CA ALA F 280 9.68 -7.05 -9.72
C ALA F 280 8.27 -7.20 -9.16
N SER F 281 7.50 -6.12 -9.22
CA SER F 281 6.10 -6.10 -8.82
C SER F 281 5.27 -5.92 -10.09
N GLY F 282 4.50 -6.94 -10.45
CA GLY F 282 3.73 -6.94 -11.68
C GLY F 282 2.24 -7.09 -11.42
N LYS F 283 1.44 -6.51 -12.31
CA LYS F 283 -0.01 -6.56 -12.15
C LYS F 283 -0.59 -7.89 -12.59
N VAL F 284 -0.08 -8.45 -13.70
CA VAL F 284 -0.60 -9.70 -14.26
C VAL F 284 0.25 -10.87 -13.77
N LEU F 285 -0.41 -11.90 -13.27
CA LEU F 285 0.26 -13.07 -12.68
C LEU F 285 -0.59 -14.30 -12.93
N THR F 286 -0.05 -15.30 -13.61
CA THR F 286 -0.77 -16.53 -13.91
C THR F 286 -0.28 -17.65 -12.99
N GLY F 287 -1.18 -18.16 -12.15
CA GLY F 287 -0.84 -19.24 -11.25
C GLY F 287 0.18 -18.89 -10.19
N GLY F 288 0.29 -17.62 -9.82
CA GLY F 288 1.22 -17.18 -8.81
C GLY F 288 2.54 -16.66 -9.35
N VAL F 289 2.82 -16.88 -10.63
CA VAL F 289 4.06 -16.42 -11.23
C VAL F 289 3.77 -15.68 -12.54
N ASP F 290 4.49 -14.59 -12.76
CA ASP F 290 4.46 -13.90 -14.04
C ASP F 290 5.18 -14.72 -15.10
N ALA F 291 4.56 -14.84 -16.28
CA ALA F 291 5.12 -15.68 -17.33
C ALA F 291 6.50 -15.19 -17.74
N ASN F 292 6.69 -13.87 -17.77
CA ASN F 292 8.00 -13.32 -18.12
C ASN F 292 9.03 -13.55 -17.03
N ALA F 293 8.60 -13.90 -15.80
CA ALA F 293 9.54 -14.15 -14.71
C ALA F 293 10.18 -15.54 -14.79
N LEU F 294 9.46 -16.52 -15.34
CA LEU F 294 10.00 -17.85 -15.64
C LEU F 294 10.82 -17.89 -16.91
N HIS F 295 11.18 -16.72 -17.46
CA HIS F 295 12.05 -16.73 -18.62
C HIS F 295 13.44 -17.30 -18.26
N ARG F 296 14.01 -16.93 -17.08
CA ARG F 296 15.34 -17.49 -16.81
C ARG F 296 15.34 -18.98 -16.50
N PRO F 297 14.35 -19.55 -15.81
CA PRO F 297 14.33 -21.02 -15.74
C PRO F 297 14.30 -21.68 -17.10
N LYS F 298 13.58 -21.11 -18.08
CA LYS F 298 13.67 -21.64 -19.44
C LYS F 298 15.04 -21.38 -20.03
N ARG F 299 15.72 -20.30 -19.62
CA ARG F 299 17.08 -20.09 -20.07
C ARG F 299 17.98 -21.22 -19.59
N PHE F 300 17.70 -21.73 -18.38
CA PHE F 300 18.44 -22.88 -17.84
C PHE F 300 18.40 -24.05 -18.81
N PHE F 301 17.19 -24.42 -19.30
CA PHE F 301 17.15 -25.48 -20.32
C PHE F 301 17.72 -25.00 -21.66
N GLY F 302 17.51 -23.74 -22.01
CA GLY F 302 17.93 -23.32 -23.33
C GLY F 302 19.42 -23.38 -23.54
N ALA F 303 20.20 -23.40 -22.47
CA ALA F 303 21.64 -23.55 -22.62
C ALA F 303 22.03 -25.00 -22.87
N ALA F 304 21.29 -25.95 -22.29
CA ALA F 304 21.61 -27.37 -22.44
C ALA F 304 21.02 -27.91 -23.73
N ARG F 305 21.88 -28.17 -24.71
CA ARG F 305 21.48 -28.69 -26.01
C ARG F 305 22.73 -29.23 -26.69
N ASN F 306 22.54 -30.24 -27.54
CA ASN F 306 23.65 -30.70 -28.37
C ASN F 306 24.07 -29.58 -29.30
N VAL F 307 25.37 -29.35 -29.38
CA VAL F 307 25.96 -28.25 -30.12
C VAL F 307 26.23 -28.71 -31.54
N GLU F 308 25.84 -27.88 -32.51
CA GLU F 308 26.20 -28.17 -33.90
C GLU F 308 27.70 -28.19 -34.06
N GLU F 309 28.40 -27.28 -33.38
CA GLU F 309 29.86 -27.24 -33.46
C GLU F 309 30.54 -28.38 -32.71
N GLY F 310 29.84 -29.06 -31.80
CA GLY F 310 30.51 -30.11 -31.05
C GLY F 310 30.41 -29.89 -29.56
N GLY F 311 30.24 -30.96 -28.79
CA GLY F 311 30.05 -30.86 -27.35
C GLY F 311 28.65 -31.28 -26.94
N SER F 312 28.49 -31.49 -25.64
CA SER F 312 27.22 -32.01 -25.14
C SER F 312 26.92 -31.44 -23.76
N LEU F 313 25.74 -30.85 -23.63
CA LEU F 313 25.23 -30.36 -22.34
C LEU F 313 23.85 -30.97 -22.14
N THR F 314 23.73 -31.87 -21.17
CA THR F 314 22.51 -32.63 -20.91
C THR F 314 22.05 -32.42 -19.49
N ILE F 315 20.88 -31.81 -19.32
CA ILE F 315 20.30 -31.59 -17.99
C ILE F 315 19.00 -32.38 -17.87
N ILE F 316 18.96 -33.30 -16.90
CA ILE F 316 17.79 -34.10 -16.59
C ILE F 316 17.25 -33.59 -15.27
N ALA F 317 16.25 -32.72 -15.32
CA ALA F 317 15.68 -32.15 -14.12
C ALA F 317 14.41 -32.90 -13.74
N THR F 318 14.09 -32.88 -12.44
CA THR F 318 12.91 -33.57 -11.94
C THR F 318 11.98 -32.54 -11.32
N ALA F 319 10.81 -32.37 -11.94
CA ALA F 319 9.80 -31.47 -11.41
C ALA F 319 8.87 -32.26 -10.50
N LEU F 320 8.50 -31.64 -9.38
CA LEU F 320 7.59 -32.29 -8.44
C LEU F 320 6.15 -31.95 -8.78
N ILE F 321 5.31 -32.97 -8.70
CA ILE F 321 3.88 -32.85 -8.91
C ILE F 321 3.19 -33.47 -7.69
N ASP F 322 1.90 -33.18 -7.57
CA ASP F 322 1.09 -33.63 -6.44
C ASP F 322 1.71 -33.21 -5.10
N THR F 323 2.44 -32.10 -5.08
CA THR F 323 2.92 -31.58 -3.80
C THR F 323 1.85 -30.79 -3.07
N GLY F 324 0.76 -30.43 -3.74
CA GLY F 324 -0.25 -29.60 -3.12
C GLY F 324 -0.09 -28.13 -3.39
N SER F 325 1.05 -27.70 -3.92
CA SER F 325 1.28 -26.30 -4.21
C SER F 325 0.83 -25.99 -5.62
N LYS F 326 -0.11 -25.06 -5.75
CA LYS F 326 -0.55 -24.64 -7.07
C LYS F 326 0.60 -24.05 -7.84
N MET F 327 1.50 -23.37 -7.13
CA MET F 327 2.67 -22.76 -7.73
C MET F 327 3.55 -23.80 -8.43
N ASP F 328 3.82 -24.91 -7.74
CA ASP F 328 4.73 -25.93 -8.25
C ASP F 328 4.16 -26.63 -9.48
N GLU F 329 2.84 -26.82 -9.51
CA GLU F 329 2.24 -27.47 -10.67
C GLU F 329 2.22 -26.51 -11.86
N VAL F 330 2.06 -25.21 -11.59
CA VAL F 330 2.11 -24.23 -12.68
C VAL F 330 3.51 -24.15 -13.26
N ILE F 331 4.53 -24.29 -12.40
CA ILE F 331 5.91 -24.32 -12.90
C ILE F 331 6.10 -25.55 -13.79
N TYR F 332 5.50 -26.67 -13.39
CA TYR F 332 5.54 -27.88 -14.19
C TYR F 332 4.83 -27.68 -15.53
N GLU F 333 3.68 -27.00 -15.51
CA GLU F 333 2.90 -26.82 -16.73
C GLU F 333 3.65 -25.98 -17.76
N GLU F 334 4.51 -25.06 -17.33
CA GLU F 334 5.29 -24.30 -18.31
C GLU F 334 6.43 -25.12 -18.91
N PHE F 335 7.06 -25.99 -18.12
CA PHE F 335 8.05 -26.92 -18.65
C PHE F 335 7.45 -28.20 -19.18
N LYS F 336 6.13 -28.34 -19.18
CA LYS F 336 5.53 -29.57 -19.67
C LYS F 336 5.71 -29.65 -21.18
N GLY F 337 6.37 -30.70 -21.65
CA GLY F 337 6.59 -30.83 -23.06
C GLY F 337 7.77 -30.05 -23.60
N THR F 338 8.44 -29.25 -22.76
CA THR F 338 9.58 -28.46 -23.23
C THR F 338 10.79 -29.34 -23.47
N GLY F 339 10.90 -30.44 -22.72
CA GLY F 339 11.99 -31.37 -22.90
C GLY F 339 11.58 -32.46 -23.87
N ASN F 340 12.53 -32.88 -24.69
CA ASN F 340 12.26 -33.95 -25.63
C ASN F 340 12.12 -35.29 -24.93
N MET F 341 12.68 -35.44 -23.74
CA MET F 341 12.52 -36.63 -22.93
C MET F 341 11.57 -36.36 -21.78
N GLU F 342 10.64 -37.30 -21.53
CA GLU F 342 9.69 -37.20 -20.43
C GLU F 342 9.60 -38.55 -19.71
N LEU F 343 9.84 -38.57 -18.40
CA LEU F 343 9.77 -39.79 -17.59
C LEU F 343 8.86 -39.62 -16.38
N HIS F 344 7.73 -40.37 -16.36
CA HIS F 344 6.70 -40.26 -15.32
C HIS F 344 6.83 -41.33 -14.25
N LEU F 345 7.01 -40.90 -13.00
CA LEU F 345 7.08 -41.77 -11.82
C LEU F 345 5.71 -41.93 -11.14
N SER F 346 5.37 -43.18 -10.79
CA SER F 346 4.05 -43.52 -10.24
C SER F 346 4.00 -43.51 -8.71
N ARG F 347 2.85 -43.06 -8.18
CA ARG F 347 2.62 -43.05 -6.73
C ARG F 347 2.47 -44.45 -6.18
N LYS F 348 1.53 -45.21 -6.74
CA LYS F 348 1.19 -46.55 -6.28
C LYS F 348 2.30 -47.57 -6.47
N ILE F 349 3.08 -47.45 -7.55
CA ILE F 349 4.08 -48.48 -7.85
C ILE F 349 5.14 -48.55 -6.76
N ALA F 350 5.59 -47.40 -6.25
CA ALA F 350 6.56 -47.42 -5.17
C ALA F 350 5.96 -47.95 -3.88
N GLU F 351 4.65 -47.77 -3.69
CA GLU F 351 4.01 -48.25 -2.47
C GLU F 351 3.99 -49.76 -2.39
N LYS F 352 3.96 -50.44 -3.53
CA LYS F 352 4.00 -51.90 -3.59
C LYS F 352 5.42 -52.45 -3.66
N ARG F 353 6.44 -51.64 -3.35
CA ARG F 353 7.83 -52.08 -3.26
C ARG F 353 8.36 -52.58 -4.60
N VAL F 354 7.75 -52.10 -5.68
CA VAL F 354 8.30 -52.28 -7.02
C VAL F 354 9.44 -51.28 -7.22
N PHE F 355 10.61 -51.79 -7.60
CA PHE F 355 11.86 -51.04 -7.59
C PHE F 355 11.93 -50.02 -8.72
N PRO F 356 11.51 -50.33 -9.95
CA PRO F 356 11.65 -49.35 -11.03
C PRO F 356 10.85 -48.07 -10.83
N ALA F 357 9.56 -48.22 -10.51
CA ALA F 357 8.66 -47.09 -10.24
C ALA F 357 8.63 -46.14 -11.43
N ILE F 358 8.48 -46.71 -12.61
CA ILE F 358 8.41 -45.97 -13.87
C ILE F 358 7.16 -46.39 -14.61
N ASP F 359 6.52 -45.43 -15.29
CA ASP F 359 5.37 -45.72 -16.14
C ASP F 359 5.90 -45.83 -17.56
N TYR F 360 5.86 -47.04 -18.12
CA TYR F 360 6.47 -47.31 -19.42
C TYR F 360 5.65 -46.69 -20.55
N ASN F 361 4.33 -46.61 -20.37
CA ASN F 361 3.45 -46.18 -21.46
C ASN F 361 3.57 -44.69 -21.75
N ARG F 362 3.71 -43.86 -20.72
CA ARG F 362 3.77 -42.42 -20.95
C ARG F 362 5.19 -41.89 -21.13
N SER F 363 6.20 -42.72 -20.87
CA SER F 363 7.57 -42.29 -21.11
C SER F 363 7.89 -42.48 -22.59
N GLY F 364 8.36 -41.43 -23.24
CA GLY F 364 8.72 -41.50 -24.64
C GLY F 364 9.47 -40.26 -25.08
N THR F 365 10.34 -40.40 -26.08
CA THR F 365 11.13 -39.30 -26.59
C THR F 365 10.79 -39.01 -28.04
N ARG F 366 10.84 -37.72 -28.40
CA ARG F 366 10.64 -37.29 -29.77
C ARG F 366 11.96 -37.41 -30.55
N LYS F 367 11.83 -37.61 -31.87
CA LYS F 367 12.97 -37.83 -32.76
C LYS F 367 13.75 -39.07 -32.30
N GLU F 368 13.01 -40.14 -32.02
CA GLU F 368 13.64 -41.39 -31.62
C GLU F 368 14.37 -42.09 -32.77
N GLU F 369 14.15 -41.67 -34.02
CA GLU F 369 14.68 -42.44 -35.14
C GLU F 369 16.19 -42.31 -35.26
N LEU F 370 16.76 -41.15 -34.95
CA LEU F 370 18.20 -40.99 -34.99
C LEU F 370 18.85 -41.51 -33.72
N LEU F 371 18.11 -41.49 -32.59
CA LEU F 371 18.69 -41.88 -31.32
C LEU F 371 18.90 -43.39 -31.24
N THR F 372 17.98 -44.16 -31.80
CA THR F 372 18.01 -45.61 -31.76
C THR F 372 18.01 -46.16 -33.17
N THR F 373 18.69 -47.30 -33.36
CA THR F 373 18.69 -47.97 -34.66
C THR F 373 17.31 -48.58 -34.99
N GLN F 374 17.09 -48.86 -36.30
CA GLN F 374 15.76 -49.22 -36.83
C GLN F 374 15.25 -50.60 -36.37
N GLU F 375 16.12 -51.65 -36.49
CA GLU F 375 16.32 -52.60 -35.38
C GLU F 375 15.55 -52.32 -34.08
N GLU F 376 16.11 -51.41 -33.33
CA GLU F 376 15.91 -51.19 -31.92
C GLU F 376 14.57 -50.57 -31.70
N LEU F 377 14.18 -49.70 -32.63
CA LEU F 377 12.86 -49.09 -32.49
C LEU F 377 11.79 -50.15 -32.58
N GLN F 378 11.90 -51.04 -33.58
CA GLN F 378 10.91 -52.10 -33.71
C GLN F 378 10.89 -52.96 -32.47
N LYS F 379 12.07 -53.18 -31.86
CA LYS F 379 12.12 -53.85 -30.56
C LYS F 379 11.42 -53.04 -29.48
N MET F 380 11.66 -51.73 -29.42
CA MET F 380 10.98 -50.89 -28.44
C MET F 380 9.49 -50.82 -28.74
N TRP F 381 9.13 -50.72 -30.02
CA TRP F 381 7.73 -50.58 -30.39
C TRP F 381 6.94 -51.80 -29.96
N ILE F 382 7.52 -52.99 -30.08
CA ILE F 382 6.78 -54.20 -29.73
C ILE F 382 6.43 -54.21 -28.24
N LEU F 383 7.37 -53.81 -27.36
CA LEU F 383 7.05 -53.72 -25.93
C LEU F 383 6.06 -52.60 -25.65
N ARG F 384 6.23 -51.44 -26.29
CA ARG F 384 5.25 -50.38 -26.11
C ARG F 384 3.87 -50.89 -26.50
N LYS F 385 3.79 -51.68 -27.58
CA LYS F 385 2.51 -52.21 -28.03
C LYS F 385 1.91 -53.21 -27.05
N ILE F 386 2.76 -54.04 -26.42
CA ILE F 386 2.21 -55.12 -25.58
C ILE F 386 1.63 -54.56 -24.29
N ILE F 387 2.27 -53.55 -23.70
CA ILE F 387 1.82 -53.03 -22.42
C ILE F 387 1.09 -51.70 -22.53
N HIS F 388 0.99 -51.10 -23.73
CA HIS F 388 0.22 -49.86 -23.86
C HIS F 388 -1.22 -50.06 -23.40
N PRO F 389 -1.92 -51.14 -23.75
CA PRO F 389 -3.23 -51.36 -23.13
C PRO F 389 -3.11 -51.75 -21.67
N MET F 390 -2.02 -52.42 -21.30
CA MET F 390 -1.85 -52.90 -19.93
C MET F 390 -1.72 -51.73 -18.96
N GLY F 391 -2.30 -51.89 -17.78
CA GLY F 391 -2.17 -50.86 -16.77
C GLY F 391 -0.75 -50.80 -16.24
N GLU F 392 -0.30 -49.58 -15.97
CA GLU F 392 1.09 -49.35 -15.59
C GLU F 392 1.47 -50.10 -14.31
N ILE F 393 0.56 -50.18 -13.34
CA ILE F 393 0.87 -50.90 -12.11
C ILE F 393 1.15 -52.37 -12.42
N ASP F 394 0.43 -52.95 -13.38
CA ASP F 394 0.61 -54.36 -13.71
C ASP F 394 1.54 -54.56 -14.89
N ALA F 395 1.81 -53.50 -15.66
CA ALA F 395 2.76 -53.58 -16.75
C ALA F 395 4.18 -53.70 -16.25
N MET F 396 4.52 -52.95 -15.19
CA MET F 396 5.90 -52.94 -14.72
C MET F 396 6.28 -54.30 -14.13
N GLU F 397 5.36 -54.91 -13.36
CA GLU F 397 5.61 -56.25 -12.84
C GLU F 397 5.85 -57.25 -13.97
N PHE F 398 5.12 -57.10 -15.09
CA PHE F 398 5.35 -57.97 -16.24
C PHE F 398 6.74 -57.77 -16.80
N LEU F 399 7.22 -56.52 -16.82
CA LEU F 399 8.51 -56.23 -17.40
C LEU F 399 9.65 -56.69 -16.50
N ILE F 400 9.46 -56.59 -15.18
CA ILE F 400 10.47 -57.05 -14.25
C ILE F 400 10.65 -58.56 -14.34
N ASN F 401 9.55 -59.29 -14.56
CA ASN F 401 9.65 -60.74 -14.68
C ASN F 401 10.38 -61.15 -15.94
N LYS F 402 10.19 -60.41 -17.04
CA LYS F 402 10.92 -60.73 -18.26
C LYS F 402 12.38 -60.29 -18.15
N LEU F 403 12.65 -59.16 -17.49
CA LEU F 403 14.04 -58.75 -17.29
C LEU F 403 14.77 -59.62 -16.29
N ALA F 404 14.05 -60.42 -15.51
CA ALA F 404 14.70 -61.36 -14.62
C ALA F 404 15.29 -62.54 -15.38
N MET F 405 14.79 -62.81 -16.59
CA MET F 405 15.25 -63.97 -17.34
C MET F 405 16.39 -63.65 -18.28
N THR F 406 16.45 -62.42 -18.80
CA THR F 406 17.49 -61.97 -19.71
C THR F 406 17.81 -60.51 -19.41
N LYS F 407 18.81 -59.99 -20.11
CA LYS F 407 19.19 -58.59 -19.99
C LYS F 407 18.40 -57.78 -21.02
N THR F 408 18.27 -56.47 -20.74
CA THR F 408 17.61 -55.51 -21.61
C THR F 408 17.86 -55.84 -23.08
N ASN F 409 19.12 -56.07 -23.43
CA ASN F 409 19.43 -56.43 -24.82
C ASN F 409 18.64 -57.67 -25.22
N ASP F 410 18.78 -58.75 -24.45
CA ASP F 410 18.16 -60.03 -24.75
C ASP F 410 16.69 -60.13 -24.34
N ASP F 411 16.13 -59.12 -23.67
CA ASP F 411 14.74 -59.24 -23.23
C ASP F 411 13.76 -59.32 -24.38
N PHE F 412 14.04 -58.67 -25.49
CA PHE F 412 13.12 -58.75 -26.62
C PHE F 412 13.30 -60.04 -27.39
N PHE F 413 14.50 -60.63 -27.33
CA PHE F 413 14.76 -61.89 -28.00
C PHE F 413 14.04 -63.03 -27.30
N GLU F 414 13.82 -62.92 -25.99
CA GLU F 414 13.11 -63.91 -25.22
C GLU F 414 11.63 -63.57 -25.12
N MET F 415 11.27 -62.37 -25.56
CA MET F 415 9.89 -61.95 -25.60
C MET F 415 9.26 -62.26 -26.96
N MET F 416 10.09 -62.67 -27.92
CA MET F 416 9.62 -63.15 -29.21
C MET F 416 9.31 -64.63 -29.17
N LYS F 417 9.69 -65.30 -28.10
CA LYS F 417 9.55 -66.74 -27.91
C LYS F 417 9.69 -67.55 -29.20
#